data_4TS8
# 
_entry.id   4TS8 
# 
_audit_conform.dict_name       mmcif_pdbx.dic 
_audit_conform.dict_version    5.383 
_audit_conform.dict_location   http://mmcif.pdb.org/dictionaries/ascii/mmcif_pdbx.dic 
# 
loop_
_database_2.database_id 
_database_2.database_code 
_database_2.pdbx_database_accession 
_database_2.pdbx_DOI 
PDB   4TS8         pdb_00004ts8 10.2210/pdb4ts8/pdb 
WWPDB D_1000202189 ?            ?                   
# 
_pdbx_database_status.status_code                     REL 
_pdbx_database_status.status_code_sf                  REL 
_pdbx_database_status.status_code_mr                  ? 
_pdbx_database_status.entry_id                        4TS8 
_pdbx_database_status.recvd_initial_deposition_date   2014-06-18 
_pdbx_database_status.SG_entry                        N 
_pdbx_database_status.deposit_site                    RCSB 
_pdbx_database_status.process_site                    PDBE 
_pdbx_database_status.status_code_cs                  ? 
_pdbx_database_status.methods_development_category    ? 
_pdbx_database_status.pdb_format_compatible           Y 
_pdbx_database_status.status_code_nmr_data            ? 
# 
loop_
_audit_author.name 
_audit_author.pdbx_ordinal 
'Dong, J.'           1 
'Gartenmann, L.'     2 
'Spiliotopoulos, D.' 3 
'Caflisch, A.'       4 
# 
_citation.abstract                  ? 
_citation.abstract_id_CAS           ? 
_citation.book_id_ISBN              ? 
_citation.book_publisher            ? 
_citation.book_publisher_city       ? 
_citation.book_title                ? 
_citation.coordinate_linkage        ? 
_citation.country                   ? 
_citation.database_id_Medline       ? 
_citation.details                   ? 
_citation.id                        primary 
_citation.journal_abbrev            'To Be Published' 
_citation.journal_id_ASTM           ? 
_citation.journal_id_CSD            0353 
_citation.journal_id_ISSN           ? 
_citation.journal_full              ? 
_citation.journal_issue             ? 
_citation.journal_volume            ? 
_citation.language                  ? 
_citation.page_first                ? 
_citation.page_last                 ? 
_citation.title                     'Crystal structure of the bromodomain of human CREBBP in complex with XZ08' 
_citation.year                      ? 
_citation.database_id_CSD           ? 
_citation.pdbx_database_id_DOI      ? 
_citation.pdbx_database_id_PubMed   ? 
_citation.unpublished_flag          ? 
# 
loop_
_citation_author.citation_id 
_citation_author.name 
_citation_author.ordinal 
_citation_author.identifier_ORCID 
primary 'Dong, J.'           1 ? 
primary 'Gartenmann, L.'     2 ? 
primary 'Spiliotopoulos, D.' 3 ? 
primary 'Caflisch, A.'       4 ? 
# 
_cell.length_a           24.730 
_cell.length_b           46.160 
_cell.length_c           56.959 
_cell.angle_alpha        90.000 
_cell.angle_beta         93.510 
_cell.angle_gamma        90.000 
_cell.entry_id           4TS8 
_cell.Z_PDB              2 
_cell.pdbx_unique_axis   ? 
# 
_symmetry.entry_id                         4TS8 
_symmetry.cell_setting                     ? 
_symmetry.Int_Tables_number                4 
_symmetry.space_group_name_Hall            ? 
_symmetry.space_group_name_H-M             'P 1 21 1' 
_symmetry.pdbx_full_space_group_name_H-M   ? 
# 
loop_
_entity.id 
_entity.type 
_entity.src_method 
_entity.pdbx_description 
_entity.formula_weight 
_entity.pdbx_number_of_molecules 
_entity.pdbx_ec 
_entity.pdbx_mutation 
_entity.pdbx_fragment 
_entity.details 
1 polymer     man 'CREB-binding protein'                                             14223.349 1  2.3.1.48 ? 
'Kinase domain, residues 1081-1197' ? 
2 non-polymer syn 1,2-ETHANEDIOL                                                     62.068    2  ?        ? ? ? 
3 non-polymer syn '4-(1-acetyl-1H-indol-3-yl)-5-methyl-1,2-dihydro-3H-pyrazol-3-one' 255.272   1  ?        ? ? ? 
4 water       nat water                                                              18.015    98 ?        ? ? ? 
# 
_entity_poly.entity_id                      1 
_entity_poly.type                           'polypeptide(L)' 
_entity_poly.nstd_linkage                   no 
_entity_poly.nstd_monomer                   no 
_entity_poly.pdbx_seq_one_letter_code       
;SMRKKIFKPEELRQALMPTLEALYRQDPESLPFRQPVDPQLLGIPDYFDIVKNPMDLSTIKRKLDTGQYQEPWQYVDDVW
LMFNNAWLYNRKTSRVYKFCSKLAEVFEQEIDPVMQSLG
;
_entity_poly.pdbx_seq_one_letter_code_can   
;SMRKKIFKPEELRQALMPTLEALYRQDPESLPFRQPVDPQLLGIPDYFDIVKNPMDLSTIKRKLDTGQYQEPWQYVDDVW
LMFNNAWLYNRKTSRVYKFCSKLAEVFEQEIDPVMQSLG
;
_entity_poly.pdbx_strand_id                 A 
_entity_poly.pdbx_target_identifier         ? 
# 
loop_
_entity_poly_seq.entity_id 
_entity_poly_seq.num 
_entity_poly_seq.mon_id 
_entity_poly_seq.hetero 
1 1   SER n 
1 2   MET n 
1 3   ARG n 
1 4   LYS n 
1 5   LYS n 
1 6   ILE n 
1 7   PHE n 
1 8   LYS n 
1 9   PRO n 
1 10  GLU n 
1 11  GLU n 
1 12  LEU n 
1 13  ARG n 
1 14  GLN n 
1 15  ALA n 
1 16  LEU n 
1 17  MET n 
1 18  PRO n 
1 19  THR n 
1 20  LEU n 
1 21  GLU n 
1 22  ALA n 
1 23  LEU n 
1 24  TYR n 
1 25  ARG n 
1 26  GLN n 
1 27  ASP n 
1 28  PRO n 
1 29  GLU n 
1 30  SER n 
1 31  LEU n 
1 32  PRO n 
1 33  PHE n 
1 34  ARG n 
1 35  GLN n 
1 36  PRO n 
1 37  VAL n 
1 38  ASP n 
1 39  PRO n 
1 40  GLN n 
1 41  LEU n 
1 42  LEU n 
1 43  GLY n 
1 44  ILE n 
1 45  PRO n 
1 46  ASP n 
1 47  TYR n 
1 48  PHE n 
1 49  ASP n 
1 50  ILE n 
1 51  VAL n 
1 52  LYS n 
1 53  ASN n 
1 54  PRO n 
1 55  MET n 
1 56  ASP n 
1 57  LEU n 
1 58  SER n 
1 59  THR n 
1 60  ILE n 
1 61  LYS n 
1 62  ARG n 
1 63  LYS n 
1 64  LEU n 
1 65  ASP n 
1 66  THR n 
1 67  GLY n 
1 68  GLN n 
1 69  TYR n 
1 70  GLN n 
1 71  GLU n 
1 72  PRO n 
1 73  TRP n 
1 74  GLN n 
1 75  TYR n 
1 76  VAL n 
1 77  ASP n 
1 78  ASP n 
1 79  VAL n 
1 80  TRP n 
1 81  LEU n 
1 82  MET n 
1 83  PHE n 
1 84  ASN n 
1 85  ASN n 
1 86  ALA n 
1 87  TRP n 
1 88  LEU n 
1 89  TYR n 
1 90  ASN n 
1 91  ARG n 
1 92  LYS n 
1 93  THR n 
1 94  SER n 
1 95  ARG n 
1 96  VAL n 
1 97  TYR n 
1 98  LYS n 
1 99  PHE n 
1 100 CYS n 
1 101 SER n 
1 102 LYS n 
1 103 LEU n 
1 104 ALA n 
1 105 GLU n 
1 106 VAL n 
1 107 PHE n 
1 108 GLU n 
1 109 GLN n 
1 110 GLU n 
1 111 ILE n 
1 112 ASP n 
1 113 PRO n 
1 114 VAL n 
1 115 MET n 
1 116 GLN n 
1 117 SER n 
1 118 LEU n 
1 119 GLY n 
# 
_entity_src_gen.entity_id                          1 
_entity_src_gen.pdbx_src_id                        1 
_entity_src_gen.pdbx_alt_source_flag               sample 
_entity_src_gen.pdbx_seq_type                      'Biological sequence' 
_entity_src_gen.pdbx_beg_seq_num                   1 
_entity_src_gen.pdbx_end_seq_num                   119 
_entity_src_gen.gene_src_common_name               Human 
_entity_src_gen.gene_src_genus                     ? 
_entity_src_gen.pdbx_gene_src_gene                 'CREBBP, CBP' 
_entity_src_gen.gene_src_species                   ? 
_entity_src_gen.gene_src_strain                    ? 
_entity_src_gen.gene_src_tissue                    ? 
_entity_src_gen.gene_src_tissue_fraction           ? 
_entity_src_gen.gene_src_details                   ? 
_entity_src_gen.pdbx_gene_src_fragment             ? 
_entity_src_gen.pdbx_gene_src_scientific_name      'Homo sapiens' 
_entity_src_gen.pdbx_gene_src_ncbi_taxonomy_id     9606 
_entity_src_gen.pdbx_gene_src_variant              ? 
_entity_src_gen.pdbx_gene_src_cell_line            ? 
_entity_src_gen.pdbx_gene_src_atcc                 ? 
_entity_src_gen.pdbx_gene_src_organ                ? 
_entity_src_gen.pdbx_gene_src_organelle            ? 
_entity_src_gen.pdbx_gene_src_cell                 ? 
_entity_src_gen.pdbx_gene_src_cellular_location    ? 
_entity_src_gen.host_org_common_name               ? 
_entity_src_gen.pdbx_host_org_scientific_name      'Escherichia coli' 
_entity_src_gen.pdbx_host_org_ncbi_taxonomy_id     469008 
_entity_src_gen.host_org_genus                     ? 
_entity_src_gen.pdbx_host_org_gene                 ? 
_entity_src_gen.pdbx_host_org_organ                ? 
_entity_src_gen.host_org_species                   ? 
_entity_src_gen.pdbx_host_org_tissue               ? 
_entity_src_gen.pdbx_host_org_tissue_fraction      ? 
_entity_src_gen.pdbx_host_org_strain               'BL21(DE3)' 
_entity_src_gen.pdbx_host_org_variant              ? 
_entity_src_gen.pdbx_host_org_cell_line            ? 
_entity_src_gen.pdbx_host_org_atcc                 ? 
_entity_src_gen.pdbx_host_org_culture_collection   ? 
_entity_src_gen.pdbx_host_org_cell                 ? 
_entity_src_gen.pdbx_host_org_organelle            ? 
_entity_src_gen.pdbx_host_org_cellular_location    ? 
_entity_src_gen.pdbx_host_org_vector_type          ? 
_entity_src_gen.pdbx_host_org_vector               ? 
_entity_src_gen.host_org_details                   ? 
_entity_src_gen.expression_system_id               ? 
_entity_src_gen.plasmid_name                       pNIC28-Bsa4 
_entity_src_gen.plasmid_details                    ? 
_entity_src_gen.pdbx_description                   ? 
# 
_struct_ref.id                         1 
_struct_ref.db_name                    UNP 
_struct_ref.db_code                    CBP_HUMAN 
_struct_ref.pdbx_db_accession          Q92793 
_struct_ref.entity_id                  1 
_struct_ref.pdbx_seq_one_letter_code   
;RKKIFKPEELRQALMPTLEALYRQDPESLPFRQPVDPQLLGIPDYFDIVKNPMDLSTIKRKLDTGQYQEPWQYVDDVWLM
FNNAWLYNRKTSRVYKFCSKLAEVFEQEIDPVMQSLG
;
_struct_ref.pdbx_align_begin           1081 
_struct_ref.pdbx_db_isoform            ? 
# 
_struct_ref_seq.align_id                      1 
_struct_ref_seq.ref_id                        1 
_struct_ref_seq.pdbx_PDB_id_code              4TS8 
_struct_ref_seq.pdbx_strand_id                A 
_struct_ref_seq.seq_align_beg                 3 
_struct_ref_seq.pdbx_seq_align_beg_ins_code   ? 
_struct_ref_seq.seq_align_end                 119 
_struct_ref_seq.pdbx_seq_align_end_ins_code   ? 
_struct_ref_seq.pdbx_db_accession             Q92793 
_struct_ref_seq.db_align_beg                  1081 
_struct_ref_seq.pdbx_db_align_beg_ins_code    ? 
_struct_ref_seq.db_align_end                  1197 
_struct_ref_seq.pdbx_db_align_end_ins_code    ? 
_struct_ref_seq.pdbx_auth_seq_align_beg       1081 
_struct_ref_seq.pdbx_auth_seq_align_end       1197 
# 
loop_
_struct_ref_seq_dif.align_id 
_struct_ref_seq_dif.pdbx_pdb_id_code 
_struct_ref_seq_dif.mon_id 
_struct_ref_seq_dif.pdbx_pdb_strand_id 
_struct_ref_seq_dif.seq_num 
_struct_ref_seq_dif.pdbx_pdb_ins_code 
_struct_ref_seq_dif.pdbx_seq_db_name 
_struct_ref_seq_dif.pdbx_seq_db_accession_code 
_struct_ref_seq_dif.db_mon_id 
_struct_ref_seq_dif.pdbx_seq_db_seq_num 
_struct_ref_seq_dif.details 
_struct_ref_seq_dif.pdbx_auth_seq_num 
_struct_ref_seq_dif.pdbx_ordinal 
1 4TS8 SER A 1 ? UNP Q92793 ? ? 'expression tag' 1079 1 
1 4TS8 MET A 2 ? UNP Q92793 ? ? 'expression tag' 1080 2 
# 
loop_
_chem_comp.id 
_chem_comp.type 
_chem_comp.mon_nstd_flag 
_chem_comp.name 
_chem_comp.pdbx_synonyms 
_chem_comp.formula 
_chem_comp.formula_weight 
ALA 'L-peptide linking' y ALANINE                                                            ?                 'C3 H7 N O2'     
89.093  
ARG 'L-peptide linking' y ARGININE                                                           ?                 'C6 H15 N4 O2 1' 
175.209 
ASN 'L-peptide linking' y ASPARAGINE                                                         ?                 'C4 H8 N2 O3'    
132.118 
ASP 'L-peptide linking' y 'ASPARTIC ACID'                                                    ?                 'C4 H7 N O4'     
133.103 
CYS 'L-peptide linking' y CYSTEINE                                                           ?                 'C3 H7 N O2 S'   
121.158 
EDO non-polymer         . 1,2-ETHANEDIOL                                                     'ETHYLENE GLYCOL' 'C2 H6 O2'       
62.068  
GLN 'L-peptide linking' y GLUTAMINE                                                          ?                 'C5 H10 N2 O3'   
146.144 
GLU 'L-peptide linking' y 'GLUTAMIC ACID'                                                    ?                 'C5 H9 N O4'     
147.129 
GLY 'peptide linking'   y GLYCINE                                                            ?                 'C2 H5 N O2'     
75.067  
HOH non-polymer         . WATER                                                              ?                 'H2 O'           
18.015  
ILE 'L-peptide linking' y ISOLEUCINE                                                         ?                 'C6 H13 N O2'    
131.173 
LEU 'L-peptide linking' y LEUCINE                                                            ?                 'C6 H13 N O2'    
131.173 
LYS 'L-peptide linking' y LYSINE                                                             ?                 'C6 H15 N2 O2 1' 
147.195 
MET 'L-peptide linking' y METHIONINE                                                         ?                 'C5 H11 N O2 S'  
149.211 
PHE 'L-peptide linking' y PHENYLALANINE                                                      ?                 'C9 H11 N O2'    
165.189 
PRO 'L-peptide linking' y PROLINE                                                            ?                 'C5 H9 N O2'     
115.130 
SER 'L-peptide linking' y SERINE                                                             ?                 'C3 H7 N O3'     
105.093 
THR 'L-peptide linking' y THREONINE                                                          ?                 'C4 H9 N O3'     
119.119 
TRP 'L-peptide linking' y TRYPTOPHAN                                                         ?                 'C11 H12 N2 O2'  
204.225 
TYR 'L-peptide linking' y TYROSINE                                                           ?                 'C9 H11 N O3'    
181.189 
VAL 'L-peptide linking' y VALINE                                                             ?                 'C5 H11 N O2'    
117.146 
XZ8 non-polymer         . '4-(1-acetyl-1H-indol-3-yl)-5-methyl-1,2-dihydro-3H-pyrazol-3-one' ?                 'C14 H13 N3 O2'  
255.272 
# 
_exptl.absorpt_coefficient_mu     ? 
_exptl.absorpt_correction_T_max   ? 
_exptl.absorpt_correction_T_min   ? 
_exptl.absorpt_correction_type    ? 
_exptl.absorpt_process_details    ? 
_exptl.entry_id                   4TS8 
_exptl.crystals_number            1 
_exptl.details                    ? 
_exptl.method                     'X-RAY DIFFRACTION' 
_exptl.method_details             ? 
# 
_exptl_crystal.colour                      ? 
_exptl_crystal.density_diffrn              ? 
_exptl_crystal.density_Matthews            2.28 
_exptl_crystal.density_method              ? 
_exptl_crystal.density_percent_sol         46.09 
_exptl_crystal.description                 ? 
_exptl_crystal.F_000                       ? 
_exptl_crystal.id                          1 
_exptl_crystal.preparation                 ? 
_exptl_crystal.size_max                    ? 
_exptl_crystal.size_mid                    ? 
_exptl_crystal.size_min                    ? 
_exptl_crystal.size_rad                    ? 
_exptl_crystal.colour_lustre               ? 
_exptl_crystal.colour_modifier             ? 
_exptl_crystal.colour_primary              ? 
_exptl_crystal.density_meas                ? 
_exptl_crystal.density_meas_esd            ? 
_exptl_crystal.density_meas_gt             ? 
_exptl_crystal.density_meas_lt             ? 
_exptl_crystal.density_meas_temp           ? 
_exptl_crystal.density_meas_temp_esd       ? 
_exptl_crystal.density_meas_temp_gt        ? 
_exptl_crystal.density_meas_temp_lt        ? 
_exptl_crystal.pdbx_crystal_image_url      ? 
_exptl_crystal.pdbx_crystal_image_format   ? 
_exptl_crystal.pdbx_mosaicity              ? 
_exptl_crystal.pdbx_mosaicity_esd          ? 
# 
_exptl_crystal_grow.apparatus       ? 
_exptl_crystal_grow.atmosphere      ? 
_exptl_crystal_grow.crystal_id      1 
_exptl_crystal_grow.details         ? 
_exptl_crystal_grow.method          'VAPOR DIFFUSION, HANGING DROP' 
_exptl_crystal_grow.method_ref      ? 
_exptl_crystal_grow.pH              6.5 
_exptl_crystal_grow.pressure        ? 
_exptl_crystal_grow.pressure_esd    ? 
_exptl_crystal_grow.seeding         ? 
_exptl_crystal_grow.seeding_ref     ? 
_exptl_crystal_grow.temp            277.0 
_exptl_crystal_grow.temp_details    ? 
_exptl_crystal_grow.temp_esd        ? 
_exptl_crystal_grow.time            ? 
_exptl_crystal_grow.pdbx_details    '0.1M MES pH 6.5, 0.1M MgCl2, 20% PEG 3350 10% EtGly' 
_exptl_crystal_grow.pdbx_pH_range   ? 
# 
_diffrn.ambient_environment    ? 
_diffrn.ambient_temp           100 
_diffrn.ambient_temp_details   ? 
_diffrn.ambient_temp_esd       ? 
_diffrn.crystal_id             1 
_diffrn.crystal_support        ? 
_diffrn.crystal_treatment      ? 
_diffrn.details                ? 
_diffrn.id                     1 
_diffrn.ambient_pressure       ? 
_diffrn.ambient_pressure_esd   ? 
_diffrn.ambient_pressure_gt    ? 
_diffrn.ambient_pressure_lt    ? 
_diffrn.ambient_temp_gt        ? 
_diffrn.ambient_temp_lt        ? 
# 
_diffrn_detector.details                      ? 
_diffrn_detector.detector                     PIXEL 
_diffrn_detector.diffrn_id                    1 
_diffrn_detector.type                         'PSI PILATUS 6M' 
_diffrn_detector.area_resol_mean              ? 
_diffrn_detector.dtime                        ? 
_diffrn_detector.pdbx_frames_total            ? 
_diffrn_detector.pdbx_collection_time_total   ? 
_diffrn_detector.pdbx_collection_date         2014-05-12 
# 
_diffrn_radiation.collimation                      ? 
_diffrn_radiation.diffrn_id                        1 
_diffrn_radiation.filter_edge                      ? 
_diffrn_radiation.inhomogeneity                    ? 
_diffrn_radiation.monochromator                    ? 
_diffrn_radiation.polarisn_norm                    ? 
_diffrn_radiation.polarisn_ratio                   ? 
_diffrn_radiation.probe                            ? 
_diffrn_radiation.type                             ? 
_diffrn_radiation.xray_symbol                      ? 
_diffrn_radiation.wavelength_id                    1 
_diffrn_radiation.pdbx_monochromatic_or_laue_m_l   M 
_diffrn_radiation.pdbx_wavelength_list             ? 
_diffrn_radiation.pdbx_wavelength                  ? 
_diffrn_radiation.pdbx_diffrn_protocol             'SINGLE WAVELENGTH' 
_diffrn_radiation.pdbx_analyzer                    ? 
_diffrn_radiation.pdbx_scattering_type             x-ray 
# 
_diffrn_radiation_wavelength.id           1 
_diffrn_radiation_wavelength.wavelength   0.99989 
_diffrn_radiation_wavelength.wt           1.0 
# 
_diffrn_source.current                     ? 
_diffrn_source.details                     ? 
_diffrn_source.diffrn_id                   1 
_diffrn_source.power                       ? 
_diffrn_source.size                        ? 
_diffrn_source.source                      SYNCHROTRON 
_diffrn_source.target                      ? 
_diffrn_source.type                        'SLS BEAMLINE X06DA' 
_diffrn_source.voltage                     ? 
_diffrn_source.take-off_angle              ? 
_diffrn_source.pdbx_wavelength_list        0.99989 
_diffrn_source.pdbx_wavelength             ? 
_diffrn_source.pdbx_synchrotron_beamline   X06DA 
_diffrn_source.pdbx_synchrotron_site       SLS 
# 
_reflns.B_iso_Wilson_estimate            ? 
_reflns.entry_id                         4TS8 
_reflns.data_reduction_details           ? 
_reflns.data_reduction_method            ? 
_reflns.d_resolution_high                2.000 
_reflns.d_resolution_low                 56.852 
_reflns.details                          ? 
_reflns.limit_h_max                      ? 
_reflns.limit_h_min                      ? 
_reflns.limit_k_max                      ? 
_reflns.limit_k_min                      ? 
_reflns.limit_l_max                      ? 
_reflns.limit_l_min                      ? 
_reflns.number_all                       8757 
_reflns.number_obs                       8757 
_reflns.observed_criterion               ? 
_reflns.observed_criterion_F_max         ? 
_reflns.observed_criterion_F_min         ? 
_reflns.observed_criterion_I_max         ? 
_reflns.observed_criterion_I_min         ? 
_reflns.observed_criterion_sigma_F       ? 
_reflns.observed_criterion_sigma_I       ? 
_reflns.percent_possible_obs             99.700 
_reflns.R_free_details                   ? 
_reflns.Rmerge_F_all                     ? 
_reflns.Rmerge_F_obs                     ? 
_reflns.Friedel_coverage                 ? 
_reflns.number_gt                        ? 
_reflns.threshold_expression             ? 
_reflns.pdbx_redundancy                  6.200 
_reflns.pdbx_Rmerge_I_obs                ? 
_reflns.pdbx_Rmerge_I_all                ? 
_reflns.pdbx_Rsym_value                  0.115 
_reflns.pdbx_netI_over_av_sigmaI         4.615 
_reflns.pdbx_netI_over_sigmaI            10.200 
_reflns.pdbx_res_netI_over_av_sigmaI_2   ? 
_reflns.pdbx_res_netI_over_sigmaI_2      ? 
_reflns.pdbx_chi_squared                 ? 
_reflns.pdbx_scaling_rejects             ? 
_reflns.pdbx_d_res_high_opt              ? 
_reflns.pdbx_d_res_low_opt               ? 
_reflns.pdbx_d_res_opt_method            ? 
_reflns.phase_calculation_details        ? 
_reflns.pdbx_Rrim_I_all                  0.126 
_reflns.pdbx_Rpim_I_all                  0.050 
_reflns.pdbx_d_opt                       ? 
_reflns.pdbx_number_measured_all         54476 
_reflns.pdbx_diffrn_id                   1 
_reflns.pdbx_ordinal                     1 
_reflns.pdbx_CC_half                     ? 
_reflns.pdbx_R_split                     ? 
# 
loop_
_reflns_shell.d_res_high 
_reflns_shell.d_res_low 
_reflns_shell.meanI_over_sigI_all 
_reflns_shell.meanI_over_sigI_obs 
_reflns_shell.number_measured_all 
_reflns_shell.number_measured_obs 
_reflns_shell.number_possible 
_reflns_shell.number_unique_all 
_reflns_shell.number_unique_obs 
_reflns_shell.percent_possible_all 
_reflns_shell.percent_possible_obs 
_reflns_shell.Rmerge_F_all 
_reflns_shell.Rmerge_F_obs 
_reflns_shell.Rmerge_I_all 
_reflns_shell.Rmerge_I_obs 
_reflns_shell.meanI_over_sigI_gt 
_reflns_shell.meanI_over_uI_all 
_reflns_shell.meanI_over_uI_gt 
_reflns_shell.number_measured_gt 
_reflns_shell.number_unique_gt 
_reflns_shell.percent_possible_gt 
_reflns_shell.Rmerge_F_gt 
_reflns_shell.Rmerge_I_gt 
_reflns_shell.pdbx_redundancy 
_reflns_shell.pdbx_Rsym_value 
_reflns_shell.pdbx_chi_squared 
_reflns_shell.pdbx_netI_over_sigmaI_all 
_reflns_shell.pdbx_netI_over_sigmaI_obs 
_reflns_shell.pdbx_Rrim_I_all 
_reflns_shell.pdbx_Rpim_I_all 
_reflns_shell.pdbx_rejects 
_reflns_shell.pdbx_ordinal 
_reflns_shell.pdbx_diffrn_id 
_reflns_shell.pdbx_CC_half 
_reflns_shell.pdbx_R_split 
2.000 2.110  ? 3.700 7824 ? ? 1272 ? 99.200  ? ? ? ? 0.177 ? ? ? ? ? ? ? ? 6.200 0.177 ? ? 7.300  ? 0.078 0 1  1 ? ? 
2.110 2.240  ? 4.100 6921 ? ? 1196 ? 99.900  ? ? ? ? 0.148 ? ? ? ? ? ? ? ? 5.800 0.148 ? ? 7.500  ? 0.067 0 2  1 ? ? 
2.240 2.390  ? 4.400 6821 ? ? 1115 ? 99.500  ? ? ? ? 0.150 ? ? ? ? ? ? ? ? 6.100 0.150 ? ? 8.900  ? 0.067 0 3  1 ? ? 
2.390 2.580  ? 4.600 7130 ? ? 1059 ? 100.000 ? ? ? ? 0.140 ? ? ? ? ? ? ? ? 6.700 0.140 ? ? 9.500  ? 0.059 0 4  1 ? ? 
2.580 2.830  ? 4.900 6405 ? ? 977  ? 100.000 ? ? ? ? 0.132 ? ? ? ? ? ? ? ? 6.600 0.132 ? ? 10.500 ? 0.056 0 5  1 ? ? 
2.830 3.160  ? 4.600 5623 ? ? 881  ? 99.900  ? ? ? ? 0.137 ? ? ? ? ? ? ? ? 6.400 0.137 ? ? 10.800 ? 0.059 0 6  1 ? ? 
3.160 3.650  ? 5.900 4765 ? ? 781  ? 99.800  ? ? ? ? 0.106 ? ? ? ? ? ? ? ? 6.100 0.106 ? ? 12.800 ? 0.046 0 7  1 ? ? 
3.650 4.470  ? 6.100 3413 ? ? 650  ? 98.700  ? ? ? ? 0.097 ? ? ? ? ? ? ? ? 5.300 0.097 ? ? 13.500 ? 0.046 0 8  1 ? ? 
4.470 6.320  ? 7.100 3563 ? ? 529  ? 100.000 ? ? ? ? 0.087 ? ? ? ? ? ? ? ? 6.700 0.087 ? ? 15.200 ? 0.036 0 9  1 ? ? 
6.320 46.160 ? 6.300 2011 ? ? 297  ? 99.700  ? ? ? ? 0.063 ? ? ? ? ? ? ? ? 6.800 0.063 ? ? 16.100 ? 0.026 0 10 1 ? ? 
# 
_refine.aniso_B[1][1]                            ? 
_refine.aniso_B[1][2]                            ? 
_refine.aniso_B[1][3]                            ? 
_refine.aniso_B[2][2]                            ? 
_refine.aniso_B[2][3]                            ? 
_refine.aniso_B[3][3]                            ? 
_refine.B_iso_max                                59.380 
_refine.B_iso_mean                               19.1886 
_refine.B_iso_min                                4.140 
_refine.correlation_coeff_Fo_to_Fc               ? 
_refine.correlation_coeff_Fo_to_Fc_free          ? 
_refine.details                                  ? 
_refine.diff_density_max                         ? 
_refine.diff_density_max_esd                     ? 
_refine.diff_density_min                         ? 
_refine.diff_density_min_esd                     ? 
_refine.diff_density_rms                         ? 
_refine.diff_density_rms_esd                     ? 
_refine.entry_id                                 4TS8 
_refine.pdbx_refine_id                           'X-RAY DIFFRACTION' 
_refine.ls_abs_structure_details                 ? 
_refine.ls_abs_structure_Flack                   ? 
_refine.ls_abs_structure_Flack_esd               ? 
_refine.ls_abs_structure_Rogers                  ? 
_refine.ls_abs_structure_Rogers_esd              ? 
_refine.ls_d_res_high                            2.0000 
_refine.ls_d_res_low                             35.8350 
_refine.ls_extinction_coef                       ? 
_refine.ls_extinction_coef_esd                   ? 
_refine.ls_extinction_expression                 ? 
_refine.ls_extinction_method                     ? 
_refine.ls_goodness_of_fit_all                   ? 
_refine.ls_goodness_of_fit_all_esd               ? 
_refine.ls_goodness_of_fit_obs                   ? 
_refine.ls_goodness_of_fit_obs_esd               ? 
_refine.ls_hydrogen_treatment                    ? 
_refine.ls_matrix_type                           ? 
_refine.ls_number_constraints                    ? 
_refine.ls_number_parameters                     ? 
_refine.ls_number_reflns_all                     ? 
_refine.ls_number_reflns_obs                     8734 
_refine.ls_number_reflns_R_free                  471 
_refine.ls_number_reflns_R_work                  8263 
_refine.ls_number_restraints                     ? 
_refine.ls_percent_reflns_obs                    99.5600 
_refine.ls_percent_reflns_R_free                 5.3900 
_refine.ls_R_factor_all                          ? 
_refine.ls_R_factor_obs                          0.2111 
_refine.ls_R_factor_R_free                       0.2535 
_refine.ls_R_factor_R_free_error                 ? 
_refine.ls_R_factor_R_free_error_details         ? 
_refine.ls_R_factor_R_work                       0.2087 
_refine.ls_R_Fsqd_factor_obs                     ? 
_refine.ls_R_I_factor_obs                        ? 
_refine.ls_redundancy_reflns_all                 ? 
_refine.ls_redundancy_reflns_obs                 ? 
_refine.ls_restrained_S_all                      ? 
_refine.ls_restrained_S_obs                      ? 
_refine.ls_shift_over_esd_max                    ? 
_refine.ls_shift_over_esd_mean                   ? 
_refine.ls_structure_factor_coef                 ? 
_refine.ls_weighting_details                     ? 
_refine.ls_weighting_scheme                      ? 
_refine.ls_wR_factor_all                         ? 
_refine.ls_wR_factor_obs                         ? 
_refine.ls_wR_factor_R_free                      ? 
_refine.ls_wR_factor_R_work                      ? 
_refine.occupancy_max                            ? 
_refine.occupancy_min                            ? 
_refine.solvent_model_details                    'FLAT BULK SOLVENT MODEL' 
_refine.solvent_model_param_bsol                 ? 
_refine.solvent_model_param_ksol                 ? 
_refine.ls_R_factor_gt                           ? 
_refine.ls_goodness_of_fit_gt                    ? 
_refine.ls_goodness_of_fit_ref                   ? 
_refine.ls_shift_over_su_max                     ? 
_refine.ls_shift_over_su_max_lt                  ? 
_refine.ls_shift_over_su_mean                    ? 
_refine.ls_shift_over_su_mean_lt                 ? 
_refine.pdbx_ls_sigma_I                          ? 
_refine.pdbx_ls_sigma_F                          1.340 
_refine.pdbx_ls_sigma_Fsqd                       ? 
_refine.pdbx_data_cutoff_high_absF               ? 
_refine.pdbx_data_cutoff_high_rms_absF           ? 
_refine.pdbx_data_cutoff_low_absF                ? 
_refine.pdbx_isotropic_thermal_model             ? 
_refine.pdbx_ls_cross_valid_method               'FREE R-VALUE' 
_refine.pdbx_method_to_determine_struct          'MOLECULAR REPLACEMENT' 
_refine.pdbx_starting_model                      4NR5 
_refine.pdbx_stereochemistry_target_values       ML 
_refine.pdbx_R_Free_selection_details            ? 
_refine.pdbx_stereochem_target_val_spec_case     ? 
_refine.pdbx_overall_ESU_R                       ? 
_refine.pdbx_overall_ESU_R_Free                  ? 
_refine.pdbx_solvent_vdw_probe_radii             1.1100 
_refine.pdbx_solvent_ion_probe_radii             ? 
_refine.pdbx_solvent_shrinkage_radii             0.9000 
_refine.pdbx_real_space_R                        ? 
_refine.pdbx_density_correlation                 ? 
_refine.pdbx_pd_number_of_powder_patterns        ? 
_refine.pdbx_pd_number_of_points                 ? 
_refine.pdbx_pd_meas_number_of_points            ? 
_refine.pdbx_pd_proc_ls_prof_R_factor            ? 
_refine.pdbx_pd_proc_ls_prof_wR_factor           ? 
_refine.pdbx_pd_Marquardt_correlation_coeff      ? 
_refine.pdbx_pd_Fsqrd_R_factor                   ? 
_refine.pdbx_pd_ls_matrix_band_width             ? 
_refine.pdbx_overall_phase_error                 28.0000 
_refine.pdbx_overall_SU_R_free_Cruickshank_DPI   ? 
_refine.pdbx_overall_SU_R_free_Blow_DPI          ? 
_refine.pdbx_overall_SU_R_Blow_DPI               ? 
_refine.pdbx_TLS_residual_ADP_flag               ? 
_refine.pdbx_diffrn_id                           1 
_refine.overall_SU_B                             ? 
_refine.overall_SU_ML                            0.1800 
_refine.overall_SU_R_Cruickshank_DPI             ? 
_refine.overall_SU_R_free                        ? 
_refine.overall_FOM_free_R_set                   ? 
_refine.overall_FOM_work_R_set                   ? 
# 
_refine_hist.cycle_id                         final 
_refine_hist.pdbx_refine_id                   'X-RAY DIFFRACTION' 
_refine_hist.d_res_high                       2.0000 
_refine_hist.d_res_low                        35.8350 
_refine_hist.pdbx_number_atoms_ligand         27 
_refine_hist.number_atoms_solvent             98 
_refine_hist.number_atoms_total               1004 
_refine_hist.pdbx_number_residues_total       112 
_refine_hist.pdbx_B_iso_mean_ligand           20.90 
_refine_hist.pdbx_B_iso_mean_solvent          21.93 
_refine_hist.pdbx_number_atoms_protein        879 
_refine_hist.pdbx_number_atoms_nucleic_acid   0 
# 
loop_
_refine_ls_restr.pdbx_refine_id 
_refine_ls_restr.criterion 
_refine_ls_restr.dev_ideal 
_refine_ls_restr.dev_ideal_target 
_refine_ls_restr.number 
_refine_ls_restr.rejects 
_refine_ls_restr.type 
_refine_ls_restr.weight 
_refine_ls_restr.pdbx_restraint_function 
'X-RAY DIFFRACTION' ? 0.007  ? 940  ? f_bond_d           ? ? 
'X-RAY DIFFRACTION' ? 1.029  ? 1282 ? f_angle_d          ? ? 
'X-RAY DIFFRACTION' ? 0.040  ? 131  ? f_chiral_restr     ? ? 
'X-RAY DIFFRACTION' ? 0.006  ? 166  ? f_plane_restr      ? ? 
'X-RAY DIFFRACTION' ? 13.630 ? 337  ? f_dihedral_angle_d ? ? 
# 
loop_
_refine_ls_shell.pdbx_refine_id 
_refine_ls_shell.d_res_high 
_refine_ls_shell.d_res_low 
_refine_ls_shell.number_reflns_all 
_refine_ls_shell.number_reflns_obs 
_refine_ls_shell.number_reflns_R_free 
_refine_ls_shell.number_reflns_R_work 
_refine_ls_shell.percent_reflns_obs 
_refine_ls_shell.percent_reflns_R_free 
_refine_ls_shell.R_factor_all 
_refine_ls_shell.R_factor_obs 
_refine_ls_shell.R_factor_R_free 
_refine_ls_shell.R_factor_R_free_error 
_refine_ls_shell.R_factor_R_work 
_refine_ls_shell.redundancy_reflns_all 
_refine_ls_shell.redundancy_reflns_obs 
_refine_ls_shell.wR_factor_all 
_refine_ls_shell.wR_factor_obs 
_refine_ls_shell.wR_factor_R_free 
_refine_ls_shell.wR_factor_R_work 
_refine_ls_shell.pdbx_total_number_of_bins_used 
_refine_ls_shell.pdbx_phase_error 
'X-RAY DIFFRACTION' 2.0002 2.2895  2880 . 149 2731 99.0000  . . . 0.2882 . 0.2111 . . . . . . 3 . 
'X-RAY DIFFRACTION' 2.2895 2.8844  2910 . 172 2738 100.0000 . . . 0.2605 . 0.2240 . . . . . . 3 . 
'X-RAY DIFFRACTION' 2.8844 35.8411 2944 . 150 2794 100.0000 . . . 0.2334 . 0.1992 . . . . . . 3 . 
# 
_struct.entry_id                     4TS8 
_struct.title                        'Crystal structure of the bromodomain of human CREBBP in complex with XZ08' 
_struct.pdbx_model_details           ? 
_struct.pdbx_formula_weight          ? 
_struct.pdbx_formula_weight_method   ? 
_struct.pdbx_model_type_details      ? 
_struct.pdbx_CASP_flag               ? 
# 
_struct_keywords.entry_id        4TS8 
_struct_keywords.text            'Transcription, INHIBITOR, transferase' 
_struct_keywords.pdbx_keywords   TRANSFERASE 
# 
loop_
_struct_asym.id 
_struct_asym.pdbx_blank_PDB_chainid_flag 
_struct_asym.pdbx_modified 
_struct_asym.entity_id 
_struct_asym.details 
A N N 1 ? 
B N N 2 ? 
C N N 2 ? 
D N N 3 ? 
E N N 4 ? 
# 
loop_
_struct_conf.conf_type_id 
_struct_conf.id 
_struct_conf.pdbx_PDB_helix_id 
_struct_conf.beg_label_comp_id 
_struct_conf.beg_label_asym_id 
_struct_conf.beg_label_seq_id 
_struct_conf.pdbx_beg_PDB_ins_code 
_struct_conf.end_label_comp_id 
_struct_conf.end_label_asym_id 
_struct_conf.end_label_seq_id 
_struct_conf.pdbx_end_PDB_ins_code 
_struct_conf.beg_auth_comp_id 
_struct_conf.beg_auth_asym_id 
_struct_conf.beg_auth_seq_id 
_struct_conf.end_auth_comp_id 
_struct_conf.end_auth_asym_id 
_struct_conf.end_auth_seq_id 
_struct_conf.pdbx_PDB_helix_class 
_struct_conf.details 
_struct_conf.pdbx_PDB_helix_length 
HELX_P HELX_P1 AA1 LYS A 8  ? ARG A 25  ? LYS A 1086 ARG A 1103 1 ? 18 
HELX_P HELX_P2 AA2 SER A 30 ? ARG A 34  ? SER A 1108 ARG A 1112 5 ? 5  
HELX_P HELX_P3 AA3 ASP A 38 ? GLY A 43  ? ASP A 1116 GLY A 1121 1 ? 6  
HELX_P HELX_P4 AA4 ASP A 46 ? VAL A 51  ? ASP A 1124 VAL A 1129 1 ? 6  
HELX_P HELX_P5 AA5 ASP A 56 ? THR A 66  ? ASP A 1134 THR A 1144 1 ? 11 
HELX_P HELX_P6 AA6 GLU A 71 ? ASN A 90  ? GLU A 1149 ASN A 1168 1 ? 20 
HELX_P HELX_P7 AA7 SER A 94 ? GLN A 116 ? SER A 1172 GLN A 1194 1 ? 23 
# 
_struct_conf_type.id          HELX_P 
_struct_conf_type.criteria    ? 
_struct_conf_type.reference   ? 
# 
_struct_mon_prot_cis.pdbx_id                1 
_struct_mon_prot_cis.label_comp_id          ASP 
_struct_mon_prot_cis.label_seq_id           27 
_struct_mon_prot_cis.label_asym_id          A 
_struct_mon_prot_cis.label_alt_id           . 
_struct_mon_prot_cis.pdbx_PDB_ins_code      ? 
_struct_mon_prot_cis.auth_comp_id           ASP 
_struct_mon_prot_cis.auth_seq_id            1105 
_struct_mon_prot_cis.auth_asym_id           A 
_struct_mon_prot_cis.pdbx_label_comp_id_2   PRO 
_struct_mon_prot_cis.pdbx_label_seq_id_2    28 
_struct_mon_prot_cis.pdbx_label_asym_id_2   A 
_struct_mon_prot_cis.pdbx_PDB_ins_code_2    ? 
_struct_mon_prot_cis.pdbx_auth_comp_id_2    PRO 
_struct_mon_prot_cis.pdbx_auth_seq_id_2     1106 
_struct_mon_prot_cis.pdbx_auth_asym_id_2    A 
_struct_mon_prot_cis.pdbx_PDB_model_num     1 
_struct_mon_prot_cis.pdbx_omega_angle       12.76 
# 
loop_
_struct_site.id 
_struct_site.pdbx_evidence_code 
_struct_site.pdbx_auth_asym_id 
_struct_site.pdbx_auth_comp_id 
_struct_site.pdbx_auth_seq_id 
_struct_site.pdbx_auth_ins_code 
_struct_site.pdbx_num_residues 
_struct_site.details 
AC1 Software A EDO 1201 ? 5 'binding site for residue EDO A 1201' 
AC2 Software A EDO 1202 ? 4 'binding site for residue EDO A 1202' 
AC3 Software A XZ8 1203 ? 8 'binding site for residue XZ8 A 1203' 
# 
loop_
_struct_site_gen.id 
_struct_site_gen.site_id 
_struct_site_gen.pdbx_num_res 
_struct_site_gen.label_comp_id 
_struct_site_gen.label_asym_id 
_struct_site_gen.label_seq_id 
_struct_site_gen.pdbx_auth_ins_code 
_struct_site_gen.auth_comp_id 
_struct_site_gen.auth_asym_id 
_struct_site_gen.auth_seq_id 
_struct_site_gen.label_atom_id 
_struct_site_gen.label_alt_id 
_struct_site_gen.symmetry 
_struct_site_gen.details 
1  AC1 5 ASP A 77 ? ASP A 1155 . ? 1_555 ? 
2  AC1 5 LEU A 81 ? LEU A 1159 . ? 1_555 ? 
3  AC1 5 ASN A 84 ? ASN A 1162 . ? 1_555 ? 
4  AC1 5 HOH E .  ? HOH A 1324 . ? 1_555 ? 
5  AC1 5 HOH E .  ? HOH A 1325 . ? 1_455 ? 
6  AC2 4 LEU A 42 ? LEU A 1120 . ? 1_455 ? 
7  AC2 4 TRP A 87 ? TRP A 1165 . ? 1_555 ? 
8  AC2 4 HOH E .  ? HOH A 1301 . ? 1_555 ? 
9  AC2 4 HOH E .  ? HOH A 1306 . ? 1_555 ? 
10 AC3 8 PRO A 32 ? PRO A 1110 . ? 1_555 ? 
11 AC3 8 ILE A 44 ? ILE A 1122 . ? 1_555 ? 
12 AC3 8 ASN A 90 ? ASN A 1168 . ? 1_555 ? 
13 AC3 8 VAL A 96 ? VAL A 1174 . ? 1_555 ? 
14 AC3 8 HOH E .  ? HOH A 1301 . ? 1_655 ? 
15 AC3 8 HOH E .  ? HOH A 1305 . ? 1_555 ? 
16 AC3 8 HOH E .  ? HOH A 1372 . ? 1_555 ? 
17 AC3 8 HOH E .  ? HOH A 1378 . ? 1_555 ? 
# 
_atom_sites.entry_id                    4TS8 
_atom_sites.fract_transf_matrix[1][1]   0.02150980 
_atom_sites.fract_transf_matrix[1][2]   -0.03283238 
_atom_sites.fract_transf_matrix[1][3]   -0.01003343 
_atom_sites.fract_transf_matrix[2][1]   0.01694062 
_atom_sites.fract_transf_matrix[2][2]   0.01259026 
_atom_sites.fract_transf_matrix[2][3]   -0.00488157 
_atom_sites.fract_transf_matrix[3][1]   0.00630501 
_atom_sites.fract_transf_matrix[3][2]   -0.00217266 
_atom_sites.fract_transf_matrix[3][3]   0.01627681 
_atom_sites.fract_transf_vector[1]      -0.238787 
_atom_sites.fract_transf_vector[2]      -0.002830 
_atom_sites.fract_transf_vector[3]      -0.184746 
# 
loop_
_atom_type.symbol 
C 
N 
O 
S 
# 
loop_
_atom_site.group_PDB 
_atom_site.id 
_atom_site.type_symbol 
_atom_site.label_atom_id 
_atom_site.label_alt_id 
_atom_site.label_comp_id 
_atom_site.label_asym_id 
_atom_site.label_entity_id 
_atom_site.label_seq_id 
_atom_site.pdbx_PDB_ins_code 
_atom_site.Cartn_x 
_atom_site.Cartn_y 
_atom_site.Cartn_z 
_atom_site.occupancy 
_atom_site.B_iso_or_equiv 
_atom_site.pdbx_formal_charge 
_atom_site.auth_seq_id 
_atom_site.auth_comp_id 
_atom_site.auth_asym_id 
_atom_site.auth_atom_id 
_atom_site.pdbx_PDB_model_num 
ATOM   1    N N   . PHE A 1 7   ? -21.131 0.219   -7.052  1.00 30.03 ? 1085 PHE A N   1 
ATOM   2    C CA  . PHE A 1 7   ? -20.195 0.217   -8.177  1.00 38.61 ? 1085 PHE A CA  1 
ATOM   3    C C   . PHE A 1 7   ? -20.071 -1.179  -8.781  1.00 41.67 ? 1085 PHE A C   1 
ATOM   4    O O   . PHE A 1 7   ? -20.289 -2.186  -8.100  1.00 43.82 ? 1085 PHE A O   1 
ATOM   5    C CB  . PHE A 1 7   ? -18.806 0.715   -7.746  1.00 30.95 ? 1085 PHE A CB  1 
ATOM   6    C CG  . PHE A 1 7   ? -18.839 1.900   -6.829  1.00 30.20 ? 1085 PHE A CG  1 
ATOM   7    C CD1 . PHE A 1 7   ? -18.913 1.729   -5.457  1.00 34.17 ? 1085 PHE A CD1 1 
ATOM   8    C CD2 . PHE A 1 7   ? -18.788 3.189   -7.335  1.00 38.89 ? 1085 PHE A CD2 1 
ATOM   9    C CE1 . PHE A 1 7   ? -18.948 2.828   -4.604  1.00 41.03 ? 1085 PHE A CE1 1 
ATOM   10   C CE2 . PHE A 1 7   ? -18.818 4.289   -6.489  1.00 37.87 ? 1085 PHE A CE2 1 
ATOM   11   C CZ  . PHE A 1 7   ? -18.896 4.107   -5.122  1.00 33.11 ? 1085 PHE A CZ  1 
ATOM   12   N N   . LYS A 1 8   ? -19.724 -1.234  -10.063 1.00 38.27 ? 1086 LYS A N   1 
ATOM   13   C CA  . LYS A 1 8   ? -19.465 -2.503  -10.728 1.00 44.48 ? 1086 LYS A CA  1 
ATOM   14   C C   . LYS A 1 8   ? -18.045 -2.973  -10.418 1.00 44.90 ? 1086 LYS A C   1 
ATOM   15   O O   . LYS A 1 8   ? -17.088 -2.233  -10.638 1.00 37.63 ? 1086 LYS A O   1 
ATOM   16   N N   . PRO A 1 9   ? -17.916 -4.198  -9.875  1.00 52.20 ? 1087 PRO A N   1 
ATOM   17   C CA  . PRO A 1 9   ? -16.649 -4.891  -9.600  1.00 41.65 ? 1087 PRO A CA  1 
ATOM   18   C C   . PRO A 1 9   ? -15.586 -4.661  -10.675 1.00 44.90 ? 1087 PRO A C   1 
ATOM   19   O O   . PRO A 1 9   ? -14.492 -4.179  -10.372 1.00 49.65 ? 1087 PRO A O   1 
ATOM   20   C CB  . PRO A 1 9   ? -17.064 -6.364  -9.565  1.00 42.77 ? 1087 PRO A CB  1 
ATOM   21   C CG  . PRO A 1 9   ? -18.543 -6.357  -9.231  1.00 47.31 ? 1087 PRO A CG  1 
ATOM   22   C CD  . PRO A 1 9   ? -19.058 -4.936  -9.311  1.00 41.69 ? 1087 PRO A CD  1 
ATOM   23   N N   . GLU A 1 10  ? -15.915 -4.996  -11.917 1.00 43.25 ? 1088 GLU A N   1 
ATOM   24   C CA  . GLU A 1 10  ? -15.001 -4.788  -13.034 1.00 44.71 ? 1088 GLU A CA  1 
ATOM   25   C C   . GLU A 1 10  ? -14.737 -3.303  -13.250 1.00 48.53 ? 1088 GLU A C   1 
ATOM   26   O O   . GLU A 1 10  ? -13.629 -2.909  -13.628 1.00 43.50 ? 1088 GLU A O   1 
ATOM   27   N N   . GLU A 1 11  ? -15.755 -2.483  -13.004 1.00 47.58 ? 1089 GLU A N   1 
ATOM   28   C CA  . GLU A 1 11  ? -15.635 -1.036  -13.161 1.00 42.38 ? 1089 GLU A CA  1 
ATOM   29   C C   . GLU A 1 11  ? -14.893 -0.425  -11.975 1.00 45.00 ? 1089 GLU A C   1 
ATOM   30   O O   . GLU A 1 11  ? -14.135 0.537   -12.134 1.00 39.68 ? 1089 GLU A O   1 
ATOM   31   N N   . LEU A 1 12  ? -15.115 -0.985  -10.787 1.00 39.53 ? 1090 LEU A N   1 
ATOM   32   C CA  . LEU A 1 12  ? -14.381 -0.561  -9.600  1.00 38.94 ? 1090 LEU A CA  1 
ATOM   33   C C   . LEU A 1 12  ? -12.925 -0.995  -9.730  1.00 41.28 ? 1090 LEU A C   1 
ATOM   34   O O   . LEU A 1 12  ? -12.009 -0.202  -9.501  1.00 34.60 ? 1090 LEU A O   1 
ATOM   35   C CB  . LEU A 1 12  ? -15.011 -1.139  -8.331  1.00 40.62 ? 1090 LEU A CB  1 
ATOM   36   C CG  . LEU A 1 12  ? -14.590 -0.534  -6.985  1.00 30.85 ? 1090 LEU A CG  1 
ATOM   37   C CD1 . LEU A 1 12  ? -14.493 0.978   -7.065  1.00 29.02 ? 1090 LEU A CD1 1 
ATOM   38   C CD2 . LEU A 1 12  ? -15.569 -0.940  -5.893  1.00 32.21 ? 1090 LEU A CD2 1 
ATOM   39   N N   . ARG A 1 13  ? -12.726 -2.256  -10.108 1.00 43.35 ? 1091 ARG A N   1 
ATOM   40   C CA  . ARG A 1 13  ? -11.397 -2.786  -10.396 1.00 37.79 ? 1091 ARG A CA  1 
ATOM   41   C C   . ARG A 1 13  ? -10.667 -1.948  -11.451 1.00 34.64 ? 1091 ARG A C   1 
ATOM   42   O O   . ARG A 1 13  ? -9.491  -1.616  -11.285 1.00 37.36 ? 1091 ARG A O   1 
ATOM   43   N N   . GLN A 1 14  ? -11.365 -1.599  -12.526 1.00 33.13 ? 1092 GLN A N   1 
ATOM   44   C CA  . GLN A 1 14  ? -10.754 -0.826  -13.607 1.00 32.19 ? 1092 GLN A CA  1 
ATOM   45   C C   . GLN A 1 14  ? -10.394 0.577   -13.155 1.00 33.78 ? 1092 GLN A C   1 
ATOM   46   O O   . GLN A 1 14  ? -9.361  1.118   -13.543 1.00 41.97 ? 1092 GLN A O   1 
ATOM   47   C CB  . GLN A 1 14  ? -11.683 -0.750  -14.821 1.00 32.86 ? 1092 GLN A CB  1 
ATOM   48   N N   . ALA A 1 15  ? -11.255 1.168   -12.335 1.00 35.26 ? 1093 ALA A N   1 
ATOM   49   C CA  . ALA A 1 15  ? -11.045 2.529   -11.878 1.00 30.36 ? 1093 ALA A CA  1 
ATOM   50   C C   . ALA A 1 15  ? -9.813  2.643   -10.986 1.00 26.39 ? 1093 ALA A C   1 
ATOM   51   O O   . ALA A 1 15  ? -9.004  3.551   -11.140 1.00 27.48 ? 1093 ALA A O   1 
ATOM   52   C CB  . ALA A 1 15  ? -12.284 3.030   -11.139 1.00 32.21 ? 1093 ALA A CB  1 
ATOM   53   N N   . LEU A 1 16  ? -9.677  1.706   -10.058 1.00 30.86 ? 1094 LEU A N   1 
ATOM   54   C CA  . LEU A 1 16  ? -8.645  1.794   -9.033  1.00 27.91 ? 1094 LEU A CA  1 
ATOM   55   C C   . LEU A 1 16  ? -7.292  1.274   -9.518  1.00 30.60 ? 1094 LEU A C   1 
ATOM   56   O O   . LEU A 1 16  ? -6.243  1.779   -9.101  1.00 29.95 ? 1094 LEU A O   1 
ATOM   57   C CB  . LEU A 1 16  ? -9.097  1.025   -7.789  1.00 26.03 ? 1094 LEU A CB  1 
ATOM   58   C CG  . LEU A 1 16  ? -10.389 1.536   -7.144  1.00 23.18 ? 1094 LEU A CG  1 
ATOM   59   C CD1 . LEU A 1 16  ? -10.803 0.642   -5.976  1.00 20.49 ? 1094 LEU A CD1 1 
ATOM   60   C CD2 . LEU A 1 16  ? -10.219 2.970   -6.683  1.00 20.02 ? 1094 LEU A CD2 1 
ATOM   61   N N   . MET A 1 17  ? -7.336  0.273   -10.399 1.00 31.49 ? 1095 MET A N   1 
ATOM   62   C CA  . MET A 1 17  ? -6.156  -0.363  -11.006 1.00 26.34 ? 1095 MET A CA  1 
ATOM   63   C C   . MET A 1 17  ? -4.940  0.519   -11.310 1.00 25.53 ? 1095 MET A C   1 
ATOM   64   O O   . MET A 1 17  ? -3.829  0.211   -10.872 1.00 30.86 ? 1095 MET A O   1 
ATOM   65   N N   . PRO A 1 18  ? -5.137  1.604   -12.077 1.00 24.01 ? 1096 PRO A N   1 
ATOM   66   C CA  . PRO A 1 18  ? -4.043  2.531   -12.392 1.00 22.31 ? 1096 PRO A CA  1 
ATOM   67   C C   . PRO A 1 18  ? -3.325  3.122   -11.168 1.00 26.58 ? 1096 PRO A C   1 
ATOM   68   O O   . PRO A 1 18  ? -2.154  3.482   -11.288 1.00 31.20 ? 1096 PRO A O   1 
ATOM   69   C CB  . PRO A 1 18  ? -4.748  3.641   -13.177 1.00 31.22 ? 1096 PRO A CB  1 
ATOM   70   C CG  . PRO A 1 18  ? -5.918  2.977   -13.802 1.00 18.31 ? 1096 PRO A CG  1 
ATOM   71   C CD  . PRO A 1 18  ? -6.361  1.917   -12.835 1.00 25.44 ? 1096 PRO A CD  1 
ATOM   72   N N   . THR A 1 19  ? -3.998  3.233   -10.024 1.00 21.97 ? 1097 THR A N   1 
ATOM   73   C CA  . THR A 1 19  ? -3.348  3.796   -8.847  1.00 18.89 ? 1097 THR A CA  1 
ATOM   74   C C   . THR A 1 19  ? -2.401  2.777   -8.203  1.00 19.58 ? 1097 THR A C   1 
ATOM   75   O O   . THR A 1 19  ? -1.334  3.140   -7.689  1.00 17.98 ? 1097 THR A O   1 
ATOM   76   C CB  . THR A 1 19  ? -4.377  4.309   -7.795  1.00 18.27 ? 1097 THR A CB  1 
ATOM   77   O OG1 . THR A 1 19  ? -5.142  3.221   -7.259  1.00 16.81 ? 1097 THR A OG1 1 
ATOM   78   C CG2 . THR A 1 19  ? -5.315  5.335   -8.421  1.00 15.21 ? 1097 THR A CG2 1 
ATOM   79   N N   . LEU A 1 20  ? -2.788  1.507   -8.241  1.00 18.80 ? 1098 LEU A N   1 
ATOM   80   C CA  . LEU A 1 20  ? -1.939  0.432   -7.747  1.00 20.40 ? 1098 LEU A CA  1 
ATOM   81   C C   . LEU A 1 20  ? -0.717  0.291   -8.646  1.00 22.26 ? 1098 LEU A C   1 
ATOM   82   O O   . LEU A 1 20  ? 0.416   0.262   -8.165  1.00 28.60 ? 1098 LEU A O   1 
ATOM   83   C CB  . LEU A 1 20  ? -2.720  -0.876  -7.686  1.00 19.51 ? 1098 LEU A CB  1 
ATOM   84   C CG  . LEU A 1 20  ? -2.099  -2.045  -6.930  1.00 27.46 ? 1098 LEU A CG  1 
ATOM   85   C CD1 . LEU A 1 20  ? -1.496  -1.588  -5.613  1.00 19.36 ? 1098 LEU A CD1 1 
ATOM   86   C CD2 . LEU A 1 20  ? -3.163  -3.112  -6.690  1.00 23.44 ? 1098 LEU A CD2 1 
ATOM   87   N N   . GLU A 1 21  ? -0.953  0.228   -9.955  1.00 25.61 ? 1099 GLU A N   1 
ATOM   88   C CA  . GLU A 1 21  ? 0.128   0.127   -10.937 1.00 27.65 ? 1099 GLU A CA  1 
ATOM   89   C C   . GLU A 1 21  ? 1.083   1.309   -10.831 1.00 18.92 ? 1099 GLU A C   1 
ATOM   90   O O   . GLU A 1 21  ? 2.276   1.198   -11.156 1.00 26.96 ? 1099 GLU A O   1 
ATOM   91   C CB  . GLU A 1 21  ? -0.440  0.023   -12.356 1.00 26.61 ? 1099 GLU A CB  1 
ATOM   92   N N   . ALA A 1 22  ? 0.577   2.439   -10.351 1.00 19.15 ? 1100 ALA A N   1 
ATOM   93   C CA  . ALA A 1 22  ? 1.428   3.600   -10.134 1.00 17.86 ? 1100 ALA A CA  1 
ATOM   94   C C   . ALA A 1 22  ? 2.448   3.324   -9.034  1.00 24.03 ? 1100 ALA A C   1 
ATOM   95   O O   . ALA A 1 22  ? 3.616   3.716   -9.143  1.00 18.42 ? 1100 ALA A O   1 
ATOM   96   C CB  . ALA A 1 22  ? 0.598   4.813   -9.791  1.00 27.94 ? 1100 ALA A CB  1 
ATOM   97   N N   . LEU A 1 23  ? 2.009   2.644   -7.978  1.00 19.61 ? 1101 LEU A N   1 
ATOM   98   C CA  . LEU A 1 23  ? 2.913   2.305   -6.886  1.00 16.12 ? 1101 LEU A CA  1 
ATOM   99   C C   . LEU A 1 23  ? 3.959   1.270   -7.328  1.00 16.34 ? 1101 LEU A C   1 
ATOM   100  O O   . LEU A 1 23  ? 5.149   1.414   -7.026  1.00 14.63 ? 1101 LEU A O   1 
ATOM   101  C CB  . LEU A 1 23  ? 2.129   1.810   -5.666  1.00 16.42 ? 1101 LEU A CB  1 
ATOM   102  C CG  . LEU A 1 23  ? 1.076   2.778   -5.094  1.00 21.08 ? 1101 LEU A CG  1 
ATOM   103  C CD1 . LEU A 1 23  ? 0.484   2.257   -3.790  1.00 19.39 ? 1101 LEU A CD1 1 
ATOM   104  C CD2 . LEU A 1 23  ? 1.634   4.193   -4.901  1.00 14.14 ? 1101 LEU A CD2 1 
ATOM   105  N N   . TYR A 1 24  ? 3.523   0.254   -8.066  1.00 19.90 ? 1102 TYR A N   1 
ATOM   106  C CA  . TYR A 1 24  ? 4.425   -0.773  -8.607  1.00 17.54 ? 1102 TYR A CA  1 
ATOM   107  C C   . TYR A 1 24  ? 5.504   -0.197  -9.538  1.00 25.95 ? 1102 TYR A C   1 
ATOM   108  O O   . TYR A 1 24  ? 6.636   -0.703  -9.595  1.00 16.75 ? 1102 TYR A O   1 
ATOM   109  C CB  . TYR A 1 24  ? 3.622   -1.842  -9.355  1.00 15.19 ? 1102 TYR A CB  1 
ATOM   110  C CG  . TYR A 1 24  ? 3.092   -2.968  -8.479  1.00 19.58 ? 1102 TYR A CG  1 
ATOM   111  C CD1 . TYR A 1 24  ? 3.854   -4.111  -8.246  1.00 14.90 ? 1102 TYR A CD1 1 
ATOM   112  C CD2 . TYR A 1 24  ? 1.830   -2.898  -7.902  1.00 18.37 ? 1102 TYR A CD2 1 
ATOM   113  C CE1 . TYR A 1 24  ? 3.386   -5.139  -7.447  1.00 14.22 ? 1102 TYR A CE1 1 
ATOM   114  C CE2 . TYR A 1 24  ? 1.351   -3.930  -7.110  1.00 18.95 ? 1102 TYR A CE2 1 
ATOM   115  C CZ  . TYR A 1 24  ? 2.133   -5.048  -6.885  1.00 11.71 ? 1102 TYR A CZ  1 
ATOM   116  O OH  . TYR A 1 24  ? 1.662   -6.076  -6.098  1.00 16.09 ? 1102 TYR A OH  1 
ATOM   117  N N   . ARG A 1 25  ? 5.157   0.868   -10.256 1.00 20.31 ? 1103 ARG A N   1 
ATOM   118  C CA  . ARG A 1 25  ? 6.083   1.476   -11.213 1.00 17.77 ? 1103 ARG A CA  1 
ATOM   119  C C   . ARG A 1 25  ? 7.247   2.226   -10.561 1.00 26.35 ? 1103 ARG A C   1 
ATOM   120  O O   . ARG A 1 25  ? 8.217   2.557   -11.238 1.00 26.19 ? 1103 ARG A O   1 
ATOM   121  C CB  . ARG A 1 25  ? 5.336   2.438   -12.143 1.00 16.88 ? 1103 ARG A CB  1 
ATOM   122  N N   . GLN A 1 26  ? 7.153   2.515   -9.265  1.00 19.71 ? 1104 GLN A N   1 
ATOM   123  C CA  . GLN A 1 26  ? 8.225   3.249   -8.594  1.00 18.34 ? 1104 GLN A CA  1 
ATOM   124  C C   . GLN A 1 26  ? 9.386   2.330   -8.263  1.00 25.07 ? 1104 GLN A C   1 
ATOM   125  O O   . GLN A 1 26  ? 9.221   1.331   -7.554  1.00 27.06 ? 1104 GLN A O   1 
ATOM   126  C CB  . GLN A 1 26  ? 7.717   3.922   -7.315  1.00 19.59 ? 1104 GLN A CB  1 
ATOM   127  C CG  . GLN A 1 26  ? 6.482   4.791   -7.501  1.00 21.82 ? 1104 GLN A CG  1 
ATOM   128  C CD  . GLN A 1 26  ? 6.712   5.956   -8.453  1.00 22.60 ? 1104 GLN A CD  1 
ATOM   129  O OE1 . GLN A 1 26  ? 7.796   6.538   -8.494  1.00 19.36 ? 1104 GLN A OE1 1 
ATOM   130  N NE2 . GLN A 1 26  ? 5.678   6.313   -9.213  1.00 28.32 ? 1104 GLN A NE2 1 
ATOM   131  N N   . ASP A 1 27  ? 10.562  2.686   -8.770  1.00 24.91 ? 1105 ASP A N   1 
ATOM   132  C CA  . ASP A 1 27  ? 11.769  1.894   -8.601  1.00 19.97 ? 1105 ASP A CA  1 
ATOM   133  C C   . ASP A 1 27  ? 12.904  2.825   -8.170  1.00 21.09 ? 1105 ASP A C   1 
ATOM   134  O O   . ASP A 1 27  ? 13.256  3.749   -8.897  1.00 22.95 ? 1105 ASP A O   1 
ATOM   135  C CB  . ASP A 1 27  ? 12.093  1.159   -9.914  1.00 26.38 ? 1105 ASP A CB  1 
ATOM   136  C CG  . ASP A 1 27  ? 13.343  0.303   -9.829  1.00 29.21 ? 1105 ASP A CG  1 
ATOM   137  O OD1 . ASP A 1 27  ? 13.312  -0.739  -9.149  1.00 24.49 ? 1105 ASP A OD1 1 
ATOM   138  O OD2 . ASP A 1 27  ? 14.357  0.668   -10.464 1.00 38.84 ? 1105 ASP A OD2 1 
ATOM   139  N N   . PRO A 1 28  ? 13.512  2.568   -7.004  1.00 18.69 ? 1106 PRO A N   1 
ATOM   140  C CA  . PRO A 1 28  ? 13.416  1.359   -6.178  1.00 21.32 ? 1106 PRO A CA  1 
ATOM   141  C C   . PRO A 1 28  ? 12.423  1.411   -5.024  1.00 15.89 ? 1106 PRO A C   1 
ATOM   142  O O   . PRO A 1 28  ? 12.433  0.500   -4.196  1.00 12.62 ? 1106 PRO A O   1 
ATOM   143  C CB  . PRO A 1 28  ? 14.830  1.240   -5.619  1.00 17.99 ? 1106 PRO A CB  1 
ATOM   144  C CG  . PRO A 1 28  ? 15.225  2.680   -5.411  1.00 15.32 ? 1106 PRO A CG  1 
ATOM   145  C CD  . PRO A 1 28  ? 14.561  3.474   -6.506  1.00 16.32 ? 1106 PRO A CD  1 
ATOM   146  N N   . GLU A 1 29  ? 11.580  2.434   -4.966  1.00 19.71 ? 1107 GLU A N   1 
ATOM   147  C CA  . GLU A 1 29  ? 10.778  2.673   -3.768  1.00 14.24 ? 1107 GLU A CA  1 
ATOM   148  C C   . GLU A 1 29  ? 9.742   1.589   -3.453  1.00 13.13 ? 1107 GLU A C   1 
ATOM   149  O O   . GLU A 1 29  ? 9.404   1.397   -2.294  1.00 12.17 ? 1107 GLU A O   1 
ATOM   150  C CB  . GLU A 1 29  ? 10.085  4.027   -3.871  1.00 12.36 ? 1107 GLU A CB  1 
ATOM   151  C CG  . GLU A 1 29  ? 11.051  5.214   -3.800  1.00 14.94 ? 1107 GLU A CG  1 
ATOM   152  C CD  . GLU A 1 29  ? 11.621  5.600   -5.156  1.00 19.46 ? 1107 GLU A CD  1 
ATOM   153  O OE1 . GLU A 1 29  ? 11.396  4.859   -6.131  1.00 19.89 ? 1107 GLU A OE1 1 
ATOM   154  O OE2 . GLU A 1 29  ? 12.298  6.651   -5.243  1.00 22.35 ? 1107 GLU A OE2 1 
ATOM   155  N N   . SER A 1 30  ? 9.252   0.873   -4.462  1.00 16.11 ? 1108 SER A N   1 
ATOM   156  C CA  . SER A 1 30  ? 8.218   -0.151  -4.224  1.00 18.44 ? 1108 SER A CA  1 
ATOM   157  C C   . SER A 1 30  ? 8.756   -1.504  -3.746  1.00 17.42 ? 1108 SER A C   1 
ATOM   158  O O   . SER A 1 30  ? 7.991   -2.323  -3.213  1.00 16.32 ? 1108 SER A O   1 
ATOM   159  C CB  . SER A 1 30  ? 7.394   -0.381  -5.484  1.00 19.23 ? 1108 SER A CB  1 
ATOM   160  O OG  . SER A 1 30  ? 8.142   -1.123  -6.430  1.00 15.50 ? 1108 SER A OG  1 
ATOM   161  N N   . LEU A 1 31  ? 10.056  -1.739  -3.922  1.00 14.30 ? 1109 LEU A N   1 
ATOM   162  C CA  . LEU A 1 31  ? 10.649  -3.044  -3.602  1.00 10.34 ? 1109 LEU A CA  1 
ATOM   163  C C   . LEU A 1 31  ? 10.449  -3.517  -2.147  1.00 11.55 ? 1109 LEU A C   1 
ATOM   164  O O   . LEU A 1 31  ? 10.091  -4.677  -1.935  1.00 14.12 ? 1109 LEU A O   1 
ATOM   165  C CB  . LEU A 1 31  ? 12.145  -3.037  -3.953  1.00 17.38 ? 1109 LEU A CB  1 
ATOM   166  C CG  . LEU A 1 31  ? 12.399  -2.727  -5.432  1.00 15.97 ? 1109 LEU A CG  1 
ATOM   167  C CD1 . LEU A 1 31  ? 13.883  -2.739  -5.782  1.00 23.40 ? 1109 LEU A CD1 1 
ATOM   168  C CD2 . LEU A 1 31  ? 11.630  -3.699  -6.313  1.00 21.84 ? 1109 LEU A CD2 1 
ATOM   169  N N   . PRO A 1 32  ? 10.670  -2.644  -1.138  1.00 12.72 ? 1110 PRO A N   1 
ATOM   170  C CA  . PRO A 1 32  ? 10.413  -3.118  0.231   1.00 13.40 ? 1110 PRO A CA  1 
ATOM   171  C C   . PRO A 1 32  ? 8.935   -3.361  0.549   1.00 9.52  ? 1110 PRO A C   1 
ATOM   172  O O   . PRO A 1 32  ? 8.612   -3.869  1.625   1.00 12.06 ? 1110 PRO A O   1 
ATOM   173  C CB  . PRO A 1 32  ? 10.950  -1.977  1.106   1.00 15.32 ? 1110 PRO A CB  1 
ATOM   174  C CG  . PRO A 1 32  ? 11.783  -1.119  0.184   1.00 15.04 ? 1110 PRO A CG  1 
ATOM   175  C CD  . PRO A 1 32  ? 11.117  -1.240  -1.137  1.00 14.59 ? 1110 PRO A CD  1 
ATOM   176  N N   . PHE A 1 33  ? 8.050   -3.005  -0.373  1.00 9.60  ? 1111 PHE A N   1 
ATOM   177  C CA  . PHE A 1 33  ? 6.615   -3.076  -0.128  1.00 18.32 ? 1111 PHE A CA  1 
ATOM   178  C C   . PHE A 1 33  ? 5.896   -4.144  -0.968  1.00 15.96 ? 1111 PHE A C   1 
ATOM   179  O O   . PHE A 1 33  ? 4.665   -4.269  -0.906  1.00 13.69 ? 1111 PHE A O   1 
ATOM   180  C CB  . PHE A 1 33  ? 5.977   -1.694  -0.374  1.00 8.76  ? 1111 PHE A CB  1 
ATOM   181  C CG  . PHE A 1 33  ? 6.435   -0.643  0.599   1.00 8.68  ? 1111 PHE A CG  1 
ATOM   182  C CD1 . PHE A 1 33  ? 5.750   -0.435  1.783   1.00 12.45 ? 1111 PHE A CD1 1 
ATOM   183  C CD2 . PHE A 1 33  ? 7.567   0.125   0.338   1.00 11.76 ? 1111 PHE A CD2 1 
ATOM   184  C CE1 . PHE A 1 33  ? 6.172   0.531   2.694   1.00 15.08 ? 1111 PHE A CE1 1 
ATOM   185  C CE2 . PHE A 1 33  ? 8.000   1.093   1.240   1.00 14.20 ? 1111 PHE A CE2 1 
ATOM   186  C CZ  . PHE A 1 33  ? 7.296   1.302   2.422   1.00 7.63  ? 1111 PHE A CZ  1 
ATOM   187  N N   . ARG A 1 34  ? 6.649   -4.932  -1.730  1.00 10.49 ? 1112 ARG A N   1 
ATOM   188  C CA  . ARG A 1 34  ? 6.009   -5.887  -2.638  1.00 14.09 ? 1112 ARG A CA  1 
ATOM   189  C C   . ARG A 1 34  ? 5.571   -7.196  -1.976  1.00 11.05 ? 1112 ARG A C   1 
ATOM   190  O O   . ARG A 1 34  ? 4.612   -7.820  -2.418  1.00 12.82 ? 1112 ARG A O   1 
ATOM   191  C CB  . ARG A 1 34  ? 6.937   -6.173  -3.816  1.00 17.65 ? 1112 ARG A CB  1 
ATOM   192  C CG  . ARG A 1 34  ? 7.056   -4.975  -4.745  1.00 18.31 ? 1112 ARG A CG  1 
ATOM   193  C CD  . ARG A 1 34  ? 8.038   -5.229  -5.853  1.00 25.18 ? 1112 ARG A CD  1 
ATOM   194  N NE  . ARG A 1 34  ? 7.965   -4.188  -6.869  1.00 24.01 ? 1112 ARG A NE  1 
ATOM   195  C CZ  . ARG A 1 34  ? 7.498   -4.376  -8.100  1.00 35.42 ? 1112 ARG A CZ  1 
ATOM   196  N NH1 . ARG A 1 34  ? 7.066   -5.580  -8.473  1.00 23.90 ? 1112 ARG A NH1 1 
ATOM   197  N NH2 . ARG A 1 34  ? 7.484   -3.361  -8.960  1.00 27.10 ? 1112 ARG A NH2 1 
ATOM   198  N N   . GLN A 1 35  ? 6.260   -7.601  -0.918  1.00 9.93  ? 1113 GLN A N   1 
ATOM   199  C CA  . GLN A 1 35  ? 5.907   -8.807  -0.166  1.00 8.44  ? 1113 GLN A CA  1 
ATOM   200  C C   . GLN A 1 35  ? 5.575   -8.465  1.286   1.00 10.33 ? 1113 GLN A C   1 
ATOM   201  O O   . GLN A 1 35  ? 6.016   -7.429  1.793   1.00 9.02  ? 1113 GLN A O   1 
ATOM   202  C CB  . GLN A 1 35  ? 7.059   -9.809  -0.187  1.00 10.09 ? 1113 GLN A CB  1 
ATOM   203  C CG  . GLN A 1 35  ? 7.413   -10.371 -1.544  1.00 11.80 ? 1113 GLN A CG  1 
ATOM   204  C CD  . GLN A 1 35  ? 8.515   -11.402 -1.423  1.00 12.32 ? 1113 GLN A CD  1 
ATOM   205  O OE1 . GLN A 1 35  ? 8.517   -12.213 -0.500  1.00 13.19 ? 1113 GLN A OE1 1 
ATOM   206  N NE2 . GLN A 1 35  ? 9.466   -11.365 -2.339  1.00 10.94 ? 1113 GLN A NE2 1 
ATOM   207  N N   . PRO A 1 36  ? 4.819   -9.342  1.973   1.00 13.28 ? 1114 PRO A N   1 
ATOM   208  C CA  . PRO A 1 36  ? 4.600   -9.127  3.405   1.00 8.49  ? 1114 PRO A CA  1 
ATOM   209  C C   . PRO A 1 36  ? 5.919   -9.123  4.163   1.00 11.39 ? 1114 PRO A C   1 
ATOM   210  O O   . PRO A 1 36  ? 6.797   -9.929  3.859   1.00 12.11 ? 1114 PRO A O   1 
ATOM   211  C CB  . PRO A 1 36  ? 3.736   -10.327 3.821   1.00 9.43  ? 1114 PRO A CB  1 
ATOM   212  C CG  . PRO A 1 36  ? 3.097   -10.794 2.568   1.00 12.71 ? 1114 PRO A CG  1 
ATOM   213  C CD  . PRO A 1 36  ? 4.119   -10.545 1.487   1.00 9.80  ? 1114 PRO A CD  1 
ATOM   214  N N   . VAL A 1 37  ? 6.058   -8.207  5.119   1.00 9.64  ? 1115 VAL A N   1 
ATOM   215  C CA  . VAL A 1 37  ? 7.217   -8.165  5.996   1.00 6.60  ? 1115 VAL A CA  1 
ATOM   216  C C   . VAL A 1 37  ? 7.421   -9.531  6.660   1.00 10.31 ? 1115 VAL A C   1 
ATOM   217  O O   . VAL A 1 37  ? 6.476   -10.099 7.192   1.00 10.97 ? 1115 VAL A O   1 
ATOM   218  C CB  . VAL A 1 37  ? 7.046   -7.067  7.074   1.00 9.32  ? 1115 VAL A CB  1 
ATOM   219  C CG1 . VAL A 1 37  ? 8.165   -7.127  8.091   1.00 7.06  ? 1115 VAL A CG1 1 
ATOM   220  C CG2 . VAL A 1 37  ? 6.991   -5.682  6.414   1.00 6.91  ? 1115 VAL A CG2 1 
ATOM   221  N N   . ASP A 1 38  ? 8.641   -10.066 6.596   1.00 9.12  ? 1116 ASP A N   1 
ATOM   222  C CA  . ASP A 1 38  ? 8.995   -11.302 7.297   1.00 7.70  ? 1116 ASP A CA  1 
ATOM   223  C C   . ASP A 1 38  ? 10.002  -10.953 8.380   1.00 9.66  ? 1116 ASP A C   1 
ATOM   224  O O   . ASP A 1 38  ? 11.186  -10.749 8.097   1.00 9.14  ? 1116 ASP A O   1 
ATOM   225  C CB  . ASP A 1 38  ? 9.550   -12.351 6.318   1.00 9.10  ? 1116 ASP A CB  1 
ATOM   226  C CG  . ASP A 1 38  ? 9.946   -13.675 6.998   1.00 18.57 ? 1116 ASP A CG  1 
ATOM   227  O OD1 . ASP A 1 38  ? 10.079  -13.728 8.236   1.00 17.35 ? 1116 ASP A OD1 1 
ATOM   228  O OD2 . ASP A 1 38  ? 10.125  -14.682 6.276   1.00 20.44 ? 1116 ASP A OD2 1 
ATOM   229  N N   . PRO A 1 39  ? 9.527   -10.868 9.634   1.00 10.57 ? 1117 PRO A N   1 
ATOM   230  C CA  . PRO A 1 39  ? 10.346  -10.405 10.755  1.00 13.31 ? 1117 PRO A CA  1 
ATOM   231  C C   . PRO A 1 39  ? 11.528  -11.323 11.056  1.00 15.45 ? 1117 PRO A C   1 
ATOM   232  O O   . PRO A 1 39  ? 12.530  -10.845 11.596  1.00 13.05 ? 1117 PRO A O   1 
ATOM   233  C CB  . PRO A 1 39  ? 9.352   -10.369 11.921  1.00 12.79 ? 1117 PRO A CB  1 
ATOM   234  C CG  . PRO A 1 39  ? 8.019   -10.147 11.258  1.00 10.33 ? 1117 PRO A CG  1 
ATOM   235  C CD  . PRO A 1 39  ? 8.112   -11.013 10.021  1.00 9.38  ? 1117 PRO A CD  1 
ATOM   236  N N   . GLN A 1 40  ? 11.428  -12.600 10.696  1.00 15.91 ? 1118 GLN A N   1 
ATOM   237  C CA  . GLN A 1 40  ? 12.561  -13.509 10.865  1.00 14.55 ? 1118 GLN A CA  1 
ATOM   238  C C   . GLN A 1 40  ? 13.667  -13.179 9.868   1.00 13.75 ? 1118 GLN A C   1 
ATOM   239  O O   . GLN A 1 40  ? 14.807  -12.973 10.250  1.00 19.46 ? 1118 GLN A O   1 
ATOM   240  C CB  . GLN A 1 40  ? 12.143  -14.966 10.697  1.00 15.07 ? 1118 GLN A CB  1 
ATOM   241  C CG  . GLN A 1 40  ? 13.168  -15.925 11.264  1.00 19.23 ? 1118 GLN A CG  1 
ATOM   242  C CD  . GLN A 1 40  ? 13.001  -17.346 10.770  1.00 26.82 ? 1118 GLN A CD  1 
ATOM   243  O OE1 . GLN A 1 40  ? 11.936  -17.738 10.290  1.00 30.30 ? 1118 GLN A OE1 1 
ATOM   244  N NE2 . GLN A 1 40  ? 14.066  -18.126 10.875  1.00 15.92 ? 1118 GLN A NE2 1 
ATOM   245  N N   . LEU A 1 41  ? 13.308  -13.133 8.590   1.00 10.89 ? 1119 LEU A N   1 
ATOM   246  C CA  . LEU A 1 41  ? 14.238  -12.845 7.507   1.00 14.00 ? 1119 LEU A CA  1 
ATOM   247  C C   . LEU A 1 41  ? 14.929  -11.491 7.688   1.00 14.66 ? 1119 LEU A C   1 
ATOM   248  O O   . LEU A 1 41  ? 16.130  -11.335 7.434   1.00 12.45 ? 1119 LEU A O   1 
ATOM   249  C CB  . LEU A 1 41  ? 13.485  -12.883 6.166   1.00 12.74 ? 1119 LEU A CB  1 
ATOM   250  C CG  . LEU A 1 41  ? 14.224  -12.604 4.856   1.00 14.48 ? 1119 LEU A CG  1 
ATOM   251  C CD1 . LEU A 1 41  ? 15.359  -13.591 4.661   1.00 14.29 ? 1119 LEU A CD1 1 
ATOM   252  C CD2 . LEU A 1 41  ? 13.260  -12.656 3.683   1.00 12.73 ? 1119 LEU A CD2 1 
ATOM   253  N N   . LEU A 1 42  ? 14.153  -10.517 8.139   1.00 11.95 ? 1120 LEU A N   1 
ATOM   254  C CA  . LEU A 1 42  ? 14.608  -9.144  8.231   1.00 14.99 ? 1120 LEU A CA  1 
ATOM   255  C C   . LEU A 1 42  ? 15.278  -8.846  9.566   1.00 14.56 ? 1120 LEU A C   1 
ATOM   256  O O   . LEU A 1 42  ? 15.876  -7.783  9.741   1.00 14.60 ? 1120 LEU A O   1 
ATOM   257  C CB  . LEU A 1 42  ? 13.436  -8.194  7.987   1.00 14.01 ? 1120 LEU A CB  1 
ATOM   258  C CG  . LEU A 1 42  ? 12.998  -8.157  6.522   1.00 11.60 ? 1120 LEU A CG  1 
ATOM   259  C CD1 . LEU A 1 42  ? 11.723  -7.326  6.329   1.00 10.99 ? 1120 LEU A CD1 1 
ATOM   260  C CD2 . LEU A 1 42  ? 14.128  -7.616  5.669   1.00 12.65 ? 1120 LEU A CD2 1 
ATOM   261  N N   . GLY A 1 43  ? 15.205  -9.795  10.491  1.00 10.93 ? 1121 GLY A N   1 
ATOM   262  C CA  . GLY A 1 43  ? 15.847  -9.650  11.783  1.00 15.47 ? 1121 GLY A CA  1 
ATOM   263  C C   . GLY A 1 43  ? 15.217  -8.594  12.685  1.00 17.04 ? 1121 GLY A C   1 
ATOM   264  O O   . GLY A 1 43  ? 15.918  -7.888  13.397  1.00 18.24 ? 1121 GLY A O   1 
ATOM   265  N N   . ILE A 1 44  ? 13.894  -8.491  12.668  1.00 16.35 ? 1122 ILE A N   1 
ATOM   266  C CA  . ILE A 1 44  ? 13.197  -7.489  13.479  1.00 14.91 ? 1122 ILE A CA  1 
ATOM   267  C C   . ILE A 1 44  ? 12.099  -8.172  14.300  1.00 19.28 ? 1122 ILE A C   1 
ATOM   268  O O   . ILE A 1 44  ? 10.895  -8.049  14.022  1.00 19.46 ? 1122 ILE A O   1 
ATOM   269  C CB  . ILE A 1 44  ? 12.631  -6.357  12.595  1.00 13.35 ? 1122 ILE A CB  1 
ATOM   270  C CG1 . ILE A 1 44  ? 11.990  -6.916  11.326  1.00 14.26 ? 1122 ILE A CG1 1 
ATOM   271  C CG2 . ILE A 1 44  ? 13.751  -5.415  12.174  1.00 12.76 ? 1122 ILE A CG2 1 
ATOM   272  C CD1 . ILE A 1 44  ? 11.201  -5.865  10.543  1.00 11.77 ? 1122 ILE A CD1 1 
ATOM   273  N N   . PRO A 1 45  ? 12.519  -8.909  15.333  1.00 18.53 ? 1123 PRO A N   1 
ATOM   274  C CA  . PRO A 1 45  ? 11.612  -9.814  16.038  1.00 22.65 ? 1123 PRO A CA  1 
ATOM   275  C C   . PRO A 1 45  ? 10.445  -9.115  16.739  1.00 25.50 ? 1123 PRO A C   1 
ATOM   276  O O   . PRO A 1 45  ? 9.468   -9.799  17.049  1.00 18.65 ? 1123 PRO A O   1 
ATOM   277  C CB  . PRO A 1 45  ? 12.530  -10.506 17.055  1.00 28.39 ? 1123 PRO A CB  1 
ATOM   278  C CG  . PRO A 1 45  ? 13.680  -9.573  17.238  1.00 20.72 ? 1123 PRO A CG  1 
ATOM   279  C CD  . PRO A 1 45  ? 13.872  -8.898  15.918  1.00 19.91 ? 1123 PRO A CD  1 
ATOM   280  N N   . ASP A 1 46  ? 10.524  -7.804  16.966  1.00 16.06 ? 1124 ASP A N   1 
ATOM   281  C CA  . ASP A 1 46  ? 9.450   -7.105  17.676  1.00 18.49 ? 1124 ASP A CA  1 
ATOM   282  C C   . ASP A 1 46  ? 8.360   -6.590  16.734  1.00 19.62 ? 1124 ASP A C   1 
ATOM   283  O O   . ASP A 1 46  ? 7.393   -5.960  17.178  1.00 15.09 ? 1124 ASP A O   1 
ATOM   284  C CB  . ASP A 1 46  ? 10.013  -5.933  18.495  1.00 17.23 ? 1124 ASP A CB  1 
ATOM   285  C CG  . ASP A 1 46  ? 10.661  -4.864  17.623  1.00 19.15 ? 1124 ASP A CG  1 
ATOM   286  O OD1 . ASP A 1 46  ? 11.018  -5.168  16.467  1.00 18.34 ? 1124 ASP A OD1 1 
ATOM   287  O OD2 . ASP A 1 46  ? 10.827  -3.723  18.102  1.00 18.34 ? 1124 ASP A OD2 1 
ATOM   288  N N   . TYR A 1 47  ? 8.522   -6.857  15.441  1.00 12.35 ? 1125 TYR A N   1 
ATOM   289  C CA  . TYR A 1 47  ? 7.676   -6.241  14.418  1.00 10.48 ? 1125 TYR A CA  1 
ATOM   290  C C   . TYR A 1 47  ? 6.180   -6.501  14.613  1.00 10.23 ? 1125 TYR A C   1 
ATOM   291  O O   . TYR A 1 47  ? 5.368   -5.594  14.463  1.00 10.63 ? 1125 TYR A O   1 
ATOM   292  C CB  . TYR A 1 47  ? 8.084   -6.726  13.020  1.00 8.19  ? 1125 TYR A CB  1 
ATOM   293  C CG  . TYR A 1 47  ? 7.260   -6.076  11.925  1.00 7.38  ? 1125 TYR A CG  1 
ATOM   294  C CD1 . TYR A 1 47  ? 7.585   -4.803  11.454  1.00 9.67  ? 1125 TYR A CD1 1 
ATOM   295  C CD2 . TYR A 1 47  ? 6.159   -6.728  11.367  1.00 12.24 ? 1125 TYR A CD2 1 
ATOM   296  C CE1 . TYR A 1 47  ? 6.839   -4.196  10.464  1.00 13.78 ? 1125 TYR A CE1 1 
ATOM   297  C CE2 . TYR A 1 47  ? 5.403   -6.126  10.372  1.00 8.53  ? 1125 TYR A CE2 1 
ATOM   298  C CZ  . TYR A 1 47  ? 5.753   -4.862  9.925   1.00 7.81  ? 1125 TYR A CZ  1 
ATOM   299  O OH  . TYR A 1 47  ? 5.016   -4.252  8.938   1.00 9.30  ? 1125 TYR A OH  1 
ATOM   300  N N   . PHE A 1 48  ? 5.816   -7.749  14.903  1.00 11.93 ? 1126 PHE A N   1 
ATOM   301  C CA  . PHE A 1 48  ? 4.410   -8.116  15.010  1.00 10.13 ? 1126 PHE A CA  1 
ATOM   302  C C   . PHE A 1 48  ? 3.829   -7.639  16.334  1.00 11.01 ? 1126 PHE A C   1 
ATOM   303  O O   . PHE A 1 48  ? 2.610   -7.588  16.499  1.00 12.72 ? 1126 PHE A O   1 
ATOM   304  C CB  . PHE A 1 48  ? 4.225   -9.638  14.865  1.00 12.79 ? 1126 PHE A CB  1 
ATOM   305  C CG  . PHE A 1 48  ? 4.305   -10.143 13.435  1.00 8.52  ? 1126 PHE A CG  1 
ATOM   306  C CD1 . PHE A 1 48  ? 3.902   -9.346  12.373  1.00 10.40 ? 1126 PHE A CD1 1 
ATOM   307  C CD2 . PHE A 1 48  ? 4.776   -11.422 13.164  1.00 12.64 ? 1126 PHE A CD2 1 
ATOM   308  C CE1 . PHE A 1 48  ? 3.976   -9.814  11.065  1.00 10.20 ? 1126 PHE A CE1 1 
ATOM   309  C CE2 . PHE A 1 48  ? 4.852   -11.897 11.864  1.00 6.74  ? 1126 PHE A CE2 1 
ATOM   310  C CZ  . PHE A 1 48  ? 4.454   -11.094 10.813  1.00 13.57 ? 1126 PHE A CZ  1 
ATOM   311  N N   . ASP A 1 49  ? 4.686   -7.291  17.286  1.00 11.36 ? 1127 ASP A N   1 
ATOM   312  C CA  . ASP A 1 49  ? 4.184   -6.672  18.515  1.00 14.72 ? 1127 ASP A CA  1 
ATOM   313  C C   . ASP A 1 49  ? 3.784   -5.218  18.259  1.00 12.68 ? 1127 ASP A C   1 
ATOM   314  O O   . ASP A 1 49  ? 2.775   -4.741  18.786  1.00 16.74 ? 1127 ASP A O   1 
ATOM   315  C CB  . ASP A 1 49  ? 5.216   -6.739  19.640  1.00 14.11 ? 1127 ASP A CB  1 
ATOM   316  C CG  . ASP A 1 49  ? 4.628   -6.329  20.991  1.00 30.32 ? 1127 ASP A CG  1 
ATOM   317  O OD1 . ASP A 1 49  ? 3.401   -6.497  21.198  1.00 27.29 ? 1127 ASP A OD1 1 
ATOM   318  O OD2 . ASP A 1 49  ? 5.393   -5.851  21.854  1.00 39.30 ? 1127 ASP A OD2 1 
ATOM   319  N N   . ILE A 1 50  ? 4.572   -4.531  17.439  1.00 10.41 ? 1128 ILE A N   1 
ATOM   320  C CA  . ILE A 1 50  ? 4.334   -3.133  17.106  1.00 11.87 ? 1128 ILE A CA  1 
ATOM   321  C C   . ILE A 1 50  ? 3.298   -2.966  16.006  1.00 9.58  ? 1128 ILE A C   1 
ATOM   322  O O   . ILE A 1 50  ? 2.416   -2.106  16.103  1.00 9.75  ? 1128 ILE A O   1 
ATOM   323  C CB  . ILE A 1 50  ? 5.635   -2.420  16.645  1.00 16.63 ? 1128 ILE A CB  1 
ATOM   324  C CG1 . ILE A 1 50  ? 6.723   -2.518  17.711  1.00 19.44 ? 1128 ILE A CG1 1 
ATOM   325  C CG2 . ILE A 1 50  ? 5.346   -0.976  16.273  1.00 11.48 ? 1128 ILE A CG2 1 
ATOM   326  C CD1 . ILE A 1 50  ? 6.332   -1.924  19.032  1.00 17.04 ? 1128 ILE A CD1 1 
ATOM   327  N N   . VAL A 1 51  ? 3.429   -3.763  14.948  1.00 9.14  ? 1129 VAL A N   1 
ATOM   328  C CA  . VAL A 1 51  ? 2.499   -3.715  13.820  1.00 7.94  ? 1129 VAL A CA  1 
ATOM   329  C C   . VAL A 1 51  ? 1.451   -4.840  13.920  1.00 12.95 ? 1129 VAL A C   1 
ATOM   330  O O   . VAL A 1 51  ? 1.719   -6.020  13.637  1.00 11.46 ? 1129 VAL A O   1 
ATOM   331  C CB  . VAL A 1 51  ? 3.258   -3.788  12.494  1.00 8.69  ? 1129 VAL A CB  1 
ATOM   332  C CG1 . VAL A 1 51  ? 2.300   -3.835  11.316  1.00 6.93  ? 1129 VAL A CG1 1 
ATOM   333  C CG2 . VAL A 1 51  ? 4.210   -2.579  12.372  1.00 8.03  ? 1129 VAL A CG2 1 
ATOM   334  N N   . LYS A 1 52  ? 0.247   -4.472  14.340  1.00 11.61 ? 1130 LYS A N   1 
ATOM   335  C CA  . LYS A 1 52  ? -0.754  -5.476  14.688  1.00 12.25 ? 1130 LYS A CA  1 
ATOM   336  C C   . LYS A 1 52  ? -1.611  -5.904  13.488  1.00 10.28 ? 1130 LYS A C   1 
ATOM   337  O O   . LYS A 1 52  ? -2.248  -6.954  13.518  1.00 12.14 ? 1130 LYS A O   1 
ATOM   338  C CB  . LYS A 1 52  ? -1.607  -4.947  15.846  1.00 14.03 ? 1130 LYS A CB  1 
ATOM   339  C CG  . LYS A 1 52  ? -0.708  -4.673  17.063  1.00 16.52 ? 1130 LYS A CG  1 
ATOM   340  C CD  . LYS A 1 52  ? -1.397  -4.024  18.219  1.00 21.63 ? 1130 LYS A CD  1 
ATOM   341  C CE  . LYS A 1 52  ? -0.444  -3.905  19.396  1.00 17.38 ? 1130 LYS A CE  1 
ATOM   342  N NZ  . LYS A 1 52  ? 0.372   -5.147  19.567  1.00 22.97 ? 1130 LYS A NZ  1 
ATOM   343  N N   . ASN A 1 53  ? -1.587  -5.108  12.422  1.00 9.45  ? 1131 ASN A N   1 
ATOM   344  C CA  . ASN A 1 53  ? -2.312  -5.420  11.190  1.00 8.61  ? 1131 ASN A CA  1 
ATOM   345  C C   . ASN A 1 53  ? -1.476  -5.135  9.930   1.00 10.58 ? 1131 ASN A C   1 
ATOM   346  O O   . ASN A 1 53  ? -1.655  -4.097  9.297   1.00 6.17  ? 1131 ASN A O   1 
ATOM   347  C CB  . ASN A 1 53  ? -3.619  -4.601  11.132  1.00 17.85 ? 1131 ASN A CB  1 
ATOM   348  C CG  . ASN A 1 53  ? -4.662  -5.056  12.166  1.00 17.89 ? 1131 ASN A CG  1 
ATOM   349  O OD1 . ASN A 1 53  ? -5.201  -6.154  12.074  1.00 23.78 ? 1131 ASN A OD1 1 
ATOM   350  N ND2 . ASN A 1 53  ? -4.916  -4.215  13.170  1.00 19.99 ? 1131 ASN A ND2 1 
ATOM   351  N N   . PRO A 1 54  ? -0.552  -6.036  9.574   1.00 13.18 ? 1132 PRO A N   1 
ATOM   352  C CA  . PRO A 1 54  ? 0.323   -5.849  8.404   1.00 8.36  ? 1132 PRO A CA  1 
ATOM   353  C C   . PRO A 1 54  ? -0.427  -5.716  7.078   1.00 13.93 ? 1132 PRO A C   1 
ATOM   354  O O   . PRO A 1 54  ? -1.511  -6.299  6.900   1.00 10.37 ? 1132 PRO A O   1 
ATOM   355  C CB  . PRO A 1 54  ? 1.161   -7.131  8.388   1.00 12.01 ? 1132 PRO A CB  1 
ATOM   356  C CG  . PRO A 1 54  ? 1.132   -7.629  9.790   1.00 6.94  ? 1132 PRO A CG  1 
ATOM   357  C CD  . PRO A 1 54  ? -0.240  -7.277  10.305  1.00 9.58  ? 1132 PRO A CD  1 
ATOM   358  N N   . MET A 1 55  ? 0.175   -4.993  6.142   1.00 11.70 ? 1133 MET A N   1 
ATOM   359  C CA  . MET A 1 55  ? -0.392  -4.835  4.810   1.00 13.56 ? 1133 MET A CA  1 
ATOM   360  C C   . MET A 1 55  ? 0.734   -4.538  3.820   1.00 10.49 ? 1133 MET A C   1 
ATOM   361  O O   . MET A 1 55  ? 1.693   -3.846  4.153   1.00 8.03  ? 1133 MET A O   1 
ATOM   362  C CB  . MET A 1 55  ? -1.443  -3.713  4.794   1.00 11.70 ? 1133 MET A CB  1 
ATOM   363  C CG  . MET A 1 55  ? -2.293  -3.631  3.506   1.00 12.11 ? 1133 MET A CG  1 
ATOM   364  S SD  . MET A 1 55  ? -3.103  -5.172  2.981   1.00 12.66 ? 1133 MET A SD  1 
ATOM   365  C CE  . MET A 1 55  ? -4.065  -5.606  4.424   1.00 15.39 ? 1133 MET A CE  1 
ATOM   366  N N   . ASP A 1 56  ? 0.614   -5.057  2.608   1.00 10.57 ? 1134 ASP A N   1 
ATOM   367  C CA  . ASP A 1 56  ? 1.632   -4.835  1.579   1.00 12.83 ? 1134 ASP A CA  1 
ATOM   368  C C   . ASP A 1 56  ? 0.976   -4.856  0.213   1.00 14.85 ? 1134 ASP A C   1 
ATOM   369  O O   . ASP A 1 56  ? -0.196  -5.213  0.091   1.00 11.55 ? 1134 ASP A O   1 
ATOM   370  C CB  . ASP A 1 56  ? 2.709   -5.910  1.637   1.00 11.73 ? 1134 ASP A CB  1 
ATOM   371  C CG  . ASP A 1 56  ? 2.200   -7.233  1.139   1.00 14.57 ? 1134 ASP A CG  1 
ATOM   372  O OD1 . ASP A 1 56  ? 1.272   -7.776  1.774   1.00 10.52 ? 1134 ASP A OD1 1 
ATOM   373  O OD2 . ASP A 1 56  ? 2.707   -7.710  0.102   1.00 14.23 ? 1134 ASP A OD2 1 
ATOM   374  N N   . LEU A 1 57  ? 1.751   -4.513  -0.814  1.00 10.94 ? 1135 LEU A N   1 
ATOM   375  C CA  . LEU A 1 57  ? 1.238   -4.400  -2.173  1.00 10.14 ? 1135 LEU A CA  1 
ATOM   376  C C   . LEU A 1 57  ? 0.629   -5.702  -2.697  1.00 13.54 ? 1135 LEU A C   1 
ATOM   377  O O   . LEU A 1 57  ? -0.450  -5.693  -3.289  1.00 12.69 ? 1135 LEU A O   1 
ATOM   378  C CB  . LEU A 1 57  ? 2.357   -3.939  -3.114  1.00 11.10 ? 1135 LEU A CB  1 
ATOM   379  C CG  . LEU A 1 57  ? 2.756   -2.465  -3.052  1.00 14.34 ? 1135 LEU A CG  1 
ATOM   380  C CD1 . LEU A 1 57  ? 4.051   -2.195  -3.819  1.00 12.67 ? 1135 LEU A CD1 1 
ATOM   381  C CD2 . LEU A 1 57  ? 1.632   -1.601  -3.591  1.00 12.81 ? 1135 LEU A CD2 1 
ATOM   382  N N   . SER A 1 58  ? 1.317   -6.823  -2.483  1.00 14.86 ? 1136 SER A N   1 
ATOM   383  C CA  . SER A 1 58  ? 0.846   -8.091  -3.015  1.00 14.80 ? 1136 SER A CA  1 
ATOM   384  C C   . SER A 1 58  ? -0.485  -8.512  -2.389  1.00 14.06 ? 1136 SER A C   1 
ATOM   385  O O   . SER A 1 58  ? -1.288  -9.175  -3.040  1.00 17.73 ? 1136 SER A O   1 
ATOM   386  C CB  . SER A 1 58  ? 1.885   -9.189  -2.800  1.00 22.90 ? 1136 SER A CB  1 
ATOM   387  O OG  . SER A 1 58  ? 1.856   -9.664  -1.468  1.00 10.73 ? 1136 SER A OG  1 
ATOM   388  N N   . THR A 1 59  ? -0.717  -8.140  -1.130  1.00 15.17 ? 1137 THR A N   1 
ATOM   389  C CA  . THR A 1 59  ? -1.975  -8.474  -0.457  1.00 11.23 ? 1137 THR A CA  1 
ATOM   390  C C   . THR A 1 59  ? -3.088  -7.598  -1.025  1.00 17.73 ? 1137 THR A C   1 
ATOM   391  O O   . THR A 1 59  ? -4.209  -8.056  -1.263  1.00 14.82 ? 1137 THR A O   1 
ATOM   392  C CB  . THR A 1 59  ? -1.887  -8.282  1.082   1.00 15.04 ? 1137 THR A CB  1 
ATOM   393  O OG1 . THR A 1 59  ? -0.908  -9.177  1.639   1.00 10.57 ? 1137 THR A OG1 1 
ATOM   394  C CG2 . THR A 1 59  ? -3.256  -8.537  1.760   1.00 13.66 ? 1137 THR A CG2 1 
ATOM   395  N N   . ILE A 1 60  ? -2.772  -6.330  -1.247  1.00 13.06 ? 1138 ILE A N   1 
ATOM   396  C CA  . ILE A 1 60  ? -3.728  -5.409  -1.861  1.00 16.04 ? 1138 ILE A CA  1 
ATOM   397  C C   . ILE A 1 60  ? -4.120  -5.892  -3.264  1.00 20.47 ? 1138 ILE A C   1 
ATOM   398  O O   . ILE A 1 60  ? -5.311  -6.070  -3.552  1.00 21.75 ? 1138 ILE A O   1 
ATOM   399  C CB  . ILE A 1 60  ? -3.162  -3.971  -1.935  1.00 12.05 ? 1138 ILE A CB  1 
ATOM   400  C CG1 . ILE A 1 60  ? -3.093  -3.357  -0.531  1.00 14.98 ? 1138 ILE A CG1 1 
ATOM   401  C CG2 . ILE A 1 60  ? -4.015  -3.100  -2.843  1.00 10.85 ? 1138 ILE A CG2 1 
ATOM   402  C CD1 . ILE A 1 60  ? -2.273  -2.081  -0.456  1.00 12.74 ? 1138 ILE A CD1 1 
ATOM   403  N N   . LYS A 1 61  ? -3.126  -6.129  -4.122  1.00 11.64 ? 1139 LYS A N   1 
ATOM   404  C CA  . LYS A 1 61  ? -3.399  -6.578  -5.490  1.00 17.52 ? 1139 LYS A CA  1 
ATOM   405  C C   . LYS A 1 61  ? -4.291  -7.817  -5.535  1.00 15.03 ? 1139 LYS A C   1 
ATOM   406  O O   . LYS A 1 61  ? -5.241  -7.865  -6.306  1.00 19.35 ? 1139 LYS A O   1 
ATOM   407  C CB  . LYS A 1 61  ? -2.095  -6.853  -6.241  1.00 20.66 ? 1139 LYS A CB  1 
ATOM   408  C CG  . LYS A 1 61  ? -2.296  -7.500  -7.604  1.00 16.02 ? 1139 LYS A CG  1 
ATOM   409  C CD  . LYS A 1 61  ? -1.005  -7.533  -8.399  1.00 23.27 ? 1139 LYS A CD  1 
ATOM   410  N N   . ARG A 1 62  ? -3.992  -8.812  -4.704  1.00 17.71 ? 1140 ARG A N   1 
ATOM   411  C CA  . ARG A 1 62  ? -4.802  -10.022 -4.660  1.00 20.71 ? 1140 ARG A CA  1 
ATOM   412  C C   . ARG A 1 62  ? -6.226  -9.700  -4.230  1.00 20.86 ? 1140 ARG A C   1 
ATOM   413  O O   . ARG A 1 62  ? -7.176  -10.227 -4.800  1.00 24.05 ? 1140 ARG A O   1 
ATOM   414  C CB  . ARG A 1 62  ? -4.174  -11.066 -3.732  1.00 19.09 ? 1140 ARG A CB  1 
ATOM   415  C CG  . ARG A 1 62  ? -2.970  -11.743 -4.369  1.00 18.55 ? 1140 ARG A CG  1 
ATOM   416  C CD  . ARG A 1 62  ? -1.925  -12.216 -3.372  1.00 27.64 ? 1140 ARG A CD  1 
ATOM   417  N NE  . ARG A 1 62  ? -2.029  -13.646 -3.091  1.00 28.67 ? 1140 ARG A NE  1 
ATOM   418  C CZ  . ARG A 1 62  ? -0.988  -14.418 -2.795  1.00 29.57 ? 1140 ARG A CZ  1 
ATOM   419  N NH1 . ARG A 1 62  ? 0.241   -13.902 -2.757  1.00 27.56 ? 1140 ARG A NH1 1 
ATOM   420  N NH2 . ARG A 1 62  ? -1.173  -15.711 -2.550  1.00 25.01 ? 1140 ARG A NH2 1 
ATOM   421  N N   . LYS A 1 63  ? -6.374  -8.818  -3.242  1.00 15.05 ? 1141 LYS A N   1 
ATOM   422  C CA  . LYS A 1 63  ? -7.705  -8.389  -2.794  1.00 17.53 ? 1141 LYS A CA  1 
ATOM   423  C C   . LYS A 1 63  ? -8.447  -7.627  -3.889  1.00 20.74 ? 1141 LYS A C   1 
ATOM   424  O O   . LYS A 1 63  ? -9.625  -7.892  -4.140  1.00 22.47 ? 1141 LYS A O   1 
ATOM   425  C CB  . LYS A 1 63  ? -7.613  -7.529  -1.525  1.00 15.49 ? 1141 LYS A CB  1 
ATOM   426  C CG  . LYS A 1 63  ? -7.322  -8.329  -0.259  1.00 17.38 ? 1141 LYS A CG  1 
ATOM   427  C CD  . LYS A 1 63  ? -7.227  -7.456  0.991   1.00 19.19 ? 1141 LYS A CD  1 
ATOM   428  C CE  . LYS A 1 63  ? -8.590  -6.982  1.469   1.00 21.94 ? 1141 LYS A CE  1 
ATOM   429  N NZ  . LYS A 1 63  ? -8.493  -6.212  2.758   1.00 15.43 ? 1141 LYS A NZ  1 
ATOM   430  N N   . LEU A 1 64  ? -7.770  -6.677  -4.535  1.00 17.31 ? 1142 LEU A N   1 
ATOM   431  C CA  . LEU A 1 64  ? -8.386  -5.946  -5.635  1.00 17.58 ? 1142 LEU A CA  1 
ATOM   432  C C   . LEU A 1 64  ? -8.876  -6.915  -6.719  1.00 31.98 ? 1142 LEU A C   1 
ATOM   433  O O   . LEU A 1 64  ? -10.069 -6.968  -7.024  1.00 32.26 ? 1142 LEU A O   1 
ATOM   434  C CB  . LEU A 1 64  ? -7.410  -4.930  -6.228  1.00 18.51 ? 1142 LEU A CB  1 
ATOM   435  C CG  . LEU A 1 64  ? -7.984  -4.000  -7.304  1.00 25.98 ? 1142 LEU A CG  1 
ATOM   436  C CD1 . LEU A 1 64  ? -9.238  -3.297  -6.810  1.00 26.97 ? 1142 LEU A CD1 1 
ATOM   437  C CD2 . LEU A 1 64  ? -6.958  -2.975  -7.760  1.00 24.13 ? 1142 LEU A CD2 1 
ATOM   438  N N   . ASP A 1 65  ? -7.955  -7.714  -7.256  1.00 34.34 ? 1143 ASP A N   1 
ATOM   439  C CA  . ASP A 1 65  ? -8.241  -8.559  -8.415  1.00 31.46 ? 1143 ASP A CA  1 
ATOM   440  C C   . ASP A 1 65  ? -9.251  -9.674  -8.157  1.00 31.45 ? 1143 ASP A C   1 
ATOM   441  O O   . ASP A 1 65  ? -9.722  -10.305 -9.099  1.00 34.03 ? 1143 ASP A O   1 
ATOM   442  C CB  . ASP A 1 65  ? -6.941  -9.172  -8.947  1.00 27.43 ? 1143 ASP A CB  1 
ATOM   443  C CG  . ASP A 1 65  ? -6.107  -8.171  -9.716  1.00 35.33 ? 1143 ASP A CG  1 
ATOM   444  O OD1 . ASP A 1 65  ? -6.582  -7.022  -9.884  1.00 39.32 ? 1143 ASP A OD1 1 
ATOM   445  O OD2 . ASP A 1 65  ? -4.989  -8.533  -10.152 1.00 37.95 ? 1143 ASP A OD2 1 
ATOM   446  N N   . THR A 1 66  ? -9.582  -9.928  -6.897  1.00 27.32 ? 1144 THR A N   1 
ATOM   447  C CA  . THR A 1 66  ? -10.504 -11.017 -6.597  1.00 34.27 ? 1144 THR A CA  1 
ATOM   448  C C   . THR A 1 66  ? -11.808 -10.502 -5.988  1.00 33.79 ? 1144 THR A C   1 
ATOM   449  O O   . THR A 1 66  ? -12.478 -11.223 -5.244  1.00 35.53 ? 1144 THR A O   1 
ATOM   450  C CB  . THR A 1 66  ? -9.864  -12.054 -5.647  1.00 38.48 ? 1144 THR A CB  1 
ATOM   451  O OG1 . THR A 1 66  ? -9.513  -11.430 -4.404  1.00 33.10 ? 1144 THR A OG1 1 
ATOM   452  C CG2 . THR A 1 66  ? -8.610  -12.657 -6.290  1.00 28.44 ? 1144 THR A CG2 1 
ATOM   453  N N   . GLY A 1 67  ? -12.152 -9.253  -6.306  1.00 32.79 ? 1145 GLY A N   1 
ATOM   454  C CA  . GLY A 1 67  ? -13.416 -8.656  -5.892  1.00 33.69 ? 1145 GLY A CA  1 
ATOM   455  C C   . GLY A 1 67  ? -13.656 -8.532  -4.394  1.00 33.81 ? 1145 GLY A C   1 
ATOM   456  O O   . GLY A 1 67  ? -14.794 -8.657  -3.928  1.00 33.21 ? 1145 GLY A O   1 
ATOM   457  N N   . GLN A 1 68  ? -12.595 -8.287  -3.630  1.00 27.86 ? 1146 GLN A N   1 
ATOM   458  C CA  . GLN A 1 68  ? -12.723 -8.195  -2.175  1.00 23.94 ? 1146 GLN A CA  1 
ATOM   459  C C   . GLN A 1 68  ? -13.074 -6.785  -1.736  1.00 27.22 ? 1146 GLN A C   1 
ATOM   460  O O   . GLN A 1 68  ? -13.600 -6.586  -0.643  1.00 22.43 ? 1146 GLN A O   1 
ATOM   461  C CB  . GLN A 1 68  ? -11.433 -8.636  -1.488  1.00 25.34 ? 1146 GLN A CB  1 
ATOM   462  C CG  . GLN A 1 68  ? -10.971 -10.017 -1.874  1.00 27.01 ? 1146 GLN A CG  1 
ATOM   463  C CD  . GLN A 1 68  ? -11.828 -11.100 -1.267  1.00 35.22 ? 1146 GLN A CD  1 
ATOM   464  O OE1 . GLN A 1 68  ? -12.683 -10.836 -0.417  1.00 37.63 ? 1146 GLN A OE1 1 
ATOM   465  N NE2 . GLN A 1 68  ? -11.605 -12.337 -1.700  1.00 44.48 ? 1146 GLN A NE2 1 
ATOM   466  N N   . TYR A 1 69  ? -12.759 -5.812  -2.590  1.00 23.89 ? 1147 TYR A N   1 
ATOM   467  C CA  . TYR A 1 69  ? -13.109 -4.421  -2.340  1.00 25.66 ? 1147 TYR A CA  1 
ATOM   468  C C   . TYR A 1 69  ? -14.450 -4.098  -2.992  1.00 24.49 ? 1147 TYR A C   1 
ATOM   469  O O   . TYR A 1 69  ? -14.544 -3.990  -4.214  1.00 32.15 ? 1147 TYR A O   1 
ATOM   470  C CB  . TYR A 1 69  ? -12.015 -3.489  -2.866  1.00 26.04 ? 1147 TYR A CB  1 
ATOM   471  C CG  . TYR A 1 69  ? -10.677 -3.686  -2.182  1.00 24.09 ? 1147 TYR A CG  1 
ATOM   472  C CD1 . TYR A 1 69  ? -10.579 -3.693  -0.794  1.00 16.92 ? 1147 TYR A CD1 1 
ATOM   473  C CD2 . TYR A 1 69  ? -9.517  -3.873  -2.920  1.00 21.49 ? 1147 TYR A CD2 1 
ATOM   474  C CE1 . TYR A 1 69  ? -9.362  -3.880  -0.157  1.00 17.86 ? 1147 TYR A CE1 1 
ATOM   475  C CE2 . TYR A 1 69  ? -8.289  -4.052  -2.295  1.00 19.44 ? 1147 TYR A CE2 1 
ATOM   476  C CZ  . TYR A 1 69  ? -8.219  -4.057  -0.913  1.00 20.46 ? 1147 TYR A CZ  1 
ATOM   477  O OH  . TYR A 1 69  ? -7.008  -4.243  -0.280  1.00 18.46 ? 1147 TYR A OH  1 
ATOM   478  N N   . GLN A 1 70  ? -15.484 -3.949  -2.174  1.00 22.67 ? 1148 GLN A N   1 
ATOM   479  C CA  . GLN A 1 70  ? -16.833 -3.673  -2.672  1.00 25.38 ? 1148 GLN A CA  1 
ATOM   480  C C   . GLN A 1 70  ? -17.088 -2.175  -2.794  1.00 28.06 ? 1148 GLN A C   1 
ATOM   481  O O   . GLN A 1 70  ? -18.153 -1.742  -3.228  1.00 31.18 ? 1148 GLN A O   1 
ATOM   482  C CB  . GLN A 1 70  ? -17.876 -4.305  -1.750  1.00 21.50 ? 1148 GLN A CB  1 
ATOM   483  N N   . GLU A 1 71  ? -16.091 -1.388  -2.418  1.00 34.41 ? 1149 GLU A N   1 
ATOM   484  C CA  . GLU A 1 71  ? -16.264 0.046   -2.267  1.00 26.35 ? 1149 GLU A CA  1 
ATOM   485  C C   . GLU A 1 71  ? -14.871 0.689   -2.138  1.00 25.90 ? 1149 GLU A C   1 
ATOM   486  O O   . GLU A 1 71  ? -14.000 0.138   -1.466  1.00 24.81 ? 1149 GLU A O   1 
ATOM   487  C CB  . GLU A 1 71  ? -17.184 0.324   -1.061  1.00 26.06 ? 1149 GLU A CB  1 
ATOM   488  C CG  . GLU A 1 71  ? -17.455 1.771   -0.844  1.00 30.57 ? 1149 GLU A CG  1 
ATOM   489  C CD  . GLU A 1 71  ? -16.379 2.425   -0.016  1.00 31.20 ? 1149 GLU A CD  1 
ATOM   490  O OE1 . GLU A 1 71  ? -15.916 1.795   0.958   1.00 33.15 ? 1149 GLU A OE1 1 
ATOM   491  O OE2 . GLU A 1 71  ? -15.892 3.494   -0.430  1.00 24.58 ? 1149 GLU A OE2 1 
ATOM   492  N N   . PRO A 1 72  ? -14.648 1.838   -2.805  1.00 17.84 ? 1150 PRO A N   1 
ATOM   493  C CA  . PRO A 1 72  ? -13.306 2.412   -2.946  1.00 21.75 ? 1150 PRO A CA  1 
ATOM   494  C C   . PRO A 1 72  ? -12.550 2.651   -1.640  1.00 21.46 ? 1150 PRO A C   1 
ATOM   495  O O   . PRO A 1 72  ? -11.359 2.340   -1.579  1.00 21.02 ? 1150 PRO A O   1 
ATOM   496  C CB  . PRO A 1 72  ? -13.567 3.743   -3.649  1.00 22.38 ? 1150 PRO A CB  1 
ATOM   497  C CG  . PRO A 1 72  ? -14.848 3.544   -4.375  1.00 26.37 ? 1150 PRO A CG  1 
ATOM   498  C CD  . PRO A 1 72  ? -15.661 2.629   -3.529  1.00 25.02 ? 1150 PRO A CD  1 
ATOM   499  N N   . TRP A 1 73  ? -13.212 3.188   -0.623  1.00 20.93 ? 1151 TRP A N   1 
ATOM   500  C CA  . TRP A 1 73  ? -12.522 3.528   0.615   1.00 20.15 ? 1151 TRP A CA  1 
ATOM   501  C C   . TRP A 1 73  ? -11.943 2.297   1.314   1.00 19.96 ? 1151 TRP A C   1 
ATOM   502  O O   . TRP A 1 73  ? -10.990 2.414   2.077   1.00 15.45 ? 1151 TRP A O   1 
ATOM   503  C CB  . TRP A 1 73  ? -13.457 4.292   1.552   1.00 26.13 ? 1151 TRP A CB  1 
ATOM   504  C CG  . TRP A 1 73  ? -13.744 5.683   1.070   1.00 23.86 ? 1151 TRP A CG  1 
ATOM   505  C CD1 . TRP A 1 73  ? -14.891 6.122   0.471   1.00 26.53 ? 1151 TRP A CD1 1 
ATOM   506  C CD2 . TRP A 1 73  ? -12.864 6.822   1.132   1.00 27.05 ? 1151 TRP A CD2 1 
ATOM   507  N NE1 . TRP A 1 73  ? -14.785 7.461   0.160   1.00 18.96 ? 1151 TRP A NE1 1 
ATOM   508  C CE2 . TRP A 1 73  ? -13.555 7.917   0.564   1.00 25.79 ? 1151 TRP A CE2 1 
ATOM   509  C CE3 . TRP A 1 73  ? -11.566 7.024   1.625   1.00 20.88 ? 1151 TRP A CE3 1 
ATOM   510  C CZ2 . TRP A 1 73  ? -12.991 9.194   0.464   1.00 15.17 ? 1151 TRP A CZ2 1 
ATOM   511  C CZ3 . TRP A 1 73  ? -11.004 8.298   1.531   1.00 15.94 ? 1151 TRP A CZ3 1 
ATOM   512  C CH2 . TRP A 1 73  ? -11.717 9.365   0.948   1.00 23.05 ? 1151 TRP A CH2 1 
ATOM   513  N N   . GLN A 1 74  ? -12.502 1.122   1.039   1.00 18.52 ? 1152 GLN A N   1 
ATOM   514  C CA  . GLN A 1 74  ? -11.912 -0.129  1.519   1.00 18.12 ? 1152 GLN A CA  1 
ATOM   515  C C   . GLN A 1 74  ? -10.510 -0.294  0.946   1.00 18.87 ? 1152 GLN A C   1 
ATOM   516  O O   . GLN A 1 74  ? -9.575  -0.686  1.647   1.00 14.05 ? 1152 GLN A O   1 
ATOM   517  C CB  . GLN A 1 74  ? -12.782 -1.330  1.135   1.00 17.73 ? 1152 GLN A CB  1 
ATOM   518  C CG  . GLN A 1 74  ? -14.137 -1.364  1.840   1.00 24.19 ? 1152 GLN A CG  1 
ATOM   519  C CD  . GLN A 1 74  ? -14.976 -2.557  1.419   1.00 25.72 ? 1152 GLN A CD  1 
ATOM   520  O OE1 . GLN A 1 74  ? -15.260 -2.748  0.237   1.00 33.34 ? 1152 GLN A OE1 1 
ATOM   521  N NE2 . GLN A 1 74  ? -15.365 -3.373  2.385   1.00 31.49 ? 1152 GLN A NE2 1 
ATOM   522  N N   . TYR A 1 75  ? -10.378 0.032   -0.334  1.00 17.49 ? 1153 TYR A N   1 
ATOM   523  C CA  . TYR A 1 75  ? -9.102  -0.039  -1.019  1.00 18.95 ? 1153 TYR A CA  1 
ATOM   524  C C   . TYR A 1 75  ? -8.152  1.025   -0.470  1.00 20.62 ? 1153 TYR A C   1 
ATOM   525  O O   . TYR A 1 75  ? -7.016  0.717   -0.077  1.00 15.08 ? 1153 TYR A O   1 
ATOM   526  C CB  . TYR A 1 75  ? -9.318  0.122   -2.524  1.00 18.44 ? 1153 TYR A CB  1 
ATOM   527  C CG  . TYR A 1 75  ? -8.064  0.359   -3.312  1.00 21.21 ? 1153 TYR A CG  1 
ATOM   528  C CD1 . TYR A 1 75  ? -7.172  -0.682  -3.565  1.00 22.83 ? 1153 TYR A CD1 1 
ATOM   529  C CD2 . TYR A 1 75  ? -7.778  1.615   -3.827  1.00 15.70 ? 1153 TYR A CD2 1 
ATOM   530  C CE1 . TYR A 1 75  ? -6.010  -0.471  -4.301  1.00 21.02 ? 1153 TYR A CE1 1 
ATOM   531  C CE2 . TYR A 1 75  ? -6.627  1.840   -4.568  1.00 21.04 ? 1153 TYR A CE2 1 
ATOM   532  C CZ  . TYR A 1 75  ? -5.748  0.791   -4.805  1.00 21.46 ? 1153 TYR A CZ  1 
ATOM   533  O OH  . TYR A 1 75  ? -4.597  1.009   -5.533  1.00 14.65 ? 1153 TYR A OH  1 
ATOM   534  N N   . VAL A 1 76  ? -8.636  2.266   -0.423  1.00 17.48 ? 1154 VAL A N   1 
ATOM   535  C CA  . VAL A 1 76  ? -7.878  3.384   0.148   1.00 12.93 ? 1154 VAL A CA  1 
ATOM   536  C C   . VAL A 1 76  ? -7.422  3.125   1.584   1.00 11.80 ? 1154 VAL A C   1 
ATOM   537  O O   . VAL A 1 76  ? -6.270  3.378   1.928   1.00 9.79  ? 1154 VAL A O   1 
ATOM   538  C CB  . VAL A 1 76  ? -8.698  4.702   0.125   1.00 19.16 ? 1154 VAL A CB  1 
ATOM   539  C CG1 . VAL A 1 76  ? -7.920  5.826   0.786   1.00 18.22 ? 1154 VAL A CG1 1 
ATOM   540  C CG2 . VAL A 1 76  ? -9.048  5.094   -1.302  1.00 17.05 ? 1154 VAL A CG2 1 
ATOM   541  N N   . ASP A 1 77  ? -8.316  2.624   2.429   1.00 12.28 ? 1155 ASP A N   1 
ATOM   542  C CA  . ASP A 1 77  ? -7.922  2.260   3.790   1.00 12.04 ? 1155 ASP A CA  1 
ATOM   543  C C   . ASP A 1 77  ? -6.777  1.215   3.825   1.00 15.58 ? 1155 ASP A C   1 
ATOM   544  O O   . ASP A 1 77  ? -5.894  1.302   4.682   1.00 12.87 ? 1155 ASP A O   1 
ATOM   545  C CB  . ASP A 1 77  ? -9.129  1.743   4.583   1.00 12.52 ? 1155 ASP A CB  1 
ATOM   546  C CG  . ASP A 1 77  ? -10.140 2.841   4.916   1.00 17.26 ? 1155 ASP A CG  1 
ATOM   547  O OD1 . ASP A 1 77  ? -9.795  4.040   4.828   1.00 15.37 ? 1155 ASP A OD1 1 
ATOM   548  O OD2 . ASP A 1 77  ? -11.281 2.502   5.285   1.00 17.44 ? 1155 ASP A OD2 1 
ATOM   549  N N   . ASP A 1 78  ? -6.772  0.247   2.904   1.00 13.18 ? 1156 ASP A N   1 
ATOM   550  C CA  . ASP A 1 78  ? -5.690  -0.740  2.867   1.00 11.33 ? 1156 ASP A CA  1 
ATOM   551  C C   . ASP A 1 78  ? -4.357  -0.119  2.425   1.00 12.25 ? 1156 ASP A C   1 
ATOM   552  O O   . ASP A 1 78  ? -3.302  -0.400  3.014   1.00 9.42  ? 1156 ASP A O   1 
ATOM   553  C CB  . ASP A 1 78  ? -6.050  -1.921  1.952   1.00 11.69 ? 1156 ASP A CB  1 
ATOM   554  C CG  . ASP A 1 78  ? -6.579  -3.115  2.726   1.00 20.44 ? 1156 ASP A CG  1 
ATOM   555  O OD1 . ASP A 1 78  ? -6.578  -3.062  3.984   1.00 15.33 ? 1156 ASP A OD1 1 
ATOM   556  O OD2 . ASP A 1 78  ? -6.985  -4.114  2.080   1.00 17.74 ? 1156 ASP A OD2 1 
ATOM   557  N N   . VAL A 1 79  ? -4.398  0.730   1.399   1.00 13.34 ? 1157 VAL A N   1 
ATOM   558  C CA  . VAL A 1 79  ? -3.192  1.449   0.990   1.00 13.60 ? 1157 VAL A CA  1 
ATOM   559  C C   . VAL A 1 79  ? -2.654  2.306   2.136   1.00 11.67 ? 1157 VAL A C   1 
ATOM   560  O O   . VAL A 1 79  ? -1.471  2.243   2.465   1.00 10.94 ? 1157 VAL A O   1 
ATOM   561  C CB  . VAL A 1 79  ? -3.438  2.356   -0.236  1.00 16.02 ? 1157 VAL A CB  1 
ATOM   562  C CG1 . VAL A 1 79  ? -2.179  3.126   -0.563  1.00 11.35 ? 1157 VAL A CG1 1 
ATOM   563  C CG2 . VAL A 1 79  ? -3.879  1.542   -1.434  1.00 12.78 ? 1157 VAL A CG2 1 
ATOM   564  N N   . TRP A 1 80  ? -3.520  3.096   2.756   1.00 8.57  ? 1158 TRP A N   1 
ATOM   565  C CA  . TRP A 1 80  ? -3.104  3.941   3.884   1.00 11.97 ? 1158 TRP A CA  1 
ATOM   566  C C   . TRP A 1 80  ? -2.507  3.154   5.049   1.00 8.93  ? 1158 TRP A C   1 
ATOM   567  O O   . TRP A 1 80  ? -1.561  3.602   5.696   1.00 9.22  ? 1158 TRP A O   1 
ATOM   568  C CB  . TRP A 1 80  ? -4.292  4.768   4.392   1.00 11.16 ? 1158 TRP A CB  1 
ATOM   569  C CG  . TRP A 1 80  ? -4.580  5.949   3.542   1.00 8.78  ? 1158 TRP A CG  1 
ATOM   570  C CD1 . TRP A 1 80  ? -3.800  6.443   2.536   1.00 11.98 ? 1158 TRP A CD1 1 
ATOM   571  C CD2 . TRP A 1 80  ? -5.733  6.799   3.608   1.00 12.19 ? 1158 TRP A CD2 1 
ATOM   572  N NE1 . TRP A 1 80  ? -4.394  7.557   1.978   1.00 12.53 ? 1158 TRP A NE1 1 
ATOM   573  C CE2 . TRP A 1 80  ? -5.589  7.790   2.620   1.00 9.69  ? 1158 TRP A CE2 1 
ATOM   574  C CE3 . TRP A 1 80  ? -6.880  6.814   4.421   1.00 12.93 ? 1158 TRP A CE3 1 
ATOM   575  C CZ2 . TRP A 1 80  ? -6.533  8.788   2.409   1.00 13.63 ? 1158 TRP A CZ2 1 
ATOM   576  C CZ3 . TRP A 1 80  ? -7.827  7.817   4.212   1.00 11.55 ? 1158 TRP A CZ3 1 
ATOM   577  C CH2 . TRP A 1 80  ? -7.645  8.784   3.213   1.00 11.56 ? 1158 TRP A CH2 1 
ATOM   578  N N   . LEU A 1 81  ? -3.082  1.993   5.329   1.00 12.11 ? 1159 LEU A N   1 
ATOM   579  C CA  . LEU A 1 81  ? -2.579  1.126   6.387   1.00 8.26  ? 1159 LEU A CA  1 
ATOM   580  C C   . LEU A 1 81  ? -1.135  0.683   6.119   1.00 10.29 ? 1159 LEU A C   1 
ATOM   581  O O   . LEU A 1 81  ? -0.294  0.685   7.023   1.00 11.26 ? 1159 LEU A O   1 
ATOM   582  C CB  . LEU A 1 81  ? -3.501  -0.084  6.528   1.00 7.45  ? 1159 LEU A CB  1 
ATOM   583  C CG  . LEU A 1 81  ? -3.117  -1.197  7.497   1.00 9.40  ? 1159 LEU A CG  1 
ATOM   584  C CD1 . LEU A 1 81  ? -3.199  -0.717  8.925   1.00 11.15 ? 1159 LEU A CD1 1 
ATOM   585  C CD2 . LEU A 1 81  ? -4.021  -2.393  7.276   1.00 11.92 ? 1159 LEU A CD2 1 
ATOM   586  N N   . MET A 1 82  ? -0.855  0.301   4.876   1.00 10.05 ? 1160 MET A N   1 
ATOM   587  C CA  . MET A 1 82  ? 0.485   -0.115  4.471   1.00 6.50  ? 1160 MET A CA  1 
ATOM   588  C C   . MET A 1 82  ? 1.540   0.944   4.805   1.00 8.56  ? 1160 MET A C   1 
ATOM   589  O O   . MET A 1 82  ? 2.568   0.639   5.420   1.00 7.26  ? 1160 MET A O   1 
ATOM   590  C CB  . MET A 1 82  ? 0.494   -0.427  2.968   1.00 11.06 ? 1160 MET A CB  1 
ATOM   591  C CG  . MET A 1 82  ? 1.886   -0.744  2.383   1.00 12.54 ? 1160 MET A CG  1 
ATOM   592  S SD  . MET A 1 82  ? 1.831   -1.287  0.658   1.00 12.31 ? 1160 MET A SD  1 
ATOM   593  C CE  . MET A 1 82  ? 1.223   0.190   -0.145  1.00 17.12 ? 1160 MET A CE  1 
ATOM   594  N N   . PHE A 1 83  ? 1.276   2.188   4.415   1.00 8.86  ? 1161 PHE A N   1 
ATOM   595  C CA  . PHE A 1 83  ? 2.180   3.314   4.707   1.00 6.78  ? 1161 PHE A CA  1 
ATOM   596  C C   . PHE A 1 83  ? 2.282   3.640   6.193   1.00 6.56  ? 1161 PHE A C   1 
ATOM   597  O O   . PHE A 1 83  ? 3.382   3.861   6.724   1.00 7.53  ? 1161 PHE A O   1 
ATOM   598  C CB  . PHE A 1 83  ? 1.728   4.570   3.980   1.00 5.76  ? 1161 PHE A CB  1 
ATOM   599  C CG  . PHE A 1 83  ? 1.632   4.423   2.499   1.00 6.10  ? 1161 PHE A CG  1 
ATOM   600  C CD1 . PHE A 1 83  ? 2.511   3.599   1.804   1.00 8.53  ? 1161 PHE A CD1 1 
ATOM   601  C CD2 . PHE A 1 83  ? 0.679   5.148   1.782   1.00 9.24  ? 1161 PHE A CD2 1 
ATOM   602  C CE1 . PHE A 1 83  ? 2.436   3.477   0.427   1.00 11.82 ? 1161 PHE A CE1 1 
ATOM   603  C CE2 . PHE A 1 83  ? 0.595   5.034   0.396   1.00 11.18 ? 1161 PHE A CE2 1 
ATOM   604  C CZ  . PHE A 1 83  ? 1.478   4.201   -0.283  1.00 11.96 ? 1161 PHE A CZ  1 
ATOM   605  N N   . ASN A 1 84  ? 1.142   3.671   6.871   1.00 6.70  ? 1162 ASN A N   1 
ATOM   606  C CA  . ASN A 1 84  ? 1.135   4.009   8.290   1.00 10.84 ? 1162 ASN A CA  1 
ATOM   607  C C   . ASN A 1 84  ? 1.867   2.958   9.118   1.00 8.45  ? 1162 ASN A C   1 
ATOM   608  O O   . ASN A 1 84  ? 2.504   3.292   10.108  1.00 4.14  ? 1162 ASN A O   1 
ATOM   609  C CB  . ASN A 1 84  ? -0.299  4.181   8.808   1.00 9.18  ? 1162 ASN A CB  1 
ATOM   610  C CG  . ASN A 1 84  ? -0.974  5.441   8.265   1.00 10.79 ? 1162 ASN A CG  1 
ATOM   611  O OD1 . ASN A 1 84  ? -0.307  6.436   7.964   1.00 8.61  ? 1162 ASN A OD1 1 
ATOM   612  N ND2 . ASN A 1 84  ? -2.298  5.394   8.120   1.00 7.32  ? 1162 ASN A ND2 1 
ATOM   613  N N   . ASN A 1 85  ? 1.760   1.688   8.721   1.00 8.33  ? 1163 ASN A N   1 
ATOM   614  C CA  . ASN A 1 85  ? 2.556   0.630   9.348   1.00 6.51  ? 1163 ASN A CA  1 
ATOM   615  C C   . ASN A 1 85  ? 4.057   0.910   9.253   1.00 6.36  ? 1163 ASN A C   1 
ATOM   616  O O   . ASN A 1 85  ? 4.786   0.774   10.233  1.00 9.00  ? 1163 ASN A O   1 
ATOM   617  C CB  . ASN A 1 85  ? 2.245   -0.736  8.718   1.00 6.41  ? 1163 ASN A CB  1 
ATOM   618  C CG  . ASN A 1 85  ? 0.897   -1.312  9.174   1.00 6.99  ? 1163 ASN A CG  1 
ATOM   619  O OD1 . ASN A 1 85  ? 0.334   -0.884  10.169  1.00 7.64  ? 1163 ASN A OD1 1 
ATOM   620  N ND2 . ASN A 1 85  ? 0.405   -2.307  8.455   1.00 10.82 ? 1163 ASN A ND2 1 
ATOM   621  N N   . ALA A 1 86  ? 4.526   1.288   8.069   1.00 6.22  ? 1164 ALA A N   1 
ATOM   622  C CA  . ALA A 1 86  ? 5.962   1.483   7.850   1.00 7.55  ? 1164 ALA A CA  1 
ATOM   623  C C   . ALA A 1 86  ? 6.451   2.759   8.531   1.00 6.62  ? 1164 ALA A C   1 
ATOM   624  O O   . ALA A 1 86  ? 7.568   2.806   9.053   1.00 10.62 ? 1164 ALA A O   1 
ATOM   625  C CB  . ALA A 1 86  ? 6.270   1.506   6.373   1.00 5.47  ? 1164 ALA A CB  1 
ATOM   626  N N   . TRP A 1 87  ? 5.598   3.777   8.562   1.00 9.94  ? 1165 TRP A N   1 
ATOM   627  C CA  . TRP A 1 87  ? 5.890   5.010   9.296   1.00 9.53  ? 1165 TRP A CA  1 
ATOM   628  C C   . TRP A 1 87  ? 5.965   4.785   10.804  1.00 10.99 ? 1165 TRP A C   1 
ATOM   629  O O   . TRP A 1 87  ? 6.757   5.421   11.510  1.00 11.76 ? 1165 TRP A O   1 
ATOM   630  C CB  . TRP A 1 87  ? 4.832   6.066   8.991   1.00 12.89 ? 1165 TRP A CB  1 
ATOM   631  C CG  . TRP A 1 87  ? 5.043   6.798   7.687   1.00 11.99 ? 1165 TRP A CG  1 
ATOM   632  C CD1 . TRP A 1 87  ? 6.222   7.032   7.051   1.00 12.11 ? 1165 TRP A CD1 1 
ATOM   633  C CD2 . TRP A 1 87  ? 4.014   7.396   6.881   1.00 14.66 ? 1165 TRP A CD2 1 
ATOM   634  N NE1 . TRP A 1 87  ? 5.991   7.740   5.883   1.00 14.37 ? 1165 TRP A NE1 1 
ATOM   635  C CE2 . TRP A 1 87  ? 4.653   7.972   5.764   1.00 8.80  ? 1165 TRP A CE2 1 
ATOM   636  C CE3 . TRP A 1 87  ? 2.620   7.475   6.991   1.00 11.16 ? 1165 TRP A CE3 1 
ATOM   637  C CZ2 . TRP A 1 87  ? 3.927   8.637   4.766   1.00 12.87 ? 1165 TRP A CZ2 1 
ATOM   638  C CZ3 . TRP A 1 87  ? 1.911   8.156   6.009   1.00 12.07 ? 1165 TRP A CZ3 1 
ATOM   639  C CH2 . TRP A 1 87  ? 2.566   8.727   4.912   1.00 13.30 ? 1165 TRP A CH2 1 
ATOM   640  N N   . LEU A 1 88  ? 5.132   3.877   11.297  1.00 8.57  ? 1166 LEU A N   1 
ATOM   641  C CA  . LEU A 1 88  ? 5.092   3.567   12.718  1.00 11.80 ? 1166 LEU A CA  1 
ATOM   642  C C   . LEU A 1 88  ? 6.330   2.794   13.173  1.00 8.56  ? 1166 LEU A C   1 
ATOM   643  O O   . LEU A 1 88  ? 6.904   3.090   14.219  1.00 11.39 ? 1166 LEU A O   1 
ATOM   644  C CB  . LEU A 1 88  ? 3.835   2.752   13.051  1.00 5.30  ? 1166 LEU A CB  1 
ATOM   645  C CG  . LEU A 1 88  ? 3.828   2.218   14.479  1.00 8.87  ? 1166 LEU A CG  1 
ATOM   646  C CD1 . LEU A 1 88  ? 3.571   3.355   15.493  1.00 13.40 ? 1166 LEU A CD1 1 
ATOM   647  C CD2 . LEU A 1 88  ? 2.821   1.085   14.631  1.00 9.91  ? 1166 LEU A CD2 1 
ATOM   648  N N   . TYR A 1 89  ? 6.743   1.807   12.387  1.00 7.91  ? 1167 TYR A N   1 
ATOM   649  C CA  . TYR A 1 89  ? 7.795   0.897   12.838  1.00 9.78  ? 1167 TYR A CA  1 
ATOM   650  C C   . TYR A 1 89  ? 9.194   1.454   12.593  1.00 13.48 ? 1167 TYR A C   1 
ATOM   651  O O   . TYR A 1 89  ? 10.080  1.295   13.425  1.00 11.83 ? 1167 TYR A O   1 
ATOM   652  C CB  . TYR A 1 89  ? 7.674   -0.494  12.169  1.00 10.35 ? 1167 TYR A CB  1 
ATOM   653  C CG  . TYR A 1 89  ? 8.698   -1.451  12.750  1.00 14.97 ? 1167 TYR A CG  1 
ATOM   654  C CD1 . TYR A 1 89  ? 8.494   -2.042  13.991  1.00 11.36 ? 1167 TYR A CD1 1 
ATOM   655  C CD2 . TYR A 1 89  ? 9.898   -1.719  12.085  1.00 11.62 ? 1167 TYR A CD2 1 
ATOM   656  C CE1 . TYR A 1 89  ? 9.441   -2.882  14.547  1.00 15.07 ? 1167 TYR A CE1 1 
ATOM   657  C CE2 . TYR A 1 89  ? 10.852  -2.557  12.639  1.00 14.27 ? 1167 TYR A CE2 1 
ATOM   658  C CZ  . TYR A 1 89  ? 10.613  -3.138  13.867  1.00 14.29 ? 1167 TYR A CZ  1 
ATOM   659  O OH  . TYR A 1 89  ? 11.554  -3.966  14.430  1.00 18.74 ? 1167 TYR A OH  1 
ATOM   660  N N   . ASN A 1 90  ? 9.396   2.099   11.454  1.00 9.08  ? 1168 ASN A N   1 
ATOM   661  C CA  . ASN A 1 90  ? 10.744  2.466   11.057  1.00 11.86 ? 1168 ASN A CA  1 
ATOM   662  C C   . ASN A 1 90  ? 11.119  3.858   11.515  1.00 13.01 ? 1168 ASN A C   1 
ATOM   663  O O   . ASN A 1 90  ? 10.269  4.738   11.618  1.00 9.17  ? 1168 ASN A O   1 
ATOM   664  C CB  . ASN A 1 90  ? 10.893  2.367   9.544   1.00 8.60  ? 1168 ASN A CB  1 
ATOM   665  C CG  . ASN A 1 90  ? 10.662  0.969   9.032   1.00 14.23 ? 1168 ASN A CG  1 
ATOM   666  O OD1 . ASN A 1 90  ? 11.539  0.108   9.131   1.00 11.71 ? 1168 ASN A OD1 1 
ATOM   667  N ND2 . ASN A 1 90  ? 9.478   0.730   8.481   1.00 10.25 ? 1168 ASN A ND2 1 
ATOM   668  N N   . ARG A 1 91  ? 12.404  4.065   11.773  1.00 9.94  ? 1169 ARG A N   1 
ATOM   669  C CA  . ARG A 1 91  ? 12.874  5.394   12.165  1.00 9.40  ? 1169 ARG A CA  1 
ATOM   670  C C   . ARG A 1 91  ? 12.758  6.366   10.991  1.00 10.55 ? 1169 ARG A C   1 
ATOM   671  O O   . ARG A 1 91  ? 12.869  5.960   9.844   1.00 8.23  ? 1169 ARG A O   1 
ATOM   672  C CB  . ARG A 1 91  ? 14.311  5.324   12.668  1.00 8.75  ? 1169 ARG A CB  1 
ATOM   673  N N   . LYS A 1 92  ? 12.530  7.648   11.279  1.00 7.25  ? 1170 LYS A N   1 
ATOM   674  C CA  . LYS A 1 92  ? 12.283  8.653   10.239  1.00 9.13  ? 1170 LYS A CA  1 
ATOM   675  C C   . LYS A 1 92  ? 13.493  8.871   9.316   1.00 10.39 ? 1170 LYS A C   1 
ATOM   676  O O   . LYS A 1 92  ? 13.366  9.402   8.208   1.00 9.06  ? 1170 LYS A O   1 
ATOM   677  C CB  . LYS A 1 92  ? 11.884  9.990   10.873  1.00 13.72 ? 1170 LYS A CB  1 
ATOM   678  C CG  . LYS A 1 92  ? 10.509  9.997   11.520  1.00 16.94 ? 1170 LYS A CG  1 
ATOM   679  C CD  . LYS A 1 92  ? 10.090  11.412  11.888  1.00 19.21 ? 1170 LYS A CD  1 
ATOM   680  C CE  . LYS A 1 92  ? 9.023   11.399  12.962  1.00 23.08 ? 1170 LYS A CE  1 
ATOM   681  N NZ  . LYS A 1 92  ? 8.609   12.780  13.325  1.00 22.24 ? 1170 LYS A NZ  1 
ATOM   682  N N   . THR A 1 93  ? 14.670  8.478   9.777   1.00 9.87  ? 1171 THR A N   1 
ATOM   683  C CA  . THR A 1 93  ? 15.881  8.632   8.976   1.00 10.08 ? 1171 THR A CA  1 
ATOM   684  C C   . THR A 1 93  ? 16.199  7.395   8.104   1.00 10.47 ? 1171 THR A C   1 
ATOM   685  O O   . THR A 1 93  ? 17.176  7.404   7.341   1.00 8.79  ? 1171 THR A O   1 
ATOM   686  C CB  . THR A 1 93  ? 17.083  8.932   9.881   1.00 9.36  ? 1171 THR A CB  1 
ATOM   687  O OG1 . THR A 1 93  ? 17.215  7.885   10.845  1.00 9.93  ? 1171 THR A OG1 1 
ATOM   688  C CG2 . THR A 1 93  ? 16.879  10.259  10.614  1.00 12.52 ? 1171 THR A CG2 1 
ATOM   689  N N   . SER A 1 94  ? 15.385  6.342   8.220   1.00 8.47  ? 1172 SER A N   1 
ATOM   690  C CA  . SER A 1 94  ? 15.663  5.061   7.552   1.00 8.90  ? 1172 SER A CA  1 
ATOM   691  C C   . SER A 1 94  ? 15.232  5.063   6.094   1.00 6.58  ? 1172 SER A C   1 
ATOM   692  O O   . SER A 1 94  ? 14.308  5.793   5.715   1.00 8.85  ? 1172 SER A O   1 
ATOM   693  C CB  . SER A 1 94  ? 14.984  3.904   8.296   1.00 10.81 ? 1172 SER A CB  1 
ATOM   694  O OG  . SER A 1 94  ? 13.568  3.936   8.130   1.00 12.23 ? 1172 SER A OG  1 
ATOM   695  N N   . ARG A 1 95  ? 15.929  4.261   5.286   1.00 8.37  ? 1173 ARG A N   1 
ATOM   696  C CA  . ARG A 1 95  ? 15.691  4.147   3.848   1.00 6.27  ? 1173 ARG A CA  1 
ATOM   697  C C   . ARG A 1 95  ? 14.245  3.756   3.545   1.00 7.50  ? 1173 ARG A C   1 
ATOM   698  O O   . ARG A 1 95  ? 13.622  4.311   2.653   1.00 6.85  ? 1173 ARG A O   1 
ATOM   699  C CB  . ARG A 1 95  ? 16.644  3.115   3.241   1.00 6.63  ? 1173 ARG A CB  1 
ATOM   700  C CG  . ARG A 1 95  ? 16.608  2.974   1.719   1.00 9.91  ? 1173 ARG A CG  1 
ATOM   701  C CD  . ARG A 1 95  ? 17.758  2.056   1.260   1.00 12.15 ? 1173 ARG A CD  1 
ATOM   702  N NE  . ARG A 1 95  ? 17.764  1.731   -0.169  1.00 9.78  ? 1173 ARG A NE  1 
ATOM   703  C CZ  . ARG A 1 95  ? 17.118  0.699   -0.708  1.00 15.70 ? 1173 ARG A CZ  1 
ATOM   704  N NH1 . ARG A 1 95  ? 16.383  -0.100  0.051   1.00 9.12  ? 1173 ARG A NH1 1 
ATOM   705  N NH2 . ARG A 1 95  ? 17.191  0.473   -2.015  1.00 11.57 ? 1173 ARG A NH2 1 
ATOM   706  N N   . VAL A 1 96  ? 13.734  2.781   4.289   1.00 9.87  ? 1174 VAL A N   1 
ATOM   707  C CA  . VAL A 1 96  ? 12.361  2.318   4.126   1.00 6.86  ? 1174 VAL A CA  1 
ATOM   708  C C   . VAL A 1 96  ? 11.326  3.413   4.443   1.00 8.39  ? 1174 VAL A C   1 
ATOM   709  O O   . VAL A 1 96  ? 10.332  3.538   3.741   1.00 8.62  ? 1174 VAL A O   1 
ATOM   710  C CB  . VAL A 1 96  ? 12.091  1.071   5.010   1.00 7.64  ? 1174 VAL A CB  1 
ATOM   711  C CG1 . VAL A 1 96  ? 10.584  0.744   5.057   1.00 10.98 ? 1174 VAL A CG1 1 
ATOM   712  C CG2 . VAL A 1 96  ? 12.857  -0.118  4.480   1.00 14.52 ? 1174 VAL A CG2 1 
ATOM   713  N N   . TYR A 1 97  ? 11.571  4.212   5.483   1.00 8.64  ? 1175 TYR A N   1 
ATOM   714  C CA  . TYR A 1 97  ? 10.672  5.311   5.836   1.00 8.63  ? 1175 TYR A CA  1 
ATOM   715  C C   . TYR A 1 97  ? 10.652  6.371   4.730   1.00 11.88 ? 1175 TYR A C   1 
ATOM   716  O O   . TYR A 1 97  ? 9.587   6.815   4.305   1.00 7.49  ? 1175 TYR A O   1 
ATOM   717  C CB  . TYR A 1 97  ? 11.089  5.942   7.172   1.00 8.77  ? 1175 TYR A CB  1 
ATOM   718  C CG  . TYR A 1 97  ? 10.108  6.942   7.774   1.00 10.63 ? 1175 TYR A CG  1 
ATOM   719  C CD1 . TYR A 1 97  ? 9.913   8.205   7.207   1.00 7.32  ? 1175 TYR A CD1 1 
ATOM   720  C CD2 . TYR A 1 97  ? 9.418   6.642   8.942   1.00 9.98  ? 1175 TYR A CD2 1 
ATOM   721  C CE1 . TYR A 1 97  ? 9.037   9.116   7.775   1.00 12.21 ? 1175 TYR A CE1 1 
ATOM   722  C CE2 . TYR A 1 97  ? 8.537   7.555   9.523   1.00 10.32 ? 1175 TYR A CE2 1 
ATOM   723  C CZ  . TYR A 1 97  ? 8.346   8.784   8.933   1.00 18.46 ? 1175 TYR A CZ  1 
ATOM   724  O OH  . TYR A 1 97  ? 7.464   9.686   9.507   1.00 19.32 ? 1175 TYR A OH  1 
ATOM   725  N N   . LYS A 1 98  ? 11.828  6.773   4.253   1.00 6.69  ? 1176 LYS A N   1 
ATOM   726  C CA  . LYS A 1 98  ? 11.875  7.689   3.111   1.00 12.65 ? 1176 LYS A CA  1 
ATOM   727  C C   . LYS A 1 98  ? 11.159  7.118   1.874   1.00 11.27 ? 1176 LYS A C   1 
ATOM   728  O O   . LYS A 1 98  ? 10.457  7.837   1.177   1.00 8.55  ? 1176 LYS A O   1 
ATOM   729  C CB  . LYS A 1 98  ? 13.325  8.027   2.751   1.00 13.60 ? 1176 LYS A CB  1 
ATOM   730  C CG  . LYS A 1 98  ? 14.159  8.539   3.919   1.00 11.14 ? 1176 LYS A CG  1 
ATOM   731  C CD  . LYS A 1 98  ? 13.655  9.884   4.414   1.00 11.80 ? 1176 LYS A CD  1 
ATOM   732  C CE  . LYS A 1 98  ? 14.745  10.639  5.173   1.00 18.43 ? 1176 LYS A CE  1 
ATOM   733  N NZ  . LYS A 1 98  ? 14.214  11.873  5.843   1.00 17.74 ? 1176 LYS A NZ  1 
ATOM   734  N N   . PHE A 1 99  ? 11.358  5.833   1.590   1.00 11.32 ? 1177 PHE A N   1 
ATOM   735  C CA  . PHE A 1 99  ? 10.666  5.193   0.469   1.00 12.69 ? 1177 PHE A CA  1 
ATOM   736  C C   . PHE A 1 99  ? 9.147   5.264   0.652   1.00 13.51 ? 1177 PHE A C   1 
ATOM   737  O O   . PHE A 1 99  ? 8.394   5.480   -0.310  1.00 9.95  ? 1177 PHE A O   1 
ATOM   738  C CB  . PHE A 1 99  ? 11.101  3.725   0.326   1.00 16.08 ? 1177 PHE A CB  1 
ATOM   739  C CG  . PHE A 1 99  ? 12.427  3.544   -0.351  1.00 16.75 ? 1177 PHE A CG  1 
ATOM   740  C CD1 . PHE A 1 99  ? 13.215  4.635   -0.687  1.00 14.04 ? 1177 PHE A CD1 1 
ATOM   741  C CD2 . PHE A 1 99  ? 12.887  2.264   -0.663  1.00 15.28 ? 1177 PHE A CD2 1 
ATOM   742  C CE1 . PHE A 1 99  ? 14.447  4.450   -1.325  1.00 14.27 ? 1177 PHE A CE1 1 
ATOM   743  C CE2 . PHE A 1 99  ? 14.113  2.070   -1.296  1.00 15.82 ? 1177 PHE A CE2 1 
ATOM   744  C CZ  . PHE A 1 99  ? 14.897  3.168   -1.624  1.00 15.08 ? 1177 PHE A CZ  1 
ATOM   745  N N   . CYS A 1 100 ? 8.705   5.095   1.898   1.00 9.62  ? 1178 CYS A N   1 
ATOM   746  C CA  . CYS A 1 100 ? 7.279   5.106   2.230   1.00 8.62  ? 1178 CYS A CA  1 
ATOM   747  C C   . CYS A 1 100 ? 6.616   6.440   1.909   1.00 13.44 ? 1178 CYS A C   1 
ATOM   748  O O   . CYS A 1 100 ? 5.546   6.491   1.287   1.00 10.54 ? 1178 CYS A O   1 
ATOM   749  C CB  . CYS A 1 100 ? 7.080   4.791   3.713   1.00 8.24  ? 1178 CYS A CB  1 
ATOM   750  S SG  . CYS A 1 100 ? 5.354   4.545   4.201   1.00 10.88 ? 1178 CYS A SG  1 
ATOM   751  N N   . SER A 1 101 ? 7.251   7.518   2.357   1.00 13.15 ? 1179 SER A N   1 
ATOM   752  C CA  . SER A 1 101 ? 6.785   8.874   2.064   1.00 17.85 ? 1179 SER A CA  1 
ATOM   753  C C   . SER A 1 101 ? 6.686   9.118   0.550   1.00 19.91 ? 1179 SER A C   1 
ATOM   754  O O   . SER A 1 101 ? 5.759   9.778   0.077   1.00 19.25 ? 1179 SER A O   1 
ATOM   755  C CB  . SER A 1 101 ? 7.715   9.903   2.720   1.00 20.63 ? 1179 SER A CB  1 
ATOM   756  O OG  . SER A 1 101 ? 7.816   9.672   4.123   1.00 12.44 ? 1179 SER A OG  1 
ATOM   757  N N   . LYS A 1 102 ? 7.638   8.587   -0.209  1.00 13.58 ? 1180 LYS A N   1 
ATOM   758  C CA  A LYS A 1 102 ? 7.599   8.683   -1.666  0.31 15.32 ? 1180 LYS A CA  1 
ATOM   759  C CA  B LYS A 1 102 ? 7.593   8.687   -1.666  0.69 15.26 ? 1180 LYS A CA  1 
ATOM   760  C C   . LYS A 1 102 ? 6.362   7.986   -2.244  1.00 15.12 ? 1180 LYS A C   1 
ATOM   761  O O   . LYS A 1 102 ? 5.649   8.556   -3.063  1.00 14.89 ? 1180 LYS A O   1 
ATOM   762  C CB  A LYS A 1 102 ? 8.874   8.088   -2.270  0.31 16.09 ? 1180 LYS A CB  1 
ATOM   763  C CB  B LYS A 1 102 ? 8.865   8.099   -2.289  0.69 16.14 ? 1180 LYS A CB  1 
ATOM   764  C CG  A LYS A 1 102 ? 9.014   8.291   -3.773  0.31 16.96 ? 1180 LYS A CG  1 
ATOM   765  C CG  B LYS A 1 102 ? 8.864   8.105   -3.814  0.69 16.93 ? 1180 LYS A CG  1 
ATOM   766  C CD  A LYS A 1 102 ? 8.877   9.760   -4.153  0.31 20.50 ? 1180 LYS A CD  1 
ATOM   767  C CD  B LYS A 1 102 ? 8.582   9.500   -4.366  0.69 21.21 ? 1180 LYS A CD  1 
ATOM   768  C CE  A LYS A 1 102 ? 9.118   9.961   -5.639  0.31 19.18 ? 1180 LYS A CE  1 
ATOM   769  C CE  B LYS A 1 102 ? 8.478   9.491   -5.882  0.69 19.19 ? 1180 LYS A CE  1 
ATOM   770  N NZ  A LYS A 1 102 ? 8.271   9.045   -6.455  0.31 18.23 ? 1180 LYS A NZ  1 
ATOM   771  N NZ  B LYS A 1 102 ? 8.308   10.870  -6.425  0.69 14.82 ? 1180 LYS A NZ  1 
ATOM   772  N N   . LEU A 1 103 ? 6.113   6.746   -1.820  1.00 13.84 ? 1181 LEU A N   1 
ATOM   773  C CA  . LEU A 1 103 ? 4.931   6.016   -2.278  1.00 12.04 ? 1181 LEU A CA  1 
ATOM   774  C C   . LEU A 1 103 ? 3.638   6.727   -1.880  1.00 11.14 ? 1181 LEU A C   1 
ATOM   775  O O   . LEU A 1 103 ? 2.666   6.738   -2.642  1.00 13.54 ? 1181 LEU A O   1 
ATOM   776  C CB  . LEU A 1 103 ? 4.916   4.579   -1.724  1.00 11.75 ? 1181 LEU A CB  1 
ATOM   777  C CG  . LEU A 1 103 ? 6.013   3.604   -2.177  1.00 12.79 ? 1181 LEU A CG  1 
ATOM   778  C CD1 . LEU A 1 103 ? 5.729   2.177   -1.671  1.00 12.50 ? 1181 LEU A CD1 1 
ATOM   779  C CD2 . LEU A 1 103 ? 6.140   3.610   -3.684  1.00 16.52 ? 1181 LEU A CD2 1 
ATOM   780  N N   . ALA A 1 104 ? 3.630   7.310   -0.683  1.00 15.57 ? 1182 ALA A N   1 
ATOM   781  C CA  . ALA A 1 104 ? 2.447   7.993   -0.158  1.00 13.32 ? 1182 ALA A CA  1 
ATOM   782  C C   . ALA A 1 104 ? 2.155   9.261   -0.952  1.00 18.25 ? 1182 ALA A C   1 
ATOM   783  O O   . ALA A 1 104 ? 1.004   9.552   -1.273  1.00 16.42 ? 1182 ALA A O   1 
ATOM   784  C CB  . ALA A 1 104 ? 2.634   8.330   1.319   1.00 11.28 ? 1182 ALA A CB  1 
ATOM   785  N N   . GLU A 1 105 ? 3.201   10.018  -1.262  1.00 16.56 ? 1183 GLU A N   1 
ATOM   786  C CA  . GLU A 1 105 ? 3.043   11.193  -2.103  1.00 14.32 ? 1183 GLU A CA  1 
ATOM   787  C C   . GLU A 1 105 ? 2.477   10.810  -3.469  1.00 23.64 ? 1183 GLU A C   1 
ATOM   788  O O   . GLU A 1 105 ? 1.553   11.446  -3.969  1.00 29.49 ? 1183 GLU A O   1 
ATOM   789  C CB  . GLU A 1 105 ? 4.374   11.914  -2.273  1.00 16.33 ? 1183 GLU A CB  1 
ATOM   790  C CG  . GLU A 1 105 ? 4.279   13.131  -3.161  1.00 12.74 ? 1183 GLU A CG  1 
ATOM   791  C CD  . GLU A 1 105 ? 5.536   13.970  -3.097  1.00 29.29 ? 1183 GLU A CD  1 
ATOM   792  O OE1 . GLU A 1 105 ? 6.517   13.612  -3.787  1.00 25.89 ? 1183 GLU A OE1 1 
ATOM   793  O OE2 . GLU A 1 105 ? 5.547   14.967  -2.339  1.00 27.88 ? 1183 GLU A OE2 1 
ATOM   794  N N   . VAL A 1 106 ? 3.031   9.765   -4.068  1.00 20.26 ? 1184 VAL A N   1 
ATOM   795  C CA  . VAL A 1 106 ? 2.549   9.289   -5.357  1.00 22.29 ? 1184 VAL A CA  1 
ATOM   796  C C   . VAL A 1 106 ? 1.089   8.847   -5.302  1.00 18.49 ? 1184 VAL A C   1 
ATOM   797  O O   . VAL A 1 106 ? 0.304   9.194   -6.181  1.00 22.11 ? 1184 VAL A O   1 
ATOM   798  C CB  . VAL A 1 106 ? 3.423   8.132   -5.877  1.00 22.29 ? 1184 VAL A CB  1 
ATOM   799  C CG1 . VAL A 1 106 ? 2.712   7.363   -6.988  1.00 21.80 ? 1184 VAL A CG1 1 
ATOM   800  C CG2 . VAL A 1 106 ? 4.778   8.664   -6.351  1.00 13.04 ? 1184 VAL A CG2 1 
ATOM   801  N N   . PHE A 1 107 ? 0.711   8.093   -4.273  1.00 17.53 ? 1185 PHE A N   1 
ATOM   802  C CA  . PHE A 1 107 ? -0.666  7.613   -4.179  1.00 14.67 ? 1185 PHE A CA  1 
ATOM   803  C C   . PHE A 1 107 ? -1.707  8.720   -4.037  1.00 20.58 ? 1185 PHE A C   1 
ATOM   804  O O   . PHE A 1 107 ? -2.808  8.602   -4.589  1.00 16.65 ? 1185 PHE A O   1 
ATOM   805  C CB  . PHE A 1 107 ? -0.829  6.645   -3.010  1.00 18.61 ? 1185 PHE A CB  1 
ATOM   806  C CG  . PHE A 1 107 ? -2.224  6.104   -2.871  1.00 13.25 ? 1185 PHE A CG  1 
ATOM   807  C CD1 . PHE A 1 107 ? -2.729  5.220   -3.808  1.00 21.99 ? 1185 PHE A CD1 1 
ATOM   808  C CD2 . PHE A 1 107 ? -3.024  6.469   -1.805  1.00 17.58 ? 1185 PHE A CD2 1 
ATOM   809  C CE1 . PHE A 1 107 ? -4.014  4.711   -3.690  1.00 16.05 ? 1185 PHE A CE1 1 
ATOM   810  C CE2 . PHE A 1 107 ? -4.308  5.958   -1.676  1.00 15.46 ? 1185 PHE A CE2 1 
ATOM   811  C CZ  . PHE A 1 107 ? -4.802  5.082   -2.618  1.00 14.91 ? 1185 PHE A CZ  1 
ATOM   812  N N   . GLU A 1 108 ? -1.380  9.774   -3.287  1.00 18.69 ? 1186 GLU A N   1 
ATOM   813  C CA  . GLU A 1 108 ? -2.309  10.896  -3.110  1.00 19.99 ? 1186 GLU A CA  1 
ATOM   814  C C   . GLU A 1 108 ? -2.583  11.597  -4.433  1.00 24.75 ? 1186 GLU A C   1 
ATOM   815  O O   . GLU A 1 108 ? -3.735  11.906  -4.758  1.00 23.16 ? 1186 GLU A O   1 
ATOM   816  C CB  . GLU A 1 108 ? -1.773  11.912  -2.097  1.00 19.21 ? 1186 GLU A CB  1 
ATOM   817  C CG  . GLU A 1 108 ? -1.736  11.411  -0.672  1.00 16.57 ? 1186 GLU A CG  1 
ATOM   818  C CD  . GLU A 1 108 ? -3.109  11.033  -0.150  1.00 24.85 ? 1186 GLU A CD  1 
ATOM   819  O OE1 . GLU A 1 108 ? -4.041  11.867  -0.257  1.00 27.90 ? 1186 GLU A OE1 1 
ATOM   820  O OE2 . GLU A 1 108 ? -3.250  9.900   0.364   1.00 16.65 ? 1186 GLU A OE2 1 
ATOM   821  N N   . GLN A 1 109 ? -1.525  11.848  -5.196  1.00 18.82 ? 1187 GLN A N   1 
ATOM   822  C CA  . GLN A 1 109 ? -1.681  12.524  -6.484  1.00 29.57 ? 1187 GLN A CA  1 
ATOM   823  C C   . GLN A 1 109 ? -2.408  11.647  -7.519  1.00 29.66 ? 1187 GLN A C   1 
ATOM   824  O O   . GLN A 1 109 ? -2.939  12.155  -8.502  1.00 36.01 ? 1187 GLN A O   1 
ATOM   825  C CB  . GLN A 1 109 ? -0.316  12.966  -7.029  1.00 23.68 ? 1187 GLN A CB  1 
ATOM   826  N N   . GLU A 1 110 ? -2.448  10.336  -7.298  1.00 20.99 ? 1188 GLU A N   1 
ATOM   827  C CA  . GLU A 1 110 ? -3.146  9.449   -8.221  1.00 23.10 ? 1188 GLU A CA  1 
ATOM   828  C C   . GLU A 1 110 ? -4.600  9.210   -7.808  1.00 25.86 ? 1188 GLU A C   1 
ATOM   829  O O   . GLU A 1 110 ? -5.492  9.090   -8.659  1.00 21.96 ? 1188 GLU A O   1 
ATOM   830  C CB  . GLU A 1 110 ? -2.417  8.107   -8.327  1.00 21.18 ? 1188 GLU A CB  1 
ATOM   831  C CG  . GLU A 1 110 ? -1.087  8.183   -9.054  1.00 29.83 ? 1188 GLU A CG  1 
ATOM   832  C CD  . GLU A 1 110 ? -1.227  8.005   -10.553 1.00 34.33 ? 1188 GLU A CD  1 
ATOM   833  O OE1 . GLU A 1 110 ? -2.288  7.520   -11.001 1.00 34.26 ? 1188 GLU A OE1 1 
ATOM   834  O OE2 . GLU A 1 110 ? -0.273  8.344   -11.285 1.00 38.29 ? 1188 GLU A OE2 1 
ATOM   835  N N   . ILE A 1 111 ? -4.839  9.130   -6.501  1.00 25.92 ? 1189 ILE A N   1 
ATOM   836  C CA  . ILE A 1 111 ? -6.151  8.709   -6.017  1.00 25.20 ? 1189 ILE A CA  1 
ATOM   837  C C   . ILE A 1 111 ? -7.165  9.854   -6.035  1.00 26.82 ? 1189 ILE A C   1 
ATOM   838  O O   . ILE A 1 111 ? -8.377  9.609   -6.040  1.00 34.51 ? 1189 ILE A O   1 
ATOM   839  C CB  . ILE A 1 111 ? -6.072  8.114   -4.586  1.00 16.94 ? 1189 ILE A CB  1 
ATOM   840  C CG1 . ILE A 1 111 ? -7.353  7.349   -4.244  1.00 17.36 ? 1189 ILE A CG1 1 
ATOM   841  C CG2 . ILE A 1 111 ? -5.768  9.197   -3.552  1.00 17.83 ? 1189 ILE A CG2 1 
ATOM   842  C CD1 . ILE A 1 111 ? -7.711  6.272   -5.252  1.00 20.81 ? 1189 ILE A CD1 1 
ATOM   843  N N   . ASP A 1 112 ? -6.686  11.095  -6.053  1.00 26.11 ? 1190 ASP A N   1 
ATOM   844  C CA  . ASP A 1 112 ? -7.601  12.236  -6.058  1.00 30.72 ? 1190 ASP A CA  1 
ATOM   845  C C   . ASP A 1 112 ? -8.524  12.255  -7.295  1.00 32.72 ? 1190 ASP A C   1 
ATOM   846  O O   . ASP A 1 112 ? -9.745  12.215  -7.128  1.00 33.46 ? 1190 ASP A O   1 
ATOM   847  C CB  . ASP A 1 112 ? -6.832  13.555  -5.926  1.00 29.32 ? 1190 ASP A CB  1 
ATOM   848  C CG  . ASP A 1 112 ? -6.629  13.974  -4.474  1.00 29.81 ? 1190 ASP A CG  1 
ATOM   849  O OD1 . ASP A 1 112 ? -6.896  13.160  -3.562  1.00 28.53 ? 1190 ASP A OD1 1 
ATOM   850  O OD2 . ASP A 1 112 ? -6.209  15.125  -4.244  1.00 38.77 ? 1190 ASP A OD2 1 
ATOM   851  N N   . PRO A 1 113 ? -7.968  12.283  -8.529  1.00 35.73 ? 1191 PRO A N   1 
ATOM   852  C CA  . PRO A 1 113 ? -8.887  12.349  -9.678  1.00 26.87 ? 1191 PRO A CA  1 
ATOM   853  C C   . PRO A 1 113 ? -9.773  11.114  -9.821  1.00 32.75 ? 1191 PRO A C   1 
ATOM   854  O O   . PRO A 1 113 ? -10.840 11.198  -10.415 1.00 36.83 ? 1191 PRO A O   1 
ATOM   855  C CB  . PRO A 1 113 ? -7.943  12.464  -10.883 1.00 32.12 ? 1191 PRO A CB  1 
ATOM   856  C CG  . PRO A 1 113 ? -6.642  12.942  -10.318 1.00 33.79 ? 1191 PRO A CG  1 
ATOM   857  C CD  . PRO A 1 113 ? -6.561  12.275  -8.979  1.00 36.22 ? 1191 PRO A CD  1 
ATOM   858  N N   . VAL A 1 114 ? -9.331  9.981   -9.288  1.00 31.04 ? 1192 VAL A N   1 
ATOM   859  C CA  . VAL A 1 114 ? -10.126 8.760   -9.347  1.00 32.06 ? 1192 VAL A CA  1 
ATOM   860  C C   . VAL A 1 114 ? -11.368 8.875   -8.458  1.00 31.37 ? 1192 VAL A C   1 
ATOM   861  O O   . VAL A 1 114 ? -12.485 8.620   -8.908  1.00 24.68 ? 1192 VAL A O   1 
ATOM   862  C CB  . VAL A 1 114 ? -9.301  7.519   -8.927  1.00 25.72 ? 1192 VAL A CB  1 
ATOM   863  N N   . MET A 1 115 ? -11.170 9.272   -7.203  1.00 23.53 ? 1193 MET A N   1 
ATOM   864  C CA  . MET A 1 115 ? -12.269 9.343   -6.248  1.00 27.13 ? 1193 MET A CA  1 
ATOM   865  C C   . MET A 1 115 ? -13.174 10.543  -6.527  1.00 34.32 ? 1193 MET A C   1 
ATOM   866  O O   . MET A 1 115 ? -14.294 10.611  -6.028  1.00 44.41 ? 1193 MET A O   1 
ATOM   867  C CB  . MET A 1 115 ? -11.735 9.402   -4.816  1.00 28.96 ? 1193 MET A CB  1 
ATOM   868  C CG  . MET A 1 115 ? -10.837 8.239   -4.436  1.00 18.83 ? 1193 MET A CG  1 
ATOM   869  S SD  . MET A 1 115 ? -11.718 6.727   -4.006  1.00 26.45 ? 1193 MET A SD  1 
ATOM   870  C CE  . MET A 1 115 ? -12.405 7.216   -2.434  1.00 28.60 ? 1193 MET A CE  1 
ATOM   871  N N   . GLN A 1 116 ? -12.681 11.480  -7.334  1.00 43.82 ? 1194 GLN A N   1 
ATOM   872  C CA  . GLN A 1 116 ? -13.462 12.642  -7.746  1.00 40.66 ? 1194 GLN A CA  1 
ATOM   873  C C   . GLN A 1 116 ? -14.305 12.329  -8.982  1.00 48.78 ? 1194 GLN A C   1 
ATOM   874  O O   . GLN A 1 116 ? -14.582 13.208  -9.801  1.00 59.38 ? 1194 GLN A O   1 
ATOM   875  N N   . SER A 1 117 ? -14.699 11.067  -9.113  1.00 39.86 ? 1195 SER A N   1 
ATOM   876  C CA  . SER A 1 117 ? -15.589 10.633  -10.182 1.00 44.09 ? 1195 SER A CA  1 
ATOM   877  C C   . SER A 1 117 ? -16.450 9.480   -9.685  1.00 45.88 ? 1195 SER A C   1 
ATOM   878  O O   . SER A 1 117 ? -17.664 9.461   -9.893  1.00 51.24 ? 1195 SER A O   1 
ATOM   879  C CB  . SER A 1 117 ? -14.799 10.214  -11.420 1.00 46.38 ? 1195 SER A CB  1 
ATOM   880  O OG  . SER A 1 117 ? -13.966 11.263  -11.871 1.00 45.16 ? 1195 SER A OG  1 
ATOM   881  N N   . LEU A 1 118 ? -15.813 8.526   -9.013  1.00 42.47 ? 1196 LEU A N   1 
ATOM   882  C CA  . LEU A 1 118 ? -16.530 7.409   -8.409  1.00 40.84 ? 1196 LEU A CA  1 
ATOM   883  C C   . LEU A 1 118 ? -17.370 7.863   -7.210  1.00 53.58 ? 1196 LEU A C   1 
ATOM   884  O O   . LEU A 1 118 ? -17.574 9.062   -6.987  1.00 45.83 ? 1196 LEU A O   1 
ATOM   885  C CB  . LEU A 1 118 ? -15.551 6.313   -7.982  1.00 42.29 ? 1196 LEU A CB  1 
HETATM 886  C C1  . EDO B 2 .   ? -4.867  3.505   9.377   1.00 22.46 ? 1201 EDO A C1  1 
HETATM 887  O O1  . EDO B 2 .   ? -3.554  3.116   9.827   1.00 28.19 ? 1201 EDO A O1  1 
HETATM 888  C C2  . EDO B 2 .   ? -4.954  3.535   7.849   1.00 16.65 ? 1201 EDO A C2  1 
HETATM 889  O O2  . EDO B 2 .   ? -6.163  2.880   7.397   1.00 16.11 ? 1201 EDO A O2  1 
HETATM 890  C C1  . EDO C 2 .   ? 3.756   10.159  9.909   1.00 26.31 ? 1202 EDO A C1  1 
HETATM 891  O O1  . EDO C 2 .   ? 3.008   11.003  10.786  1.00 22.68 ? 1202 EDO A O1  1 
HETATM 892  C C2  . EDO C 2 .   ? 3.118   10.254  8.535   1.00 23.62 ? 1202 EDO A C2  1 
HETATM 893  O O2  . EDO C 2 .   ? 3.528   11.462  7.892   1.00 35.39 ? 1202 EDO A O2  1 
HETATM 894  C C01 . XZ8 D 3 .   ? 7.707   -2.354  4.959   1.00 8.88  ? 1203 XZ8 A C01 1 
HETATM 895  C C02 . XZ8 D 3 .   ? 8.780   -2.364  6.032   1.00 20.28 ? 1203 XZ8 A C02 1 
HETATM 896  O O03 . XZ8 D 3 .   ? 8.535   -1.832  7.102   1.00 14.59 ? 1203 XZ8 A O03 1 
HETATM 897  N N04 . XZ8 D 3 .   ? 10.068  -2.935  5.781   1.00 18.89 ? 1203 XZ8 A N04 1 
HETATM 898  C C05 . XZ8 D 3 .   ? 10.485  -3.414  4.592   1.00 19.54 ? 1203 XZ8 A C05 1 
HETATM 899  C C06 . XZ8 D 3 .   ? 11.809  -3.854  4.697   1.00 16.89 ? 1203 XZ8 A C06 1 
HETATM 900  C C07 . XZ8 D 3 .   ? 12.574  -4.413  3.666   1.00 24.72 ? 1203 XZ8 A C07 1 
HETATM 901  C C08 . XZ8 D 3 .   ? 13.871  -4.058  3.274   1.00 19.97 ? 1203 XZ8 A C08 1 
HETATM 902  C C09 . XZ8 D 3 .   ? 14.771  -2.998  3.881   1.00 21.71 ? 1203 XZ8 A C09 1 
HETATM 903  N N10 . XZ8 D 3 .   ? 14.212  -4.831  2.234   1.00 22.21 ? 1203 XZ8 A N10 1 
HETATM 904  N N11 . XZ8 D 3 .   ? 13.194  -5.663  1.940   1.00 30.01 ? 1203 XZ8 A N11 1 
HETATM 905  C C12 . XZ8 D 3 .   ? 12.183  -5.429  2.790   1.00 29.26 ? 1203 XZ8 A C12 1 
HETATM 906  O O13 . XZ8 D 3 .   ? 11.119  -6.017  2.783   1.00 29.87 ? 1203 XZ8 A O13 1 
HETATM 907  C C14 . XZ8 D 3 .   ? 12.196  -3.604  6.049   1.00 20.89 ? 1203 XZ8 A C14 1 
HETATM 908  C C15 . XZ8 D 3 .   ? 13.404  -3.829  6.770   1.00 16.32 ? 1203 XZ8 A C15 1 
HETATM 909  C C16 . XZ8 D 3 .   ? 13.495  -3.473  8.116   1.00 12.94 ? 1203 XZ8 A C16 1 
HETATM 910  C C17 . XZ8 D 3 .   ? 12.394  -2.903  8.761   1.00 16.09 ? 1203 XZ8 A C17 1 
HETATM 911  C C18 . XZ8 D 3 .   ? 11.215  -2.676  8.058   1.00 13.45 ? 1203 XZ8 A C18 1 
HETATM 912  C C19 . XZ8 D 3 .   ? 11.112  -3.035  6.686   1.00 16.45 ? 1203 XZ8 A C19 1 
HETATM 913  O O   . HOH E 4 .   ? 1.555   12.325  7.286   1.00 38.05 ? 1301 HOH A O   1 
HETATM 914  O O   . HOH E 4 .   ? 16.167  -6.257  8.125   1.00 32.87 ? 1302 HOH A O   1 
HETATM 915  O O   . HOH E 4 .   ? 10.205  14.548  12.954  1.00 14.06 ? 1303 HOH A O   1 
HETATM 916  O O   . HOH E 4 .   ? 10.654  -14.415 3.914   1.00 20.03 ? 1304 HOH A O   1 
HETATM 917  O O   . HOH E 4 .   ? 14.955  -2.782  0.861   1.00 33.43 ? 1305 HOH A O   1 
HETATM 918  O O   . HOH E 4 .   ? 5.943   8.708   11.415  1.00 21.23 ? 1306 HOH A O   1 
HETATM 919  O O   . HOH E 4 .   ? 17.453  -9.508  6.051   1.00 27.06 ? 1307 HOH A O   1 
HETATM 920  O O   . HOH E 4 .   ? 14.119  -20.798 11.067  1.00 13.21 ? 1308 HOH A O   1 
HETATM 921  O O   . HOH E 4 .   ? 0.021   -1.388  15.039  1.00 10.79 ? 1309 HOH A O   1 
HETATM 922  O O   . HOH E 4 .   ? 18.048  9.523   5.828   1.00 13.90 ? 1310 HOH A O   1 
HETATM 923  O O   . HOH E 4 .   ? 18.180  5.301   10.648  1.00 13.76 ? 1311 HOH A O   1 
HETATM 924  O O   . HOH E 4 .   ? 1.459   -12.229 -0.479  1.00 21.25 ? 1312 HOH A O   1 
HETATM 925  O O   . HOH E 4 .   ? -0.951  8.355   0.643   1.00 14.94 ? 1313 HOH A O   1 
HETATM 926  O O   . HOH E 4 .   ? -16.808 8.752   -1.258  1.00 30.41 ? 1314 HOH A O   1 
HETATM 927  O O   . HOH E 4 .   ? 7.008   -12.633 3.212   1.00 12.17 ? 1315 HOH A O   1 
HETATM 928  O O   . HOH E 4 .   ? 15.734  -2.041  -8.682  1.00 41.78 ? 1316 HOH A O   1 
HETATM 929  O O   . HOH E 4 .   ? -1.178  9.021   8.546   1.00 17.20 ? 1317 HOH A O   1 
HETATM 930  O O   . HOH E 4 .   ? 18.946  5.441   6.443   1.00 11.11 ? 1318 HOH A O   1 
HETATM 931  O O   . HOH E 4 .   ? -0.926  -11.893 0.987   1.00 27.37 ? 1319 HOH A O   1 
HETATM 932  O O   . HOH E 4 .   ? 3.828   -7.794  -5.103  1.00 16.72 ? 1320 HOH A O   1 
HETATM 933  O O   . HOH E 4 .   ? -1.061  6.298   5.080   1.00 13.56 ? 1321 HOH A O   1 
HETATM 934  O O   . HOH E 4 .   ? 9.572   -9.051  -3.938  1.00 17.90 ? 1322 HOH A O   1 
HETATM 935  O O   . HOH E 4 .   ? 15.473  12.984  8.115   1.00 19.92 ? 1323 HOH A O   1 
HETATM 936  O O   . HOH E 4 .   ? -8.058  1.339   8.825   1.00 20.35 ? 1324 HOH A O   1 
HETATM 937  O O   . HOH E 4 .   ? 6.360   -13.622 0.694   1.00 16.40 ? 1325 HOH A O   1 
HETATM 938  O O   . HOH E 4 .   ? 7.488   12.496  9.046   1.00 27.43 ? 1326 HOH A O   1 
HETATM 939  O O   . HOH E 4 .   ? 14.972  13.363  3.533   1.00 26.53 ? 1327 HOH A O   1 
HETATM 940  O O   . HOH E 4 .   ? 11.822  -16.958 5.945   1.00 21.82 ? 1328 HOH A O   1 
HETATM 941  O O   . HOH E 4 .   ? -7.421  -5.117  5.800   1.00 11.19 ? 1329 HOH A O   1 
HETATM 942  O O   . HOH E 4 .   ? -11.537 -0.363  5.642   1.00 23.97 ? 1330 HOH A O   1 
HETATM 943  O O   . HOH E 4 .   ? 3.884   -8.859  7.621   1.00 8.46  ? 1331 HOH A O   1 
HETATM 944  O O   . HOH E 4 .   ? -0.870  1.555   11.254  1.00 11.63 ? 1332 HOH A O   1 
HETATM 945  O O   . HOH E 4 .   ? 9.902   -12.671 17.470  1.00 36.78 ? 1333 HOH A O   1 
HETATM 946  O O   . HOH E 4 .   ? -8.732  11.338  -2.101  1.00 26.46 ? 1334 HOH A O   1 
HETATM 947  O O   . HOH E 4 .   ? -4.035  -8.707  11.025  1.00 25.33 ? 1335 HOH A O   1 
HETATM 948  O O   . HOH E 4 .   ? 9.882   -9.589  3.909   1.00 18.28 ? 1336 HOH A O   1 
HETATM 949  O O   . HOH E 4 .   ? -3.853  -1.380  12.523  1.00 11.16 ? 1337 HOH A O   1 
HETATM 950  O O   . HOH E 4 .   ? 12.457  7.935   14.366  1.00 18.64 ? 1338 HOH A O   1 
HETATM 951  O O   . HOH E 4 .   ? 17.989  2.400   6.715   1.00 11.20 ? 1339 HOH A O   1 
HETATM 952  O O   . HOH E 4 .   ? -0.068  10.585  10.369  1.00 18.22 ? 1340 HOH A O   1 
HETATM 953  O O   . HOH E 4 .   ? -6.827  -1.748  13.908  1.00 17.74 ? 1341 HOH A O   1 
HETATM 954  O O   . HOH E 4 .   ? 12.178  -11.644 -4.102  1.00 14.80 ? 1342 HOH A O   1 
HETATM 955  O O   . HOH E 4 .   ? -5.723  -1.346  11.814  1.00 26.70 ? 1343 HOH A O   1 
HETATM 956  O O   . HOH E 4 .   ? 8.873   -14.384 11.926  1.00 28.23 ? 1344 HOH A O   1 
HETATM 957  O O   . HOH E 4 .   ? 14.612  -4.954  -1.156  1.00 40.93 ? 1345 HOH A O   1 
HETATM 958  O O   . HOH E 4 .   ? -10.917 2.066   8.665   1.00 29.46 ? 1346 HOH A O   1 
HETATM 959  O O   . HOH E 4 .   ? -3.041  7.895   10.416  1.00 14.75 ? 1347 HOH A O   1 
HETATM 960  O O   . HOH E 4 .   ? -7.426  11.069  -0.420  1.00 28.26 ? 1348 HOH A O   1 
HETATM 961  O O   . HOH E 4 .   ? 15.551  0.884   6.599   1.00 12.59 ? 1349 HOH A O   1 
HETATM 962  O O   . HOH E 4 .   ? 11.252  -8.887  -0.465  1.00 24.73 ? 1350 HOH A O   1 
HETATM 963  O O   . HOH E 4 .   ? 9.038   16.191  14.651  1.00 21.56 ? 1351 HOH A O   1 
HETATM 964  O O   . HOH E 4 .   ? 3.231   -1.712  20.867  1.00 38.05 ? 1352 HOH A O   1 
HETATM 965  O O   . HOH E 4 .   ? 1.454   12.885  5.156   1.00 42.68 ? 1353 HOH A O   1 
HETATM 966  O O   . HOH E 4 .   ? 12.132  13.072  14.492  1.00 23.15 ? 1354 HOH A O   1 
HETATM 967  O O   . HOH E 4 .   ? 6.672   -13.962 5.083   1.00 18.71 ? 1355 HOH A O   1 
HETATM 968  O O   . HOH E 4 .   ? -6.591  1.257   11.100  1.00 21.40 ? 1356 HOH A O   1 
HETATM 969  O O   . HOH E 4 .   ? -10.741 13.168  -3.584  1.00 33.50 ? 1357 HOH A O   1 
HETATM 970  O O   . HOH E 4 .   ? 12.317  -8.570  -3.209  1.00 28.40 ? 1358 HOH A O   1 
HETATM 971  O O   . HOH E 4 .   ? 0.076   -10.092 5.672   1.00 13.68 ? 1359 HOH A O   1 
HETATM 972  O O   . HOH E 4 .   ? 9.156   12.804  17.615  1.00 27.80 ? 1360 HOH A O   1 
HETATM 973  O O   . HOH E 4 .   ? 7.399   13.811  5.668   1.00 35.97 ? 1361 HOH A O   1 
HETATM 974  O O   . HOH E 4 .   ? 17.886  -4.162  -2.163  1.00 38.03 ? 1362 HOH A O   1 
HETATM 975  O O   . HOH E 4 .   ? 17.042  2.777   11.752  1.00 19.12 ? 1363 HOH A O   1 
HETATM 976  O O   . HOH E 4 .   ? 4.439   -3.088  3.582   1.00 10.26 ? 1364 HOH A O   1 
HETATM 977  O O   . HOH E 4 .   ? 1.184   -7.531  4.482   1.00 10.10 ? 1365 HOH A O   1 
HETATM 978  O O   . HOH E 4 .   ? 10.145  10.991  4.725   1.00 16.41 ? 1366 HOH A O   1 
HETATM 979  O O   . HOH E 4 .   ? -1.045  -2.057  12.440  1.00 10.09 ? 1367 HOH A O   1 
HETATM 980  O O   . HOH E 4 .   ? 3.924   -1.706  5.811   1.00 6.52  ? 1368 HOH A O   1 
HETATM 981  O O   . HOH E 4 .   ? 11.652  11.414  6.867   1.00 16.55 ? 1369 HOH A O   1 
HETATM 982  O O   . HOH E 4 .   ? 3.503   -6.642  5.773   1.00 7.65  ? 1370 HOH A O   1 
HETATM 983  O O   . HOH E 4 .   ? 9.751   0.799   16.025  1.00 28.77 ? 1371 HOH A O   1 
HETATM 984  O O   . HOH E 4 .   ? 5.856   -1.914  7.970   1.00 9.27  ? 1372 HOH A O   1 
HETATM 985  O O   . HOH E 4 .   ? 2.872   -3.916  7.239   1.00 7.19  ? 1373 HOH A O   1 
HETATM 986  O O   . HOH E 4 .   ? 7.604   -10.148 14.927  1.00 14.65 ? 1374 HOH A O   1 
HETATM 987  O O   . HOH E 4 .   ? 6.352   -5.080  2.982   1.00 11.37 ? 1375 HOH A O   1 
HETATM 988  O O   . HOH E 4 .   ? -9.981  -1.941  3.970   1.00 17.13 ? 1376 HOH A O   1 
HETATM 989  O O   . HOH E 4 .   ? -8.012  -1.180  5.550   1.00 16.91 ? 1377 HOH A O   1 
HETATM 990  O O   . HOH E 4 .   ? 8.925   -7.352  2.387   1.00 18.11 ? 1378 HOH A O   1 
HETATM 991  O O   . HOH E 4 .   ? -3.751  -6.932  8.411   1.00 19.01 ? 1379 HOH A O   1 
HETATM 992  O O   . HOH E 4 .   ? 13.096  -11.744 14.001  1.00 20.20 ? 1380 HOH A O   1 
HETATM 993  O O   . HOH E 4 .   ? 7.450   8.789   -9.816  1.00 38.32 ? 1381 HOH A O   1 
HETATM 994  O O   . HOH E 4 .   ? -8.734  5.393   -12.601 1.00 29.01 ? 1382 HOH A O   1 
HETATM 995  O O   . HOH E 4 .   ? -12.324 -5.813  -5.180  1.00 28.02 ? 1383 HOH A O   1 
HETATM 996  O O   . HOH E 4 .   ? 9.048   -6.938  -0.232  1.00 19.87 ? 1384 HOH A O   1 
HETATM 997  O O   . HOH E 4 .   ? 10.925  -13.865 14.133  1.00 23.00 ? 1385 HOH A O   1 
HETATM 998  O O   . HOH E 4 .   ? 10.993  10.362  0.349   1.00 22.88 ? 1386 HOH A O   1 
HETATM 999  O O   . HOH E 4 .   ? 13.901  -2.267  14.055  1.00 37.17 ? 1387 HOH A O   1 
HETATM 1000 O O   . HOH E 4 .   ? -14.993 -11.923 -4.970  1.00 26.68 ? 1388 HOH A O   1 
HETATM 1001 O O   . HOH E 4 .   ? 5.107   -2.019  21.911  1.00 40.78 ? 1389 HOH A O   1 
HETATM 1002 O O   . HOH E 4 .   ? 11.137  -1.260  17.087  1.00 30.16 ? 1390 HOH A O   1 
HETATM 1003 O O   . HOH E 4 .   ? 11.464  3.364   15.980  1.00 19.57 ? 1391 HOH A O   1 
HETATM 1004 O O   . HOH E 4 .   ? -5.069  8.223   -11.266 1.00 36.30 ? 1392 HOH A O   1 
HETATM 1005 O O   . HOH E 4 .   ? -7.086  -7.991  4.883   1.00 36.53 ? 1393 HOH A O   1 
HETATM 1006 O O   . HOH E 4 .   ? -2.291  -9.051  6.177   1.00 23.13 ? 1394 HOH A O   1 
HETATM 1007 O O   . HOH E 4 .   ? 14.325  1.956   11.374  1.00 7.86  ? 1395 HOH A O   1 
HETATM 1008 O O   . HOH E 4 .   ? 14.213  0.399   9.163   1.00 16.58 ? 1396 HOH A O   1 
HETATM 1009 O O   . HOH E 4 .   ? 15.954  -12.249 14.446  1.00 25.88 ? 1397 HOH A O   1 
HETATM 1010 O O   . HOH E 4 .   ? -10.905 -4.962  3.042   1.00 30.87 ? 1398 HOH A O   1 
# 
loop_
_pdbx_poly_seq_scheme.asym_id 
_pdbx_poly_seq_scheme.entity_id 
_pdbx_poly_seq_scheme.seq_id 
_pdbx_poly_seq_scheme.mon_id 
_pdbx_poly_seq_scheme.ndb_seq_num 
_pdbx_poly_seq_scheme.pdb_seq_num 
_pdbx_poly_seq_scheme.auth_seq_num 
_pdbx_poly_seq_scheme.pdb_mon_id 
_pdbx_poly_seq_scheme.auth_mon_id 
_pdbx_poly_seq_scheme.pdb_strand_id 
_pdbx_poly_seq_scheme.pdb_ins_code 
_pdbx_poly_seq_scheme.hetero 
A 1 1   SER 1   1079 ?    ?   ?   A . n 
A 1 2   MET 2   1080 ?    ?   ?   A . n 
A 1 3   ARG 3   1081 ?    ?   ?   A . n 
A 1 4   LYS 4   1082 ?    ?   ?   A . n 
A 1 5   LYS 5   1083 ?    ?   ?   A . n 
A 1 6   ILE 6   1084 ?    ?   ?   A . n 
A 1 7   PHE 7   1085 1085 PHE PHE A . n 
A 1 8   LYS 8   1086 1086 LYS LYS A . n 
A 1 9   PRO 9   1087 1087 PRO PRO A . n 
A 1 10  GLU 10  1088 1088 GLU GLU A . n 
A 1 11  GLU 11  1089 1089 GLU GLU A . n 
A 1 12  LEU 12  1090 1090 LEU LEU A . n 
A 1 13  ARG 13  1091 1091 ARG ARG A . n 
A 1 14  GLN 14  1092 1092 GLN GLN A . n 
A 1 15  ALA 15  1093 1093 ALA ALA A . n 
A 1 16  LEU 16  1094 1094 LEU LEU A . n 
A 1 17  MET 17  1095 1095 MET MET A . n 
A 1 18  PRO 18  1096 1096 PRO PRO A . n 
A 1 19  THR 19  1097 1097 THR THR A . n 
A 1 20  LEU 20  1098 1098 LEU LEU A . n 
A 1 21  GLU 21  1099 1099 GLU GLU A . n 
A 1 22  ALA 22  1100 1100 ALA ALA A . n 
A 1 23  LEU 23  1101 1101 LEU LEU A . n 
A 1 24  TYR 24  1102 1102 TYR TYR A . n 
A 1 25  ARG 25  1103 1103 ARG ARG A . n 
A 1 26  GLN 26  1104 1104 GLN GLN A . n 
A 1 27  ASP 27  1105 1105 ASP ASP A . n 
A 1 28  PRO 28  1106 1106 PRO PRO A . n 
A 1 29  GLU 29  1107 1107 GLU GLU A . n 
A 1 30  SER 30  1108 1108 SER SER A . n 
A 1 31  LEU 31  1109 1109 LEU LEU A . n 
A 1 32  PRO 32  1110 1110 PRO PRO A . n 
A 1 33  PHE 33  1111 1111 PHE PHE A . n 
A 1 34  ARG 34  1112 1112 ARG ARG A . n 
A 1 35  GLN 35  1113 1113 GLN GLN A . n 
A 1 36  PRO 36  1114 1114 PRO PRO A . n 
A 1 37  VAL 37  1115 1115 VAL VAL A . n 
A 1 38  ASP 38  1116 1116 ASP ASP A . n 
A 1 39  PRO 39  1117 1117 PRO PRO A . n 
A 1 40  GLN 40  1118 1118 GLN GLN A . n 
A 1 41  LEU 41  1119 1119 LEU LEU A . n 
A 1 42  LEU 42  1120 1120 LEU LEU A . n 
A 1 43  GLY 43  1121 1121 GLY GLY A . n 
A 1 44  ILE 44  1122 1122 ILE ILE A . n 
A 1 45  PRO 45  1123 1123 PRO PRO A . n 
A 1 46  ASP 46  1124 1124 ASP ASP A . n 
A 1 47  TYR 47  1125 1125 TYR TYR A . n 
A 1 48  PHE 48  1126 1126 PHE PHE A . n 
A 1 49  ASP 49  1127 1127 ASP ASP A . n 
A 1 50  ILE 50  1128 1128 ILE ILE A . n 
A 1 51  VAL 51  1129 1129 VAL VAL A . n 
A 1 52  LYS 52  1130 1130 LYS LYS A . n 
A 1 53  ASN 53  1131 1131 ASN ASN A . n 
A 1 54  PRO 54  1132 1132 PRO PRO A . n 
A 1 55  MET 55  1133 1133 MET MET A . n 
A 1 56  ASP 56  1134 1134 ASP ASP A . n 
A 1 57  LEU 57  1135 1135 LEU LEU A . n 
A 1 58  SER 58  1136 1136 SER SER A . n 
A 1 59  THR 59  1137 1137 THR THR A . n 
A 1 60  ILE 60  1138 1138 ILE ILE A . n 
A 1 61  LYS 61  1139 1139 LYS LYS A . n 
A 1 62  ARG 62  1140 1140 ARG ARG A . n 
A 1 63  LYS 63  1141 1141 LYS LYS A . n 
A 1 64  LEU 64  1142 1142 LEU LEU A . n 
A 1 65  ASP 65  1143 1143 ASP ASP A . n 
A 1 66  THR 66  1144 1144 THR THR A . n 
A 1 67  GLY 67  1145 1145 GLY GLY A . n 
A 1 68  GLN 68  1146 1146 GLN GLN A . n 
A 1 69  TYR 69  1147 1147 TYR TYR A . n 
A 1 70  GLN 70  1148 1148 GLN GLN A . n 
A 1 71  GLU 71  1149 1149 GLU GLU A . n 
A 1 72  PRO 72  1150 1150 PRO PRO A . n 
A 1 73  TRP 73  1151 1151 TRP TRP A . n 
A 1 74  GLN 74  1152 1152 GLN GLN A . n 
A 1 75  TYR 75  1153 1153 TYR TYR A . n 
A 1 76  VAL 76  1154 1154 VAL VAL A . n 
A 1 77  ASP 77  1155 1155 ASP ASP A . n 
A 1 78  ASP 78  1156 1156 ASP ASP A . n 
A 1 79  VAL 79  1157 1157 VAL VAL A . n 
A 1 80  TRP 80  1158 1158 TRP TRP A . n 
A 1 81  LEU 81  1159 1159 LEU LEU A . n 
A 1 82  MET 82  1160 1160 MET MET A . n 
A 1 83  PHE 83  1161 1161 PHE PHE A . n 
A 1 84  ASN 84  1162 1162 ASN ASN A . n 
A 1 85  ASN 85  1163 1163 ASN ASN A . n 
A 1 86  ALA 86  1164 1164 ALA ALA A . n 
A 1 87  TRP 87  1165 1165 TRP TRP A . n 
A 1 88  LEU 88  1166 1166 LEU LEU A . n 
A 1 89  TYR 89  1167 1167 TYR TYR A . n 
A 1 90  ASN 90  1168 1168 ASN ASN A . n 
A 1 91  ARG 91  1169 1169 ARG ARG A . n 
A 1 92  LYS 92  1170 1170 LYS LYS A . n 
A 1 93  THR 93  1171 1171 THR THR A . n 
A 1 94  SER 94  1172 1172 SER SER A . n 
A 1 95  ARG 95  1173 1173 ARG ARG A . n 
A 1 96  VAL 96  1174 1174 VAL VAL A . n 
A 1 97  TYR 97  1175 1175 TYR TYR A . n 
A 1 98  LYS 98  1176 1176 LYS LYS A . n 
A 1 99  PHE 99  1177 1177 PHE PHE A . n 
A 1 100 CYS 100 1178 1178 CYS CYS A . n 
A 1 101 SER 101 1179 1179 SER SER A . n 
A 1 102 LYS 102 1180 1180 LYS LYS A . n 
A 1 103 LEU 103 1181 1181 LEU LEU A . n 
A 1 104 ALA 104 1182 1182 ALA ALA A . n 
A 1 105 GLU 105 1183 1183 GLU GLU A . n 
A 1 106 VAL 106 1184 1184 VAL VAL A . n 
A 1 107 PHE 107 1185 1185 PHE PHE A . n 
A 1 108 GLU 108 1186 1186 GLU GLU A . n 
A 1 109 GLN 109 1187 1187 GLN GLN A . n 
A 1 110 GLU 110 1188 1188 GLU GLU A . n 
A 1 111 ILE 111 1189 1189 ILE ILE A . n 
A 1 112 ASP 112 1190 1190 ASP ASP A . n 
A 1 113 PRO 113 1191 1191 PRO PRO A . n 
A 1 114 VAL 114 1192 1192 VAL VAL A . n 
A 1 115 MET 115 1193 1193 MET MET A . n 
A 1 116 GLN 116 1194 1194 GLN GLN A . n 
A 1 117 SER 117 1195 1195 SER SER A . n 
A 1 118 LEU 118 1196 1196 LEU LEU A . n 
A 1 119 GLY 119 1197 ?    ?   ?   A . n 
# 
loop_
_pdbx_nonpoly_scheme.asym_id 
_pdbx_nonpoly_scheme.entity_id 
_pdbx_nonpoly_scheme.mon_id 
_pdbx_nonpoly_scheme.ndb_seq_num 
_pdbx_nonpoly_scheme.pdb_seq_num 
_pdbx_nonpoly_scheme.auth_seq_num 
_pdbx_nonpoly_scheme.pdb_mon_id 
_pdbx_nonpoly_scheme.auth_mon_id 
_pdbx_nonpoly_scheme.pdb_strand_id 
_pdbx_nonpoly_scheme.pdb_ins_code 
B 2 EDO 1  1201 1  EDO EDO A . 
C 2 EDO 1  1202 2  EDO EDO A . 
D 3 XZ8 1  1203 1  XZ8 XZ8 A . 
E 4 HOH 1  1301 87 HOH HOH A . 
E 4 HOH 2  1302 94 HOH HOH A . 
E 4 HOH 3  1303 33 HOH HOH A . 
E 4 HOH 4  1304 24 HOH HOH A . 
E 4 HOH 5  1305 27 HOH HOH A . 
E 4 HOH 6  1306 26 HOH HOH A . 
E 4 HOH 7  1307 53 HOH HOH A . 
E 4 HOH 8  1308 1  HOH HOH A . 
E 4 HOH 9  1309 5  HOH HOH A . 
E 4 HOH 10 1310 14 HOH HOH A . 
E 4 HOH 11 1311 44 HOH HOH A . 
E 4 HOH 12 1312 43 HOH HOH A . 
E 4 HOH 13 1313 17 HOH HOH A . 
E 4 HOH 14 1314 34 HOH HOH A . 
E 4 HOH 15 1315 28 HOH HOH A . 
E 4 HOH 16 1316 74 HOH HOH A . 
E 4 HOH 17 1317 46 HOH HOH A . 
E 4 HOH 18 1318 47 HOH HOH A . 
E 4 HOH 19 1319 95 HOH HOH A . 
E 4 HOH 20 1320 96 HOH HOH A . 
E 4 HOH 21 1321 85 HOH HOH A . 
E 4 HOH 22 1322 68 HOH HOH A . 
E 4 HOH 23 1323 60 HOH HOH A . 
E 4 HOH 24 1324 71 HOH HOH A . 
E 4 HOH 25 1325 37 HOH HOH A . 
E 4 HOH 26 1326 58 HOH HOH A . 
E 4 HOH 27 1327 49 HOH HOH A . 
E 4 HOH 28 1328 16 HOH HOH A . 
E 4 HOH 29 1329 55 HOH HOH A . 
E 4 HOH 30 1330 48 HOH HOH A . 
E 4 HOH 31 1331 9  HOH HOH A . 
E 4 HOH 32 1332 4  HOH HOH A . 
E 4 HOH 33 1333 61 HOH HOH A . 
E 4 HOH 34 1334 42 HOH HOH A . 
E 4 HOH 35 1335 92 HOH HOH A . 
E 4 HOH 36 1336 7  HOH HOH A . 
E 4 HOH 37 1337 20 HOH HOH A . 
E 4 HOH 38 1338 66 HOH HOH A . 
E 4 HOH 39 1339 62 HOH HOH A . 
E 4 HOH 40 1340 32 HOH HOH A . 
E 4 HOH 41 1341 82 HOH HOH A . 
E 4 HOH 42 1342 25 HOH HOH A . 
E 4 HOH 43 1343 65 HOH HOH A . 
E 4 HOH 44 1344 80 HOH HOH A . 
E 4 HOH 45 1345 84 HOH HOH A . 
E 4 HOH 46 1346 75 HOH HOH A . 
E 4 HOH 47 1347 38 HOH HOH A . 
E 4 HOH 48 1348 13 HOH HOH A . 
E 4 HOH 49 1349 64 HOH HOH A . 
E 4 HOH 50 1350 54 HOH HOH A . 
E 4 HOH 51 1351 52 HOH HOH A . 
E 4 HOH 52 1352 57 HOH HOH A . 
E 4 HOH 53 1353 81 HOH HOH A . 
E 4 HOH 54 1354 56 HOH HOH A . 
E 4 HOH 55 1355 29 HOH HOH A . 
E 4 HOH 56 1356 72 HOH HOH A . 
E 4 HOH 57 1357 83 HOH HOH A . 
E 4 HOH 58 1358 70 HOH HOH A . 
E 4 HOH 59 1359 69 HOH HOH A . 
E 4 HOH 60 1360 63 HOH HOH A . 
E 4 HOH 61 1361 98 HOH HOH A . 
E 4 HOH 62 1362 97 HOH HOH A . 
E 4 HOH 63 1363 36 HOH HOH A . 
E 4 HOH 64 1364 2  HOH HOH A . 
E 4 HOH 65 1365 3  HOH HOH A . 
E 4 HOH 66 1366 6  HOH HOH A . 
E 4 HOH 67 1367 8  HOH HOH A . 
E 4 HOH 68 1368 10 HOH HOH A . 
E 4 HOH 69 1369 11 HOH HOH A . 
E 4 HOH 70 1370 12 HOH HOH A . 
E 4 HOH 71 1371 15 HOH HOH A . 
E 4 HOH 72 1372 18 HOH HOH A . 
E 4 HOH 73 1373 19 HOH HOH A . 
E 4 HOH 74 1374 21 HOH HOH A . 
E 4 HOH 75 1375 22 HOH HOH A . 
E 4 HOH 76 1376 23 HOH HOH A . 
E 4 HOH 77 1377 30 HOH HOH A . 
E 4 HOH 78 1378 31 HOH HOH A . 
E 4 HOH 79 1379 35 HOH HOH A . 
E 4 HOH 80 1380 39 HOH HOH A . 
E 4 HOH 81 1381 40 HOH HOH A . 
E 4 HOH 82 1382 41 HOH HOH A . 
E 4 HOH 83 1383 45 HOH HOH A . 
E 4 HOH 84 1384 50 HOH HOH A . 
E 4 HOH 85 1385 51 HOH HOH A . 
E 4 HOH 86 1386 59 HOH HOH A . 
E 4 HOH 87 1387 67 HOH HOH A . 
E 4 HOH 88 1388 73 HOH HOH A . 
E 4 HOH 89 1389 76 HOH HOH A . 
E 4 HOH 90 1390 77 HOH HOH A . 
E 4 HOH 91 1391 78 HOH HOH A . 
E 4 HOH 92 1392 79 HOH HOH A . 
E 4 HOH 93 1393 86 HOH HOH A . 
E 4 HOH 94 1394 88 HOH HOH A . 
E 4 HOH 95 1395 89 HOH HOH A . 
E 4 HOH 96 1396 90 HOH HOH A . 
E 4 HOH 97 1397 91 HOH HOH A . 
E 4 HOH 98 1398 93 HOH HOH A . 
# 
_pdbx_struct_assembly.id                   1 
_pdbx_struct_assembly.details              author_and_software_defined_assembly 
_pdbx_struct_assembly.method_details       PISA 
_pdbx_struct_assembly.oligomeric_details   Monomeric 
_pdbx_struct_assembly.oligomeric_count     1 
# 
_pdbx_struct_assembly_gen.assembly_id       1 
_pdbx_struct_assembly_gen.oper_expression   1 
_pdbx_struct_assembly_gen.asym_id_list      A,B,C,D,E 
# 
loop_
_pdbx_struct_assembly_prop.biol_id 
_pdbx_struct_assembly_prop.type 
_pdbx_struct_assembly_prop.value 
_pdbx_struct_assembly_prop.details 
1 'ABSA (A^2)' 300  ? 
1 MORE         4    ? 
1 'SSA (A^2)'  6530 ? 
# 
_pdbx_struct_oper_list.id                   1 
_pdbx_struct_oper_list.type                 'identity operation' 
_pdbx_struct_oper_list.name                 1_555 
_pdbx_struct_oper_list.symmetry_operation   x,y,z 
_pdbx_struct_oper_list.matrix[1][1]         1.0000000000 
_pdbx_struct_oper_list.matrix[1][2]         0.0000000000 
_pdbx_struct_oper_list.matrix[1][3]         0.0000000000 
_pdbx_struct_oper_list.vector[1]            0.0000000000 
_pdbx_struct_oper_list.matrix[2][1]         0.0000000000 
_pdbx_struct_oper_list.matrix[2][2]         1.0000000000 
_pdbx_struct_oper_list.matrix[2][3]         0.0000000000 
_pdbx_struct_oper_list.vector[2]            0.0000000000 
_pdbx_struct_oper_list.matrix[3][1]         0.0000000000 
_pdbx_struct_oper_list.matrix[3][2]         0.0000000000 
_pdbx_struct_oper_list.matrix[3][3]         1.0000000000 
_pdbx_struct_oper_list.vector[3]            0.0000000000 
# 
loop_
_pdbx_audit_revision_history.ordinal 
_pdbx_audit_revision_history.data_content_type 
_pdbx_audit_revision_history.major_revision 
_pdbx_audit_revision_history.minor_revision 
_pdbx_audit_revision_history.revision_date 
1 'Structure model' 1 0 2015-07-01 
2 'Structure model' 1 1 2023-12-20 
# 
_pdbx_audit_revision_details.ordinal             1 
_pdbx_audit_revision_details.revision_ordinal    1 
_pdbx_audit_revision_details.data_content_type   'Structure model' 
_pdbx_audit_revision_details.provider            repository 
_pdbx_audit_revision_details.type                'Initial release' 
_pdbx_audit_revision_details.description         ? 
_pdbx_audit_revision_details.details             ? 
# 
loop_
_pdbx_audit_revision_group.ordinal 
_pdbx_audit_revision_group.revision_ordinal 
_pdbx_audit_revision_group.data_content_type 
_pdbx_audit_revision_group.group 
1 2 'Structure model' 'Data collection'        
2 2 'Structure model' 'Database references'    
3 2 'Structure model' 'Refinement description' 
# 
loop_
_pdbx_audit_revision_category.ordinal 
_pdbx_audit_revision_category.revision_ordinal 
_pdbx_audit_revision_category.data_content_type 
_pdbx_audit_revision_category.category 
1 2 'Structure model' chem_comp_atom                
2 2 'Structure model' chem_comp_bond                
3 2 'Structure model' database_2                    
4 2 'Structure model' diffrn_radiation_wavelength   
5 2 'Structure model' pdbx_initial_refinement_model 
# 
loop_
_pdbx_audit_revision_item.ordinal 
_pdbx_audit_revision_item.revision_ordinal 
_pdbx_audit_revision_item.data_content_type 
_pdbx_audit_revision_item.item 
1 2 'Structure model' '_database_2.pdbx_DOI'                
2 2 'Structure model' '_database_2.pdbx_database_accession' 
# 
_pdbx_phasing_MR.entry_id                     4TS8 
_pdbx_phasing_MR.method_rotation              ? 
_pdbx_phasing_MR.method_translation           ? 
_pdbx_phasing_MR.model_details                'Phaser MODE: MR_AUTO' 
_pdbx_phasing_MR.R_factor                     ? 
_pdbx_phasing_MR.R_rigid_body                 ? 
_pdbx_phasing_MR.correlation_coeff_Fo_to_Fc   ? 
_pdbx_phasing_MR.correlation_coeff_Io_to_Ic   ? 
_pdbx_phasing_MR.d_res_high_rotation          2.000 
_pdbx_phasing_MR.d_res_low_rotation           35.840 
_pdbx_phasing_MR.d_res_high_translation       2.000 
_pdbx_phasing_MR.d_res_low_translation        35.840 
_pdbx_phasing_MR.packing                      ? 
_pdbx_phasing_MR.reflns_percent_rotation      ? 
_pdbx_phasing_MR.reflns_percent_translation   ? 
_pdbx_phasing_MR.sigma_F_rotation             ? 
_pdbx_phasing_MR.sigma_F_translation          ? 
_pdbx_phasing_MR.sigma_I_rotation             ? 
_pdbx_phasing_MR.sigma_I_translation          ? 
# 
_phasing.method   MR 
# 
loop_
_software.citation_id 
_software.classification 
_software.compiler_name 
_software.compiler_version 
_software.contact_author 
_software.contact_author_email 
_software.date 
_software.description 
_software.dependencies 
_software.hardware 
_software.language 
_software.location 
_software.mods 
_software.name 
_software.os 
_software.os_version 
_software.type 
_software.version 
_software.pdbx_ordinal 
? 'data scaling'    ? ? ? ? ? ? ? ? ? ? ? SCALA       ? ? ? 3.3.21                                     1 
? 'data reduction'  ? ? ? ? ? ? ? ? ? ? ? XDS         ? ? ? 'VERSION January 10, 2014  BUILT=20140115' 2 
? 'model building'  ? ? ? ? ? ? ? ? ? ? ? Coot        ? ? ? 0.8-pre                                    3 
? 'data extraction' ? ? ? ? ? ? ? ? ? ? ? PDB_EXTRACT ? ? ? 3.14                                       4 
? phasing           ? ? ? ? ? ? ? ? ? ? ? PHASER      ? ? ? 2.5.6                                      5 
? refinement        ? ? ? ? ? ? ? ? ? ? ? PHENIX      ? ? ? '(phenix.refine: 1.9_1692)'                6 
? 'data reduction'  ? ? ? ? ? ? ? ? ? ? ? XSCALE      ? ? ? .                                          7 
# 
loop_
_pdbx_validate_close_contact.id 
_pdbx_validate_close_contact.PDB_model_num 
_pdbx_validate_close_contact.auth_atom_id_1 
_pdbx_validate_close_contact.auth_asym_id_1 
_pdbx_validate_close_contact.auth_comp_id_1 
_pdbx_validate_close_contact.auth_seq_id_1 
_pdbx_validate_close_contact.PDB_ins_code_1 
_pdbx_validate_close_contact.label_alt_id_1 
_pdbx_validate_close_contact.auth_atom_id_2 
_pdbx_validate_close_contact.auth_asym_id_2 
_pdbx_validate_close_contact.auth_comp_id_2 
_pdbx_validate_close_contact.auth_seq_id_2 
_pdbx_validate_close_contact.PDB_ins_code_2 
_pdbx_validate_close_contact.label_alt_id_2 
_pdbx_validate_close_contact.dist 
1 1 O A HOH 1337 ? ? O A HOH 1343 ? ? 2.00 
2 1 O A HOH 1334 ? ? O A HOH 1348 ? ? 2.15 
3 1 O A HOH 1352 ? ? O A HOH 1389 ? ? 2.17 
# 
_pdbx_validate_torsion.id              1 
_pdbx_validate_torsion.PDB_model_num   1 
_pdbx_validate_torsion.auth_comp_id    SER 
_pdbx_validate_torsion.auth_asym_id    A 
_pdbx_validate_torsion.auth_seq_id     1195 
_pdbx_validate_torsion.PDB_ins_code    ? 
_pdbx_validate_torsion.label_alt_id    ? 
_pdbx_validate_torsion.phi             -148.28 
_pdbx_validate_torsion.psi             -45.50 
# 
loop_
_pdbx_unobs_or_zero_occ_atoms.id 
_pdbx_unobs_or_zero_occ_atoms.PDB_model_num 
_pdbx_unobs_or_zero_occ_atoms.polymer_flag 
_pdbx_unobs_or_zero_occ_atoms.occupancy_flag 
_pdbx_unobs_or_zero_occ_atoms.auth_asym_id 
_pdbx_unobs_or_zero_occ_atoms.auth_comp_id 
_pdbx_unobs_or_zero_occ_atoms.auth_seq_id 
_pdbx_unobs_or_zero_occ_atoms.PDB_ins_code 
_pdbx_unobs_or_zero_occ_atoms.auth_atom_id 
_pdbx_unobs_or_zero_occ_atoms.label_alt_id 
_pdbx_unobs_or_zero_occ_atoms.label_asym_id 
_pdbx_unobs_or_zero_occ_atoms.label_comp_id 
_pdbx_unobs_or_zero_occ_atoms.label_seq_id 
_pdbx_unobs_or_zero_occ_atoms.label_atom_id 
1  1 Y 1 A LYS 1086 ? CB  ? A LYS 8   CB  
2  1 Y 1 A LYS 1086 ? CG  ? A LYS 8   CG  
3  1 Y 1 A LYS 1086 ? CD  ? A LYS 8   CD  
4  1 Y 1 A LYS 1086 ? CE  ? A LYS 8   CE  
5  1 Y 1 A LYS 1086 ? NZ  ? A LYS 8   NZ  
6  1 Y 1 A GLU 1088 ? CB  ? A GLU 10  CB  
7  1 Y 1 A GLU 1088 ? CG  ? A GLU 10  CG  
8  1 Y 1 A GLU 1088 ? CD  ? A GLU 10  CD  
9  1 Y 1 A GLU 1088 ? OE1 ? A GLU 10  OE1 
10 1 Y 1 A GLU 1088 ? OE2 ? A GLU 10  OE2 
11 1 Y 1 A GLU 1089 ? CB  ? A GLU 11  CB  
12 1 Y 1 A GLU 1089 ? CG  ? A GLU 11  CG  
13 1 Y 1 A GLU 1089 ? CD  ? A GLU 11  CD  
14 1 Y 1 A GLU 1089 ? OE1 ? A GLU 11  OE1 
15 1 Y 1 A GLU 1089 ? OE2 ? A GLU 11  OE2 
16 1 Y 1 A ARG 1091 ? CB  ? A ARG 13  CB  
17 1 Y 1 A ARG 1091 ? CG  ? A ARG 13  CG  
18 1 Y 1 A ARG 1091 ? CD  ? A ARG 13  CD  
19 1 Y 1 A ARG 1091 ? NE  ? A ARG 13  NE  
20 1 Y 1 A ARG 1091 ? CZ  ? A ARG 13  CZ  
21 1 Y 1 A ARG 1091 ? NH1 ? A ARG 13  NH1 
22 1 Y 1 A ARG 1091 ? NH2 ? A ARG 13  NH2 
23 1 Y 1 A GLN 1092 ? CG  ? A GLN 14  CG  
24 1 Y 1 A GLN 1092 ? CD  ? A GLN 14  CD  
25 1 Y 1 A GLN 1092 ? OE1 ? A GLN 14  OE1 
26 1 Y 1 A GLN 1092 ? NE2 ? A GLN 14  NE2 
27 1 Y 1 A MET 1095 ? CB  ? A MET 17  CB  
28 1 Y 1 A MET 1095 ? CG  ? A MET 17  CG  
29 1 Y 1 A MET 1095 ? SD  ? A MET 17  SD  
30 1 Y 1 A MET 1095 ? CE  ? A MET 17  CE  
31 1 Y 1 A GLU 1099 ? CG  ? A GLU 21  CG  
32 1 Y 1 A GLU 1099 ? CD  ? A GLU 21  CD  
33 1 Y 1 A GLU 1099 ? OE1 ? A GLU 21  OE1 
34 1 Y 1 A GLU 1099 ? OE2 ? A GLU 21  OE2 
35 1 Y 1 A ARG 1103 ? CG  ? A ARG 25  CG  
36 1 Y 1 A ARG 1103 ? CD  ? A ARG 25  CD  
37 1 Y 1 A ARG 1103 ? NE  ? A ARG 25  NE  
38 1 Y 1 A ARG 1103 ? CZ  ? A ARG 25  CZ  
39 1 Y 1 A ARG 1103 ? NH1 ? A ARG 25  NH1 
40 1 Y 1 A ARG 1103 ? NH2 ? A ARG 25  NH2 
41 1 Y 1 A LYS 1139 ? CE  ? A LYS 61  CE  
42 1 Y 1 A LYS 1139 ? NZ  ? A LYS 61  NZ  
43 1 Y 1 A GLN 1148 ? CG  ? A GLN 70  CG  
44 1 Y 1 A GLN 1148 ? CD  ? A GLN 70  CD  
45 1 Y 1 A GLN 1148 ? OE1 ? A GLN 70  OE1 
46 1 Y 1 A GLN 1148 ? NE2 ? A GLN 70  NE2 
47 1 Y 1 A ARG 1169 ? CG  ? A ARG 91  CG  
48 1 Y 1 A ARG 1169 ? CD  ? A ARG 91  CD  
49 1 Y 1 A ARG 1169 ? NE  ? A ARG 91  NE  
50 1 Y 1 A ARG 1169 ? CZ  ? A ARG 91  CZ  
51 1 Y 1 A ARG 1169 ? NH1 ? A ARG 91  NH1 
52 1 Y 1 A ARG 1169 ? NH2 ? A ARG 91  NH2 
53 1 Y 1 A GLN 1187 ? CG  ? A GLN 109 CG  
54 1 Y 1 A GLN 1187 ? CD  ? A GLN 109 CD  
55 1 Y 1 A GLN 1187 ? OE1 ? A GLN 109 OE1 
56 1 Y 1 A GLN 1187 ? NE2 ? A GLN 109 NE2 
57 1 Y 1 A VAL 1192 ? CG1 ? A VAL 114 CG1 
58 1 Y 1 A VAL 1192 ? CG2 ? A VAL 114 CG2 
59 1 Y 1 A GLN 1194 ? CB  ? A GLN 116 CB  
60 1 Y 1 A GLN 1194 ? CG  ? A GLN 116 CG  
61 1 Y 1 A GLN 1194 ? CD  ? A GLN 116 CD  
62 1 Y 1 A GLN 1194 ? OE1 ? A GLN 116 OE1 
63 1 Y 1 A GLN 1194 ? NE2 ? A GLN 116 NE2 
64 1 Y 1 A LEU 1196 ? CG  ? A LEU 118 CG  
65 1 Y 1 A LEU 1196 ? CD1 ? A LEU 118 CD1 
66 1 Y 1 A LEU 1196 ? CD2 ? A LEU 118 CD2 
# 
loop_
_pdbx_unobs_or_zero_occ_residues.id 
_pdbx_unobs_or_zero_occ_residues.PDB_model_num 
_pdbx_unobs_or_zero_occ_residues.polymer_flag 
_pdbx_unobs_or_zero_occ_residues.occupancy_flag 
_pdbx_unobs_or_zero_occ_residues.auth_asym_id 
_pdbx_unobs_or_zero_occ_residues.auth_comp_id 
_pdbx_unobs_or_zero_occ_residues.auth_seq_id 
_pdbx_unobs_or_zero_occ_residues.PDB_ins_code 
_pdbx_unobs_or_zero_occ_residues.label_asym_id 
_pdbx_unobs_or_zero_occ_residues.label_comp_id 
_pdbx_unobs_or_zero_occ_residues.label_seq_id 
1 1 Y 1 A SER 1079 ? A SER 1   
2 1 Y 1 A MET 1080 ? A MET 2   
3 1 Y 1 A ARG 1081 ? A ARG 3   
4 1 Y 1 A LYS 1082 ? A LYS 4   
5 1 Y 1 A LYS 1083 ? A LYS 5   
6 1 Y 1 A ILE 1084 ? A ILE 6   
7 1 Y 1 A GLY 1197 ? A GLY 119 
# 
loop_
_chem_comp_atom.comp_id 
_chem_comp_atom.atom_id 
_chem_comp_atom.type_symbol 
_chem_comp_atom.pdbx_aromatic_flag 
_chem_comp_atom.pdbx_stereo_config 
_chem_comp_atom.pdbx_ordinal 
ALA N    N N N 1   
ALA CA   C N S 2   
ALA C    C N N 3   
ALA O    O N N 4   
ALA CB   C N N 5   
ALA OXT  O N N 6   
ALA H    H N N 7   
ALA H2   H N N 8   
ALA HA   H N N 9   
ALA HB1  H N N 10  
ALA HB2  H N N 11  
ALA HB3  H N N 12  
ALA HXT  H N N 13  
ARG N    N N N 14  
ARG CA   C N S 15  
ARG C    C N N 16  
ARG O    O N N 17  
ARG CB   C N N 18  
ARG CG   C N N 19  
ARG CD   C N N 20  
ARG NE   N N N 21  
ARG CZ   C N N 22  
ARG NH1  N N N 23  
ARG NH2  N N N 24  
ARG OXT  O N N 25  
ARG H    H N N 26  
ARG H2   H N N 27  
ARG HA   H N N 28  
ARG HB2  H N N 29  
ARG HB3  H N N 30  
ARG HG2  H N N 31  
ARG HG3  H N N 32  
ARG HD2  H N N 33  
ARG HD3  H N N 34  
ARG HE   H N N 35  
ARG HH11 H N N 36  
ARG HH12 H N N 37  
ARG HH21 H N N 38  
ARG HH22 H N N 39  
ARG HXT  H N N 40  
ASN N    N N N 41  
ASN CA   C N S 42  
ASN C    C N N 43  
ASN O    O N N 44  
ASN CB   C N N 45  
ASN CG   C N N 46  
ASN OD1  O N N 47  
ASN ND2  N N N 48  
ASN OXT  O N N 49  
ASN H    H N N 50  
ASN H2   H N N 51  
ASN HA   H N N 52  
ASN HB2  H N N 53  
ASN HB3  H N N 54  
ASN HD21 H N N 55  
ASN HD22 H N N 56  
ASN HXT  H N N 57  
ASP N    N N N 58  
ASP CA   C N S 59  
ASP C    C N N 60  
ASP O    O N N 61  
ASP CB   C N N 62  
ASP CG   C N N 63  
ASP OD1  O N N 64  
ASP OD2  O N N 65  
ASP OXT  O N N 66  
ASP H    H N N 67  
ASP H2   H N N 68  
ASP HA   H N N 69  
ASP HB2  H N N 70  
ASP HB3  H N N 71  
ASP HD2  H N N 72  
ASP HXT  H N N 73  
CYS N    N N N 74  
CYS CA   C N R 75  
CYS C    C N N 76  
CYS O    O N N 77  
CYS CB   C N N 78  
CYS SG   S N N 79  
CYS OXT  O N N 80  
CYS H    H N N 81  
CYS H2   H N N 82  
CYS HA   H N N 83  
CYS HB2  H N N 84  
CYS HB3  H N N 85  
CYS HG   H N N 86  
CYS HXT  H N N 87  
EDO C1   C N N 88  
EDO O1   O N N 89  
EDO C2   C N N 90  
EDO O2   O N N 91  
EDO H11  H N N 92  
EDO H12  H N N 93  
EDO HO1  H N N 94  
EDO H21  H N N 95  
EDO H22  H N N 96  
EDO HO2  H N N 97  
GLN N    N N N 98  
GLN CA   C N S 99  
GLN C    C N N 100 
GLN O    O N N 101 
GLN CB   C N N 102 
GLN CG   C N N 103 
GLN CD   C N N 104 
GLN OE1  O N N 105 
GLN NE2  N N N 106 
GLN OXT  O N N 107 
GLN H    H N N 108 
GLN H2   H N N 109 
GLN HA   H N N 110 
GLN HB2  H N N 111 
GLN HB3  H N N 112 
GLN HG2  H N N 113 
GLN HG3  H N N 114 
GLN HE21 H N N 115 
GLN HE22 H N N 116 
GLN HXT  H N N 117 
GLU N    N N N 118 
GLU CA   C N S 119 
GLU C    C N N 120 
GLU O    O N N 121 
GLU CB   C N N 122 
GLU CG   C N N 123 
GLU CD   C N N 124 
GLU OE1  O N N 125 
GLU OE2  O N N 126 
GLU OXT  O N N 127 
GLU H    H N N 128 
GLU H2   H N N 129 
GLU HA   H N N 130 
GLU HB2  H N N 131 
GLU HB3  H N N 132 
GLU HG2  H N N 133 
GLU HG3  H N N 134 
GLU HE2  H N N 135 
GLU HXT  H N N 136 
GLY N    N N N 137 
GLY CA   C N N 138 
GLY C    C N N 139 
GLY O    O N N 140 
GLY OXT  O N N 141 
GLY H    H N N 142 
GLY H2   H N N 143 
GLY HA2  H N N 144 
GLY HA3  H N N 145 
GLY HXT  H N N 146 
HOH O    O N N 147 
HOH H1   H N N 148 
HOH H2   H N N 149 
ILE N    N N N 150 
ILE CA   C N S 151 
ILE C    C N N 152 
ILE O    O N N 153 
ILE CB   C N S 154 
ILE CG1  C N N 155 
ILE CG2  C N N 156 
ILE CD1  C N N 157 
ILE OXT  O N N 158 
ILE H    H N N 159 
ILE H2   H N N 160 
ILE HA   H N N 161 
ILE HB   H N N 162 
ILE HG12 H N N 163 
ILE HG13 H N N 164 
ILE HG21 H N N 165 
ILE HG22 H N N 166 
ILE HG23 H N N 167 
ILE HD11 H N N 168 
ILE HD12 H N N 169 
ILE HD13 H N N 170 
ILE HXT  H N N 171 
LEU N    N N N 172 
LEU CA   C N S 173 
LEU C    C N N 174 
LEU O    O N N 175 
LEU CB   C N N 176 
LEU CG   C N N 177 
LEU CD1  C N N 178 
LEU CD2  C N N 179 
LEU OXT  O N N 180 
LEU H    H N N 181 
LEU H2   H N N 182 
LEU HA   H N N 183 
LEU HB2  H N N 184 
LEU HB3  H N N 185 
LEU HG   H N N 186 
LEU HD11 H N N 187 
LEU HD12 H N N 188 
LEU HD13 H N N 189 
LEU HD21 H N N 190 
LEU HD22 H N N 191 
LEU HD23 H N N 192 
LEU HXT  H N N 193 
LYS N    N N N 194 
LYS CA   C N S 195 
LYS C    C N N 196 
LYS O    O N N 197 
LYS CB   C N N 198 
LYS CG   C N N 199 
LYS CD   C N N 200 
LYS CE   C N N 201 
LYS NZ   N N N 202 
LYS OXT  O N N 203 
LYS H    H N N 204 
LYS H2   H N N 205 
LYS HA   H N N 206 
LYS HB2  H N N 207 
LYS HB3  H N N 208 
LYS HG2  H N N 209 
LYS HG3  H N N 210 
LYS HD2  H N N 211 
LYS HD3  H N N 212 
LYS HE2  H N N 213 
LYS HE3  H N N 214 
LYS HZ1  H N N 215 
LYS HZ2  H N N 216 
LYS HZ3  H N N 217 
LYS HXT  H N N 218 
MET N    N N N 219 
MET CA   C N S 220 
MET C    C N N 221 
MET O    O N N 222 
MET CB   C N N 223 
MET CG   C N N 224 
MET SD   S N N 225 
MET CE   C N N 226 
MET OXT  O N N 227 
MET H    H N N 228 
MET H2   H N N 229 
MET HA   H N N 230 
MET HB2  H N N 231 
MET HB3  H N N 232 
MET HG2  H N N 233 
MET HG3  H N N 234 
MET HE1  H N N 235 
MET HE2  H N N 236 
MET HE3  H N N 237 
MET HXT  H N N 238 
PHE N    N N N 239 
PHE CA   C N S 240 
PHE C    C N N 241 
PHE O    O N N 242 
PHE CB   C N N 243 
PHE CG   C Y N 244 
PHE CD1  C Y N 245 
PHE CD2  C Y N 246 
PHE CE1  C Y N 247 
PHE CE2  C Y N 248 
PHE CZ   C Y N 249 
PHE OXT  O N N 250 
PHE H    H N N 251 
PHE H2   H N N 252 
PHE HA   H N N 253 
PHE HB2  H N N 254 
PHE HB3  H N N 255 
PHE HD1  H N N 256 
PHE HD2  H N N 257 
PHE HE1  H N N 258 
PHE HE2  H N N 259 
PHE HZ   H N N 260 
PHE HXT  H N N 261 
PRO N    N N N 262 
PRO CA   C N S 263 
PRO C    C N N 264 
PRO O    O N N 265 
PRO CB   C N N 266 
PRO CG   C N N 267 
PRO CD   C N N 268 
PRO OXT  O N N 269 
PRO H    H N N 270 
PRO HA   H N N 271 
PRO HB2  H N N 272 
PRO HB3  H N N 273 
PRO HG2  H N N 274 
PRO HG3  H N N 275 
PRO HD2  H N N 276 
PRO HD3  H N N 277 
PRO HXT  H N N 278 
SER N    N N N 279 
SER CA   C N S 280 
SER C    C N N 281 
SER O    O N N 282 
SER CB   C N N 283 
SER OG   O N N 284 
SER OXT  O N N 285 
SER H    H N N 286 
SER H2   H N N 287 
SER HA   H N N 288 
SER HB2  H N N 289 
SER HB3  H N N 290 
SER HG   H N N 291 
SER HXT  H N N 292 
THR N    N N N 293 
THR CA   C N S 294 
THR C    C N N 295 
THR O    O N N 296 
THR CB   C N R 297 
THR OG1  O N N 298 
THR CG2  C N N 299 
THR OXT  O N N 300 
THR H    H N N 301 
THR H2   H N N 302 
THR HA   H N N 303 
THR HB   H N N 304 
THR HG1  H N N 305 
THR HG21 H N N 306 
THR HG22 H N N 307 
THR HG23 H N N 308 
THR HXT  H N N 309 
TRP N    N N N 310 
TRP CA   C N S 311 
TRP C    C N N 312 
TRP O    O N N 313 
TRP CB   C N N 314 
TRP CG   C Y N 315 
TRP CD1  C Y N 316 
TRP CD2  C Y N 317 
TRP NE1  N Y N 318 
TRP CE2  C Y N 319 
TRP CE3  C Y N 320 
TRP CZ2  C Y N 321 
TRP CZ3  C Y N 322 
TRP CH2  C Y N 323 
TRP OXT  O N N 324 
TRP H    H N N 325 
TRP H2   H N N 326 
TRP HA   H N N 327 
TRP HB2  H N N 328 
TRP HB3  H N N 329 
TRP HD1  H N N 330 
TRP HE1  H N N 331 
TRP HE3  H N N 332 
TRP HZ2  H N N 333 
TRP HZ3  H N N 334 
TRP HH2  H N N 335 
TRP HXT  H N N 336 
TYR N    N N N 337 
TYR CA   C N S 338 
TYR C    C N N 339 
TYR O    O N N 340 
TYR CB   C N N 341 
TYR CG   C Y N 342 
TYR CD1  C Y N 343 
TYR CD2  C Y N 344 
TYR CE1  C Y N 345 
TYR CE2  C Y N 346 
TYR CZ   C Y N 347 
TYR OH   O N N 348 
TYR OXT  O N N 349 
TYR H    H N N 350 
TYR H2   H N N 351 
TYR HA   H N N 352 
TYR HB2  H N N 353 
TYR HB3  H N N 354 
TYR HD1  H N N 355 
TYR HD2  H N N 356 
TYR HE1  H N N 357 
TYR HE2  H N N 358 
TYR HH   H N N 359 
TYR HXT  H N N 360 
VAL N    N N N 361 
VAL CA   C N S 362 
VAL C    C N N 363 
VAL O    O N N 364 
VAL CB   C N N 365 
VAL CG1  C N N 366 
VAL CG2  C N N 367 
VAL OXT  O N N 368 
VAL H    H N N 369 
VAL H2   H N N 370 
VAL HA   H N N 371 
VAL HB   H N N 372 
VAL HG11 H N N 373 
VAL HG12 H N N 374 
VAL HG13 H N N 375 
VAL HG21 H N N 376 
VAL HG22 H N N 377 
VAL HG23 H N N 378 
VAL HXT  H N N 379 
XZ8 C01  C N N 380 
XZ8 C02  C N N 381 
XZ8 O03  O N N 382 
XZ8 N04  N Y N 383 
XZ8 C05  C Y N 384 
XZ8 C06  C Y N 385 
XZ8 C07  C N N 386 
XZ8 C08  C N N 387 
XZ8 C09  C N N 388 
XZ8 N10  N N N 389 
XZ8 N11  N N N 390 
XZ8 C12  C N N 391 
XZ8 O13  O N N 392 
XZ8 C14  C Y N 393 
XZ8 C15  C Y N 394 
XZ8 C16  C Y N 395 
XZ8 C17  C Y N 396 
XZ8 C18  C Y N 397 
XZ8 C19  C Y N 398 
XZ8 H1   H N N 399 
XZ8 H2   H N N 400 
XZ8 H3   H N N 401 
XZ8 H4   H N N 402 
XZ8 H6   H N N 403 
XZ8 H7   H N N 404 
XZ8 H8   H N N 405 
XZ8 H9   H N N 406 
XZ8 H10  H N N 407 
XZ8 H11  H N N 408 
XZ8 H12  H N N 409 
XZ8 H13  H N N 410 
XZ8 H5   H N N 411 
# 
loop_
_chem_comp_bond.comp_id 
_chem_comp_bond.atom_id_1 
_chem_comp_bond.atom_id_2 
_chem_comp_bond.value_order 
_chem_comp_bond.pdbx_aromatic_flag 
_chem_comp_bond.pdbx_stereo_config 
_chem_comp_bond.pdbx_ordinal 
ALA N   CA   sing N N 1   
ALA N   H    sing N N 2   
ALA N   H2   sing N N 3   
ALA CA  C    sing N N 4   
ALA CA  CB   sing N N 5   
ALA CA  HA   sing N N 6   
ALA C   O    doub N N 7   
ALA C   OXT  sing N N 8   
ALA CB  HB1  sing N N 9   
ALA CB  HB2  sing N N 10  
ALA CB  HB3  sing N N 11  
ALA OXT HXT  sing N N 12  
ARG N   CA   sing N N 13  
ARG N   H    sing N N 14  
ARG N   H2   sing N N 15  
ARG CA  C    sing N N 16  
ARG CA  CB   sing N N 17  
ARG CA  HA   sing N N 18  
ARG C   O    doub N N 19  
ARG C   OXT  sing N N 20  
ARG CB  CG   sing N N 21  
ARG CB  HB2  sing N N 22  
ARG CB  HB3  sing N N 23  
ARG CG  CD   sing N N 24  
ARG CG  HG2  sing N N 25  
ARG CG  HG3  sing N N 26  
ARG CD  NE   sing N N 27  
ARG CD  HD2  sing N N 28  
ARG CD  HD3  sing N N 29  
ARG NE  CZ   sing N N 30  
ARG NE  HE   sing N N 31  
ARG CZ  NH1  sing N N 32  
ARG CZ  NH2  doub N N 33  
ARG NH1 HH11 sing N N 34  
ARG NH1 HH12 sing N N 35  
ARG NH2 HH21 sing N N 36  
ARG NH2 HH22 sing N N 37  
ARG OXT HXT  sing N N 38  
ASN N   CA   sing N N 39  
ASN N   H    sing N N 40  
ASN N   H2   sing N N 41  
ASN CA  C    sing N N 42  
ASN CA  CB   sing N N 43  
ASN CA  HA   sing N N 44  
ASN C   O    doub N N 45  
ASN C   OXT  sing N N 46  
ASN CB  CG   sing N N 47  
ASN CB  HB2  sing N N 48  
ASN CB  HB3  sing N N 49  
ASN CG  OD1  doub N N 50  
ASN CG  ND2  sing N N 51  
ASN ND2 HD21 sing N N 52  
ASN ND2 HD22 sing N N 53  
ASN OXT HXT  sing N N 54  
ASP N   CA   sing N N 55  
ASP N   H    sing N N 56  
ASP N   H2   sing N N 57  
ASP CA  C    sing N N 58  
ASP CA  CB   sing N N 59  
ASP CA  HA   sing N N 60  
ASP C   O    doub N N 61  
ASP C   OXT  sing N N 62  
ASP CB  CG   sing N N 63  
ASP CB  HB2  sing N N 64  
ASP CB  HB3  sing N N 65  
ASP CG  OD1  doub N N 66  
ASP CG  OD2  sing N N 67  
ASP OD2 HD2  sing N N 68  
ASP OXT HXT  sing N N 69  
CYS N   CA   sing N N 70  
CYS N   H    sing N N 71  
CYS N   H2   sing N N 72  
CYS CA  C    sing N N 73  
CYS CA  CB   sing N N 74  
CYS CA  HA   sing N N 75  
CYS C   O    doub N N 76  
CYS C   OXT  sing N N 77  
CYS CB  SG   sing N N 78  
CYS CB  HB2  sing N N 79  
CYS CB  HB3  sing N N 80  
CYS SG  HG   sing N N 81  
CYS OXT HXT  sing N N 82  
EDO C1  O1   sing N N 83  
EDO C1  C2   sing N N 84  
EDO C1  H11  sing N N 85  
EDO C1  H12  sing N N 86  
EDO O1  HO1  sing N N 87  
EDO C2  O2   sing N N 88  
EDO C2  H21  sing N N 89  
EDO C2  H22  sing N N 90  
EDO O2  HO2  sing N N 91  
GLN N   CA   sing N N 92  
GLN N   H    sing N N 93  
GLN N   H2   sing N N 94  
GLN CA  C    sing N N 95  
GLN CA  CB   sing N N 96  
GLN CA  HA   sing N N 97  
GLN C   O    doub N N 98  
GLN C   OXT  sing N N 99  
GLN CB  CG   sing N N 100 
GLN CB  HB2  sing N N 101 
GLN CB  HB3  sing N N 102 
GLN CG  CD   sing N N 103 
GLN CG  HG2  sing N N 104 
GLN CG  HG3  sing N N 105 
GLN CD  OE1  doub N N 106 
GLN CD  NE2  sing N N 107 
GLN NE2 HE21 sing N N 108 
GLN NE2 HE22 sing N N 109 
GLN OXT HXT  sing N N 110 
GLU N   CA   sing N N 111 
GLU N   H    sing N N 112 
GLU N   H2   sing N N 113 
GLU CA  C    sing N N 114 
GLU CA  CB   sing N N 115 
GLU CA  HA   sing N N 116 
GLU C   O    doub N N 117 
GLU C   OXT  sing N N 118 
GLU CB  CG   sing N N 119 
GLU CB  HB2  sing N N 120 
GLU CB  HB3  sing N N 121 
GLU CG  CD   sing N N 122 
GLU CG  HG2  sing N N 123 
GLU CG  HG3  sing N N 124 
GLU CD  OE1  doub N N 125 
GLU CD  OE2  sing N N 126 
GLU OE2 HE2  sing N N 127 
GLU OXT HXT  sing N N 128 
GLY N   CA   sing N N 129 
GLY N   H    sing N N 130 
GLY N   H2   sing N N 131 
GLY CA  C    sing N N 132 
GLY CA  HA2  sing N N 133 
GLY CA  HA3  sing N N 134 
GLY C   O    doub N N 135 
GLY C   OXT  sing N N 136 
GLY OXT HXT  sing N N 137 
HOH O   H1   sing N N 138 
HOH O   H2   sing N N 139 
ILE N   CA   sing N N 140 
ILE N   H    sing N N 141 
ILE N   H2   sing N N 142 
ILE CA  C    sing N N 143 
ILE CA  CB   sing N N 144 
ILE CA  HA   sing N N 145 
ILE C   O    doub N N 146 
ILE C   OXT  sing N N 147 
ILE CB  CG1  sing N N 148 
ILE CB  CG2  sing N N 149 
ILE CB  HB   sing N N 150 
ILE CG1 CD1  sing N N 151 
ILE CG1 HG12 sing N N 152 
ILE CG1 HG13 sing N N 153 
ILE CG2 HG21 sing N N 154 
ILE CG2 HG22 sing N N 155 
ILE CG2 HG23 sing N N 156 
ILE CD1 HD11 sing N N 157 
ILE CD1 HD12 sing N N 158 
ILE CD1 HD13 sing N N 159 
ILE OXT HXT  sing N N 160 
LEU N   CA   sing N N 161 
LEU N   H    sing N N 162 
LEU N   H2   sing N N 163 
LEU CA  C    sing N N 164 
LEU CA  CB   sing N N 165 
LEU CA  HA   sing N N 166 
LEU C   O    doub N N 167 
LEU C   OXT  sing N N 168 
LEU CB  CG   sing N N 169 
LEU CB  HB2  sing N N 170 
LEU CB  HB3  sing N N 171 
LEU CG  CD1  sing N N 172 
LEU CG  CD2  sing N N 173 
LEU CG  HG   sing N N 174 
LEU CD1 HD11 sing N N 175 
LEU CD1 HD12 sing N N 176 
LEU CD1 HD13 sing N N 177 
LEU CD2 HD21 sing N N 178 
LEU CD2 HD22 sing N N 179 
LEU CD2 HD23 sing N N 180 
LEU OXT HXT  sing N N 181 
LYS N   CA   sing N N 182 
LYS N   H    sing N N 183 
LYS N   H2   sing N N 184 
LYS CA  C    sing N N 185 
LYS CA  CB   sing N N 186 
LYS CA  HA   sing N N 187 
LYS C   O    doub N N 188 
LYS C   OXT  sing N N 189 
LYS CB  CG   sing N N 190 
LYS CB  HB2  sing N N 191 
LYS CB  HB3  sing N N 192 
LYS CG  CD   sing N N 193 
LYS CG  HG2  sing N N 194 
LYS CG  HG3  sing N N 195 
LYS CD  CE   sing N N 196 
LYS CD  HD2  sing N N 197 
LYS CD  HD3  sing N N 198 
LYS CE  NZ   sing N N 199 
LYS CE  HE2  sing N N 200 
LYS CE  HE3  sing N N 201 
LYS NZ  HZ1  sing N N 202 
LYS NZ  HZ2  sing N N 203 
LYS NZ  HZ3  sing N N 204 
LYS OXT HXT  sing N N 205 
MET N   CA   sing N N 206 
MET N   H    sing N N 207 
MET N   H2   sing N N 208 
MET CA  C    sing N N 209 
MET CA  CB   sing N N 210 
MET CA  HA   sing N N 211 
MET C   O    doub N N 212 
MET C   OXT  sing N N 213 
MET CB  CG   sing N N 214 
MET CB  HB2  sing N N 215 
MET CB  HB3  sing N N 216 
MET CG  SD   sing N N 217 
MET CG  HG2  sing N N 218 
MET CG  HG3  sing N N 219 
MET SD  CE   sing N N 220 
MET CE  HE1  sing N N 221 
MET CE  HE2  sing N N 222 
MET CE  HE3  sing N N 223 
MET OXT HXT  sing N N 224 
PHE N   CA   sing N N 225 
PHE N   H    sing N N 226 
PHE N   H2   sing N N 227 
PHE CA  C    sing N N 228 
PHE CA  CB   sing N N 229 
PHE CA  HA   sing N N 230 
PHE C   O    doub N N 231 
PHE C   OXT  sing N N 232 
PHE CB  CG   sing N N 233 
PHE CB  HB2  sing N N 234 
PHE CB  HB3  sing N N 235 
PHE CG  CD1  doub Y N 236 
PHE CG  CD2  sing Y N 237 
PHE CD1 CE1  sing Y N 238 
PHE CD1 HD1  sing N N 239 
PHE CD2 CE2  doub Y N 240 
PHE CD2 HD2  sing N N 241 
PHE CE1 CZ   doub Y N 242 
PHE CE1 HE1  sing N N 243 
PHE CE2 CZ   sing Y N 244 
PHE CE2 HE2  sing N N 245 
PHE CZ  HZ   sing N N 246 
PHE OXT HXT  sing N N 247 
PRO N   CA   sing N N 248 
PRO N   CD   sing N N 249 
PRO N   H    sing N N 250 
PRO CA  C    sing N N 251 
PRO CA  CB   sing N N 252 
PRO CA  HA   sing N N 253 
PRO C   O    doub N N 254 
PRO C   OXT  sing N N 255 
PRO CB  CG   sing N N 256 
PRO CB  HB2  sing N N 257 
PRO CB  HB3  sing N N 258 
PRO CG  CD   sing N N 259 
PRO CG  HG2  sing N N 260 
PRO CG  HG3  sing N N 261 
PRO CD  HD2  sing N N 262 
PRO CD  HD3  sing N N 263 
PRO OXT HXT  sing N N 264 
SER N   CA   sing N N 265 
SER N   H    sing N N 266 
SER N   H2   sing N N 267 
SER CA  C    sing N N 268 
SER CA  CB   sing N N 269 
SER CA  HA   sing N N 270 
SER C   O    doub N N 271 
SER C   OXT  sing N N 272 
SER CB  OG   sing N N 273 
SER CB  HB2  sing N N 274 
SER CB  HB3  sing N N 275 
SER OG  HG   sing N N 276 
SER OXT HXT  sing N N 277 
THR N   CA   sing N N 278 
THR N   H    sing N N 279 
THR N   H2   sing N N 280 
THR CA  C    sing N N 281 
THR CA  CB   sing N N 282 
THR CA  HA   sing N N 283 
THR C   O    doub N N 284 
THR C   OXT  sing N N 285 
THR CB  OG1  sing N N 286 
THR CB  CG2  sing N N 287 
THR CB  HB   sing N N 288 
THR OG1 HG1  sing N N 289 
THR CG2 HG21 sing N N 290 
THR CG2 HG22 sing N N 291 
THR CG2 HG23 sing N N 292 
THR OXT HXT  sing N N 293 
TRP N   CA   sing N N 294 
TRP N   H    sing N N 295 
TRP N   H2   sing N N 296 
TRP CA  C    sing N N 297 
TRP CA  CB   sing N N 298 
TRP CA  HA   sing N N 299 
TRP C   O    doub N N 300 
TRP C   OXT  sing N N 301 
TRP CB  CG   sing N N 302 
TRP CB  HB2  sing N N 303 
TRP CB  HB3  sing N N 304 
TRP CG  CD1  doub Y N 305 
TRP CG  CD2  sing Y N 306 
TRP CD1 NE1  sing Y N 307 
TRP CD1 HD1  sing N N 308 
TRP CD2 CE2  doub Y N 309 
TRP CD2 CE3  sing Y N 310 
TRP NE1 CE2  sing Y N 311 
TRP NE1 HE1  sing N N 312 
TRP CE2 CZ2  sing Y N 313 
TRP CE3 CZ3  doub Y N 314 
TRP CE3 HE3  sing N N 315 
TRP CZ2 CH2  doub Y N 316 
TRP CZ2 HZ2  sing N N 317 
TRP CZ3 CH2  sing Y N 318 
TRP CZ3 HZ3  sing N N 319 
TRP CH2 HH2  sing N N 320 
TRP OXT HXT  sing N N 321 
TYR N   CA   sing N N 322 
TYR N   H    sing N N 323 
TYR N   H2   sing N N 324 
TYR CA  C    sing N N 325 
TYR CA  CB   sing N N 326 
TYR CA  HA   sing N N 327 
TYR C   O    doub N N 328 
TYR C   OXT  sing N N 329 
TYR CB  CG   sing N N 330 
TYR CB  HB2  sing N N 331 
TYR CB  HB3  sing N N 332 
TYR CG  CD1  doub Y N 333 
TYR CG  CD2  sing Y N 334 
TYR CD1 CE1  sing Y N 335 
TYR CD1 HD1  sing N N 336 
TYR CD2 CE2  doub Y N 337 
TYR CD2 HD2  sing N N 338 
TYR CE1 CZ   doub Y N 339 
TYR CE1 HE1  sing N N 340 
TYR CE2 CZ   sing Y N 341 
TYR CE2 HE2  sing N N 342 
TYR CZ  OH   sing N N 343 
TYR OH  HH   sing N N 344 
TYR OXT HXT  sing N N 345 
VAL N   CA   sing N N 346 
VAL N   H    sing N N 347 
VAL N   H2   sing N N 348 
VAL CA  C    sing N N 349 
VAL CA  CB   sing N N 350 
VAL CA  HA   sing N N 351 
VAL C   O    doub N N 352 
VAL C   OXT  sing N N 353 
VAL CB  CG1  sing N N 354 
VAL CB  CG2  sing N N 355 
VAL CB  HB   sing N N 356 
VAL CG1 HG11 sing N N 357 
VAL CG1 HG12 sing N N 358 
VAL CG1 HG13 sing N N 359 
VAL CG2 HG21 sing N N 360 
VAL CG2 HG22 sing N N 361 
VAL CG2 HG23 sing N N 362 
VAL OXT HXT  sing N N 363 
XZ8 N11 C12  sing N N 364 
XZ8 N11 N10  sing N N 365 
XZ8 O13 C12  doub N N 366 
XZ8 C12 C07  sing N N 367 
XZ8 C01 C02  sing N N 368 
XZ8 N10 C08  sing N N 369 
XZ8 C05 C06  doub Y N 370 
XZ8 C05 N04  sing Y N 371 
XZ8 C07 C08  doub N N 372 
XZ8 C07 C06  sing N N 373 
XZ8 C08 C09  sing N N 374 
XZ8 C02 N04  sing N N 375 
XZ8 C02 O03  doub N N 376 
XZ8 C06 C14  sing Y N 377 
XZ8 N04 C19  sing Y N 378 
XZ8 C14 C19  doub Y N 379 
XZ8 C14 C15  sing Y N 380 
XZ8 C19 C18  sing Y N 381 
XZ8 C15 C16  doub Y N 382 
XZ8 C18 C17  doub Y N 383 
XZ8 C16 C17  sing Y N 384 
XZ8 C01 H1   sing N N 385 
XZ8 C01 H2   sing N N 386 
XZ8 C01 H3   sing N N 387 
XZ8 C05 H4   sing N N 388 
XZ8 C09 H6   sing N N 389 
XZ8 C09 H7   sing N N 390 
XZ8 C09 H8   sing N N 391 
XZ8 N11 H9   sing N N 392 
XZ8 C15 H10  sing N N 393 
XZ8 C16 H11  sing N N 394 
XZ8 C17 H12  sing N N 395 
XZ8 C18 H13  sing N N 396 
XZ8 N10 H5   sing N N 397 
# 
loop_
_pdbx_entity_nonpoly.entity_id 
_pdbx_entity_nonpoly.name 
_pdbx_entity_nonpoly.comp_id 
2 1,2-ETHANEDIOL                                                     EDO 
3 '4-(1-acetyl-1H-indol-3-yl)-5-methyl-1,2-dihydro-3H-pyrazol-3-one' XZ8 
4 water                                                              HOH 
# 
_pdbx_initial_refinement_model.id               1 
_pdbx_initial_refinement_model.entity_id_list   ? 
_pdbx_initial_refinement_model.type             'experimental model' 
_pdbx_initial_refinement_model.source_name      PDB 
_pdbx_initial_refinement_model.accession_code   4NR5 
_pdbx_initial_refinement_model.details          ? 
# 
